data_6USJ
#
_entry.id   6USJ
#
_cell.length_a   1.00
_cell.length_b   1.00
_cell.length_c   1.00
_cell.angle_alpha   90.00
_cell.angle_beta   90.00
_cell.angle_gamma   90.00
#
_symmetry.space_group_name_H-M   'P 1'
#
loop_
_entity.id
_entity.type
_entity.pdbx_description
1 polymer 'Widom 601 DNA (160-MER)'
2 polymer 'Widom 601 DNA (160-MER)'
3 polymer 'Histone H3.1'
4 polymer 'Histone H4'
5 polymer 'Histone H2A'
6 polymer 'Histone H2B type 1-J'
7 polymer 'Poly [ADP-ribose] polymerase 2'
#
loop_
_entity_poly.entity_id
_entity_poly.type
_entity_poly.pdbx_seq_one_letter_code
_entity_poly.pdbx_strand_id
1 'polydeoxyribonucleotide'
;(DA)(DT)(DC)(DC)(DA)(DC)(DA)(DA)(DG)(DG)(DC)(DC)(DT)(DG)(DG)(DA)(DT)(DG)(DT)(DA)
(DT)(DA)(DT)(DA)(DT)(DC)(DT)(DG)(DA)(DC)(DA)(DC)(DG)(DT)(DG)(DC)(DC)(DT)(DG)(DG)
(DA)(DG)(DA)(DC)(DT)(DA)(DG)(DG)(DG)(DA)(DG)(DT)(DA)(DA)(DT)(DC)(DC)(DC)(DC)(DT)
(DT)(DG)(DG)(DC)(DG)(DG)(DT)(DT)(DA)(DA)(DA)(DA)(DC)(DG)(DC)(DG)(DG)(DG)(DG)(DG)
(DA)(DC)(DA)(DG)(DC)(DG)(DC)(DG)(DT)(DA)(DC)(DG)(DT)(DG)(DC)(DG)(DT)(DT)(DT)(DA)
(DA)(DG)(DC)(DG)(DG)(DT)(DG)(DC)(DT)(DA)(DG)(DA)(DG)(DC)(DT)(DG)(DT)(DC)(DT)(DA)
(DC)(DG)(DA)(DC)(DC)(DA)(DA)(DT)(DT)(DG)(DA)(DG)(DC)(DG)(DG)(DC)(DC)(DT)(DC)(DG)
(DG)(DC)(DA)(DC)(DC)(DG)(DG)(DA)(DT)(DT)(DC)(DT)(DC)(DA)(DG)(DG)(DC)(DC)(DT)(DG)
(DG)(DC)(DG)(DA)(DT)
;
I,S
2 'polydeoxyribonucleotide'
;(DA)(DT)(DC)(DG)(DC)(DC)(DA)(DG)(DG)(DC)(DC)(DT)(DG)(DA)(DG)(DA)(DA)(DT)(DC)(DC)
(DG)(DG)(DT)(DG)(DC)(DC)(DG)(DA)(DG)(DG)(DC)(DC)(DG)(DC)(DT)(DC)(DA)(DA)(DT)(DT)
(DG)(DG)(DT)(DC)(DG)(DT)(DA)(DG)(DA)(DC)(DA)(DG)(DC)(DT)(DC)(DT)(DA)(DG)(DC)(DA)
(DC)(DC)(DG)(DC)(DT)(DT)(DA)(DA)(DA)(DC)(DG)(DC)(DA)(DC)(DG)(DT)(DA)(DC)(DG)(DC)
(DG)(DC)(DT)(DG)(DT)(DC)(DC)(DC)(DC)(DC)(DG)(DC)(DG)(DT)(DT)(DT)(DT)(DA)(DA)(DC)
(DC)(DG)(DC)(DC)(DA)(DA)(DG)(DG)(DG)(DG)(DA)(DT)(DT)(DA)(DC)(DT)(DC)(DC)(DC)(DT)
(DA)(DG)(DT)(DC)(DT)(DC)(DC)(DA)(DG)(DG)(DC)(DA)(DC)(DG)(DT)(DG)(DT)(DC)(DA)(DG)
(DA)(DT)(DA)(DT)(DA)(DT)(DA)(DC)(DA)(DT)(DC)(DC)(DA)(DG)(DG)(DC)(DC)(DT)(DT)(DG)
(DT)(DG)(DG)(DA)(DT)
;
J,T
3 'polypeptide(L)'
;GSHMARTKQTARKSTGGKAPRKQLATKAARKSAPATGGVKKPHRYRPGTVALREIRRYQKSTELLIRKLPFQRLVREIAQ
DFKTDLRFQSSAVMALQEACEAYLVGLFEDTNLCAIHAKRVTIMPKDIQLARRIRGERA
;
A,E,K,O
4 'polypeptide(L)'
;GSHMSGRGKGGKGLGKGGAKRHRKVLRDNIQGITKPAIRRLARRGGVKRISGLIYEETRGVLKVFLENVIRDAVTYTEHA
KRKTVTAMDVVYALKRQGRTLYGFGG
;
B,F,L,P
5 'polypeptide(L)'
;GSHMSGRGKQGGKARAKAKTRSSRAGLQFPVGRVHRLLRKGNYSERVGAGAPVYLAAVLEYLTAEILELAGNAARDNKKT
RIIPRHLQLAIRNDEELNKLLGRVTIAQGGVLPNIQAVLLPKKTESHHKAKGK
;
C,G,M,Q
6 'polypeptide(L)'
;GSHMPEPAKSAPAPKKGSKKAVTKAQKKDGKKRKRSRKESYSIYVYKVLKQVHPDTGISSKAMGIMNSFVNDIFERIAGE
ASRLAHYNKRSTITSREIQTAVRLLLPGELAKHAVSEGTKAVTKYTSAK
;
D,H,N,R
7 'polypeptide(L)'
;MGSSHHHHHHSSGLVPRGSHMAARRRRSTGGGRARALNESKRVNNGNTAPEDSSPAKKTRRCQRQESKKMPVAGGKANKD
RTEDKQDESVKALLLKGKAPVDPECTAKVGKAHVYCEGNDVYDVMLNQTNLRDNNNKYYLIQLLEDDAQRNFSVWMRWGR
VGKMGQHSLVACSGNLNKAKEIFQKKFLDKTKNNWEDREKFEKVPGKYDMLQMDYATNTQDEEETKKEESLKSPLKPESQ
LDLRVQELIKLICNVQAMEEMMMEMKYNTKKAPLGKLTVAQIKAGYQSLKKIEDCIRAGQHGRALMEACNEFYTRIPHDF
GLRTPPLIRTQKELSEKIQLLEALGDIEIAIKLVKTELQSPEHPLDQHYRNLHCALRPLDHESYEFKVISQYLQSTHAPT
HSDYTMTLLDLFEVEKDGEKEAFREDLHNRMLLWHGSRMSNWVGILSHGLRIAPPEAPITGYMFGKGIYFADMSSKSANY
CFASRLKNTGLLLLSEVALGQCNELLEANPKAEGLLQGKHSTKGLGKMAPSSAHFVTLNGSTVPLGPASDTGILNPDGYT
LNYNEYIVYNPNQVRMRYLLKVQFNFLQLW
;
U,V
#
loop_
_chem_comp.id
_chem_comp.type
_chem_comp.name
_chem_comp.formula
DA DNA linking 2'-DEOXYADENOSINE-5'-MONOPHOSPHATE 'C10 H14 N5 O6 P'
DC DNA linking 2'-DEOXYCYTIDINE-5'-MONOPHOSPHATE 'C9 H14 N3 O7 P'
DG DNA linking 2'-DEOXYGUANOSINE-5'-MONOPHOSPHATE 'C10 H14 N5 O7 P'
DT DNA linking THYMIDINE-5'-MONOPHOSPHATE 'C10 H15 N2 O8 P'
#
# COMPACT_ATOMS: atom_id res chain seq x y z
N PRO C 42 14.69 -27.82 -24.56
CA PRO C 42 13.69 -27.33 -25.55
C PRO C 42 14.14 -26.04 -26.26
N HIS C 43 13.51 -25.71 -27.39
CA HIS C 43 13.80 -24.49 -28.17
C HIS C 43 13.44 -23.20 -27.41
N ARG C 44 14.28 -22.16 -27.55
CA ARG C 44 14.01 -20.77 -27.17
C ARG C 44 14.80 -19.81 -28.05
N TYR C 45 14.12 -18.91 -28.74
CA TYR C 45 14.77 -17.84 -29.52
C TYR C 45 15.59 -16.90 -28.61
N ARG C 46 16.78 -16.50 -29.05
CA ARG C 46 17.64 -15.57 -28.31
C ARG C 46 17.02 -14.16 -28.21
N PRO C 47 17.34 -13.38 -27.15
CA PRO C 47 16.86 -12.00 -27.02
C PRO C 47 17.17 -11.15 -28.27
N GLY C 48 16.14 -10.51 -28.80
CA GLY C 48 16.18 -9.71 -30.02
C GLY C 48 15.89 -10.47 -31.33
N THR C 49 15.95 -11.80 -31.35
CA THR C 49 15.67 -12.60 -32.56
C THR C 49 14.18 -12.56 -32.93
N VAL C 50 13.28 -12.71 -31.95
CA VAL C 50 11.83 -12.55 -32.16
C VAL C 50 11.47 -11.08 -32.30
N ALA C 51 12.19 -10.17 -31.65
CA ALA C 51 11.98 -8.72 -31.82
C ALA C 51 12.12 -8.28 -33.29
N LEU C 52 13.16 -8.75 -33.99
CA LEU C 52 13.33 -8.51 -35.44
C LEU C 52 12.19 -9.15 -36.26
N ARG C 53 11.76 -10.37 -35.91
CA ARG C 53 10.62 -11.05 -36.56
C ARG C 53 9.29 -10.29 -36.37
N GLU C 54 9.07 -9.73 -35.18
CA GLU C 54 7.93 -8.85 -34.86
C GLU C 54 8.00 -7.51 -35.62
N ILE C 55 9.18 -6.88 -35.72
CA ILE C 55 9.35 -5.68 -36.56
C ILE C 55 8.98 -5.98 -38.02
N ARG C 56 9.52 -7.08 -38.58
CA ARG C 56 9.21 -7.52 -39.96
C ARG C 56 7.71 -7.77 -40.14
N ARG C 57 7.06 -8.49 -39.21
CA ARG C 57 5.61 -8.74 -39.18
C ARG C 57 4.80 -7.44 -39.21
N TYR C 58 4.98 -6.58 -38.20
CA TYR C 58 4.13 -5.40 -38.04
C TYR C 58 4.43 -4.26 -39.02
N GLN C 59 5.61 -4.23 -39.66
CA GLN C 59 5.87 -3.35 -40.82
C GLN C 59 5.30 -3.90 -42.14
N LYS C 60 5.16 -5.22 -42.30
CA LYS C 60 4.53 -5.86 -43.47
C LYS C 60 3.01 -5.73 -43.44
N SER C 61 2.39 -5.94 -42.28
CA SER C 61 0.95 -5.73 -42.04
C SER C 61 0.59 -4.23 -41.91
N THR C 62 -0.71 -3.89 -42.01
CA THR C 62 -1.20 -2.49 -41.94
C THR C 62 -2.47 -2.29 -41.10
N GLU C 63 -2.85 -3.27 -40.28
CA GLU C 63 -4.02 -3.23 -39.39
C GLU C 63 -3.83 -2.23 -38.22
N LEU C 64 -4.95 -1.82 -37.58
CA LEU C 64 -4.89 -1.09 -36.31
C LEU C 64 -4.50 -2.03 -35.15
N LEU C 65 -3.62 -1.56 -34.28
CA LEU C 65 -2.88 -2.35 -33.28
C LEU C 65 -3.41 -2.20 -31.84
N ILE C 66 -4.11 -1.10 -31.53
CA ILE C 66 -4.79 -0.89 -30.23
C ILE C 66 -6.17 -1.57 -30.24
N ARG C 67 -6.56 -2.15 -29.10
CA ARG C 67 -7.93 -2.70 -28.86
C ARG C 67 -8.99 -1.62 -29.10
N LYS C 68 -9.98 -1.90 -29.97
CA LYS C 68 -10.96 -0.90 -30.47
C LYS C 68 -11.82 -0.30 -29.35
N LEU C 69 -12.39 -1.15 -28.50
CA LEU C 69 -13.34 -0.79 -27.45
C LEU C 69 -12.73 0.09 -26.33
N PRO C 70 -11.59 -0.23 -25.70
CA PRO C 70 -10.98 0.67 -24.72
C PRO C 70 -10.43 1.96 -25.35
N PHE C 71 -10.01 1.95 -26.62
CA PHE C 71 -9.70 3.19 -27.35
C PHE C 71 -10.96 4.08 -27.49
N GLN C 72 -12.09 3.51 -27.89
CA GLN C 72 -13.39 4.21 -27.93
C GLN C 72 -13.79 4.76 -26.55
N ARG C 73 -13.63 3.95 -25.49
CA ARG C 73 -13.89 4.32 -24.08
C ARG C 73 -13.05 5.54 -23.65
N LEU C 74 -11.77 5.57 -24.03
CA LEU C 74 -10.87 6.70 -23.83
C LEU C 74 -11.27 7.95 -24.64
N VAL C 75 -11.67 7.79 -25.91
CA VAL C 75 -12.18 8.88 -26.75
C VAL C 75 -13.40 9.56 -26.11
N ARG C 76 -14.38 8.76 -25.63
CA ARG C 76 -15.56 9.26 -24.91
C ARG C 76 -15.19 10.01 -23.63
N GLU C 77 -14.31 9.44 -22.81
CA GLU C 77 -13.82 10.06 -21.57
C GLU C 77 -13.16 11.42 -21.82
N ILE C 78 -12.29 11.52 -22.83
CA ILE C 78 -11.61 12.77 -23.21
C ILE C 78 -12.62 13.80 -23.75
N ALA C 79 -13.52 13.40 -24.64
CA ALA C 79 -14.50 14.30 -25.25
C ALA C 79 -15.49 14.92 -24.22
N GLN C 80 -15.93 14.13 -23.24
CA GLN C 80 -16.85 14.55 -22.17
C GLN C 80 -16.33 15.77 -21.38
N ASP C 81 -15.01 15.93 -21.23
CA ASP C 81 -14.40 17.09 -20.57
C ASP C 81 -14.50 18.40 -21.39
N PHE C 82 -14.52 18.32 -22.72
CA PHE C 82 -14.68 19.49 -23.60
C PHE C 82 -16.14 19.91 -23.78
N LYS C 83 -17.06 18.94 -23.90
CA LYS C 83 -18.52 19.18 -23.92
C LYS C 83 -19.29 17.94 -23.41
N THR C 84 -20.32 18.17 -22.61
CA THR C 84 -21.22 17.12 -22.09
C THR C 84 -22.20 16.61 -23.17
N ASP C 85 -22.75 15.40 -22.96
CA ASP C 85 -23.84 14.82 -23.76
C ASP C 85 -23.53 14.64 -25.27
N LEU C 86 -22.26 14.42 -25.62
CA LEU C 86 -21.81 14.12 -26.98
C LEU C 86 -22.17 12.68 -27.43
N ARG C 87 -22.15 12.48 -28.76
CA ARG C 87 -22.14 11.16 -29.43
C ARG C 87 -20.97 11.08 -30.41
N PHE C 88 -20.56 9.88 -30.81
CA PHE C 88 -19.46 9.65 -31.78
C PHE C 88 -19.85 8.64 -32.87
N GLN C 89 -19.68 9.04 -34.14
CA GLN C 89 -19.72 8.07 -35.25
C GLN C 89 -18.56 7.08 -35.13
N SER C 90 -18.78 5.82 -35.52
CA SER C 90 -17.72 4.80 -35.56
C SER C 90 -16.56 5.23 -36.49
N SER C 91 -16.89 5.88 -37.61
CA SER C 91 -15.92 6.49 -38.53
C SER C 91 -15.05 7.58 -37.86
N ALA C 92 -15.61 8.39 -36.96
CA ALA C 92 -14.85 9.38 -36.19
C ALA C 92 -13.84 8.72 -35.24
N VAL C 93 -14.24 7.65 -34.55
CA VAL C 93 -13.37 6.88 -33.66
C VAL C 93 -12.25 6.19 -34.45
N MET C 94 -12.54 5.62 -35.61
CA MET C 94 -11.51 5.03 -36.49
C MET C 94 -10.58 6.09 -37.10
N ALA C 95 -11.10 7.27 -37.48
CA ALA C 95 -10.27 8.38 -37.93
C ALA C 95 -9.29 8.86 -36.85
N LEU C 96 -9.75 8.94 -35.59
CA LEU C 96 -8.88 9.18 -34.43
C LEU C 96 -7.84 8.06 -34.28
N GLN C 97 -8.24 6.79 -34.30
CA GLN C 97 -7.31 5.68 -34.08
C GLN C 97 -6.23 5.59 -35.18
N GLU C 98 -6.58 5.78 -36.45
CA GLU C 98 -5.62 5.87 -37.57
C GLU C 98 -4.60 6.99 -37.35
N ALA C 99 -5.05 8.19 -36.97
CA ALA C 99 -4.17 9.33 -36.70
C ALA C 99 -3.27 9.10 -35.48
N CYS C 100 -3.82 8.64 -34.37
CA CYS C 100 -3.08 8.36 -33.13
C CYS C 100 -2.01 7.28 -33.32
N GLU C 101 -2.35 6.16 -33.96
CA GLU C 101 -1.38 5.09 -34.21
C GLU C 101 -0.28 5.52 -35.19
N ALA C 102 -0.62 6.25 -36.27
CA ALA C 102 0.39 6.79 -37.18
C ALA C 102 1.34 7.80 -36.50
N TYR C 103 0.79 8.69 -35.65
CA TYR C 103 1.55 9.63 -34.82
C TYR C 103 2.51 8.90 -33.87
N LEU C 104 2.03 7.89 -33.14
CA LEU C 104 2.87 7.08 -32.25
C LEU C 104 3.94 6.28 -33.01
N VAL C 105 3.62 5.67 -34.15
CA VAL C 105 4.60 4.95 -34.98
C VAL C 105 5.72 5.87 -35.47
N GLY C 106 5.39 7.06 -36.00
CA GLY C 106 6.39 8.05 -36.41
C GLY C 106 7.22 8.57 -35.24
N LEU C 107 6.60 8.75 -34.06
CA LEU C 107 7.31 9.10 -32.83
C LEU C 107 8.25 7.96 -32.37
N PHE C 108 7.85 6.70 -32.49
CA PHE C 108 8.73 5.56 -32.22
C PHE C 108 9.90 5.48 -33.20
N GLU C 109 9.72 5.79 -34.49
CA GLU C 109 10.85 5.89 -35.44
C GLU C 109 11.85 6.99 -35.02
N ASP C 110 11.38 8.19 -34.68
CA ASP C 110 12.24 9.27 -34.16
C ASP C 110 12.94 8.86 -32.84
N THR C 111 12.21 8.23 -31.93
CA THR C 111 12.70 7.72 -30.65
C THR C 111 13.78 6.64 -30.83
N ASN C 112 13.62 5.76 -31.83
CA ASN C 112 14.60 4.74 -32.20
C ASN C 112 15.91 5.38 -32.68
N LEU C 113 15.83 6.44 -33.50
CA LEU C 113 16.99 7.23 -33.92
C LEU C 113 17.67 7.92 -32.73
N CYS C 114 16.92 8.51 -31.80
CA CYS C 114 17.46 9.08 -30.55
C CYS C 114 18.26 8.03 -29.73
N ALA C 115 17.72 6.82 -29.56
CA ALA C 115 18.39 5.75 -28.82
C ALA C 115 19.69 5.29 -29.54
N ILE C 116 19.62 5.06 -30.85
CA ILE C 116 20.76 4.62 -31.67
C ILE C 116 21.87 5.69 -31.71
N HIS C 117 21.53 6.98 -31.73
CA HIS C 117 22.50 8.09 -31.63
C HIS C 117 23.25 8.08 -30.29
N ALA C 118 22.58 7.70 -29.20
CA ALA C 118 23.17 7.42 -27.88
C ALA C 118 23.80 6.00 -27.77
N LYS C 119 23.99 5.28 -28.90
CA LYS C 119 24.53 3.91 -29.02
C LYS C 119 23.71 2.80 -28.31
N ARG C 120 22.49 3.11 -27.87
CA ARG C 120 21.54 2.15 -27.27
C ARG C 120 20.66 1.48 -28.33
N VAL C 121 20.16 0.28 -28.01
CA VAL C 121 19.07 -0.38 -28.75
C VAL C 121 17.73 -0.31 -27.98
N THR C 122 17.80 -0.02 -26.68
CA THR C 122 16.67 0.17 -25.77
C THR C 122 16.17 1.60 -25.83
N ILE C 123 14.94 1.83 -26.30
CA ILE C 123 14.30 3.15 -26.19
C ILE C 123 13.87 3.42 -24.74
N MET C 124 13.97 4.69 -24.33
CA MET C 124 13.62 5.20 -22.99
C MET C 124 12.89 6.55 -23.10
N PRO C 125 12.18 7.04 -22.07
CA PRO C 125 11.45 8.32 -22.12
C PRO C 125 12.30 9.53 -22.56
N LYS C 126 13.59 9.56 -22.19
CA LYS C 126 14.56 10.56 -22.68
C LYS C 126 14.68 10.64 -24.21
N ASP C 127 14.53 9.51 -24.92
CA ASP C 127 14.49 9.46 -26.38
C ASP C 127 13.20 10.06 -26.97
N ILE C 128 12.06 9.78 -26.35
CA ILE C 128 10.75 10.39 -26.71
C ILE C 128 10.81 11.90 -26.49
N GLN C 129 11.35 12.33 -25.35
CA GLN C 129 11.47 13.74 -24.98
C GLN C 129 12.38 14.50 -25.95
N LEU C 130 13.53 13.94 -26.36
CA LEU C 130 14.38 14.54 -27.40
C LEU C 130 13.63 14.68 -28.74
N ALA C 131 12.89 13.65 -29.15
CA ALA C 131 12.08 13.69 -30.38
C ALA C 131 11.02 14.80 -30.33
N ARG C 132 10.17 14.83 -29.30
CA ARG C 132 9.10 15.84 -29.16
C ARG C 132 9.64 17.27 -29.00
N ARG C 133 10.77 17.44 -28.30
CA ARG C 133 11.43 18.75 -28.10
C ARG C 133 12.03 19.31 -29.40
N ILE C 134 12.68 18.48 -30.22
CA ILE C 134 13.21 18.89 -31.54
C ILE C 134 12.09 19.09 -32.58
N ARG C 135 11.02 18.28 -32.54
CA ARG C 135 9.78 18.52 -33.30
C ARG C 135 9.13 19.87 -32.93
N GLY C 136 9.22 20.26 -31.66
CA GLY C 136 8.62 21.48 -31.12
C GLY C 136 7.13 21.33 -30.76
N GLU C 137 6.70 20.14 -30.31
CA GLU C 137 5.31 19.85 -29.90
C GLU C 137 4.85 20.65 -28.67
N ASN D 29 -9.72 5.73 -17.65
CA ASN D 29 -9.56 4.50 -18.52
C ASN D 29 -8.24 4.39 -19.32
N ILE D 30 -7.27 5.32 -19.26
CA ILE D 30 -6.05 5.30 -20.12
C ILE D 30 -5.20 4.01 -20.01
N GLN D 31 -5.22 3.32 -18.88
CA GLN D 31 -4.55 2.01 -18.70
C GLN D 31 -5.12 0.90 -19.59
N GLY D 32 -6.34 1.06 -20.13
CA GLY D 32 -6.94 0.15 -21.12
C GLY D 32 -6.25 0.14 -22.49
N ILE D 33 -5.38 1.13 -22.78
CA ILE D 33 -4.43 1.05 -23.90
C ILE D 33 -3.35 0.01 -23.53
N THR D 34 -3.41 -1.17 -24.16
CA THR D 34 -2.72 -2.37 -23.68
C THR D 34 -1.20 -2.29 -23.82
N LYS D 35 -0.46 -2.94 -22.92
CA LYS D 35 1.01 -3.05 -22.99
C LYS D 35 1.45 -3.67 -24.33
N PRO D 36 0.92 -4.83 -24.77
CA PRO D 36 1.25 -5.40 -26.08
C PRO D 36 0.83 -4.52 -27.27
N ALA D 37 -0.24 -3.72 -27.21
CA ALA D 37 -0.53 -2.75 -28.29
C ALA D 37 0.56 -1.68 -28.44
N ILE D 38 1.06 -1.15 -27.32
CA ILE D 38 2.19 -0.19 -27.34
C ILE D 38 3.47 -0.88 -27.86
N ARG D 39 3.72 -2.14 -27.48
CA ARG D 39 4.83 -2.93 -28.05
C ARG D 39 4.68 -3.12 -29.57
N ARG D 40 3.49 -3.49 -30.08
CA ARG D 40 3.22 -3.59 -31.54
C ARG D 40 3.49 -2.27 -32.28
N LEU D 41 3.08 -1.13 -31.72
CA LEU D 41 3.36 0.20 -32.28
C LEU D 41 4.88 0.49 -32.33
N ALA D 42 5.61 0.18 -31.26
CA ALA D 42 7.08 0.29 -31.24
C ALA D 42 7.77 -0.66 -32.24
N ARG D 43 7.27 -1.89 -32.40
CA ARG D 43 7.75 -2.85 -33.41
C ARG D 43 7.51 -2.35 -34.84
N ARG D 44 6.33 -1.79 -35.14
CA ARG D 44 6.08 -1.09 -36.43
C ARG D 44 7.04 0.11 -36.62
N GLY D 45 7.35 0.83 -35.54
CA GLY D 45 8.42 1.85 -35.49
C GLY D 45 9.87 1.33 -35.52
N GLY D 46 10.10 0.03 -35.72
CA GLY D 46 11.43 -0.57 -35.89
C GLY D 46 12.20 -0.84 -34.59
N VAL D 47 11.55 -0.79 -33.43
CA VAL D 47 12.22 -0.80 -32.11
C VAL D 47 12.56 -2.23 -31.64
N LYS D 48 13.85 -2.52 -31.43
CA LYS D 48 14.34 -3.84 -30.98
C LYS D 48 14.11 -4.09 -29.48
N ARG D 49 14.36 -3.10 -28.61
CA ARG D 49 14.20 -3.22 -27.14
C ARG D 49 13.48 -2.00 -26.57
N ILE D 50 12.54 -2.21 -25.66
CA ILE D 50 11.53 -1.24 -25.22
C ILE D 50 11.55 -1.13 -23.69
N SER D 51 11.95 0.02 -23.14
CA SER D 51 11.95 0.21 -21.67
C SER D 51 10.56 0.07 -21.05
N GLY D 52 10.49 -0.48 -19.84
CA GLY D 52 9.26 -0.59 -19.04
C GLY D 52 8.63 0.77 -18.71
N LEU D 53 9.41 1.86 -18.77
CA LEU D 53 8.94 3.23 -18.59
C LEU D 53 8.18 3.80 -19.82
N ILE D 54 8.31 3.16 -21.00
CA ILE D 54 7.71 3.64 -22.26
C ILE D 54 6.18 3.60 -22.21
N TYR D 55 5.58 2.64 -21.52
CA TYR D 55 4.11 2.45 -21.54
C TYR D 55 3.37 3.62 -20.90
N GLU D 56 3.82 4.09 -19.73
CA GLU D 56 3.24 5.25 -19.06
C GLU D 56 3.53 6.57 -19.78
N GLU D 57 4.73 6.74 -20.34
CA GLU D 57 5.08 7.91 -21.15
C GLU D 57 4.26 7.97 -22.45
N THR D 58 4.08 6.82 -23.12
CA THR D 58 3.25 6.69 -24.33
C THR D 58 1.78 6.96 -24.03
N ARG D 59 1.26 6.44 -22.91
CA ARG D 59 -0.11 6.73 -22.43
C ARG D 59 -0.35 8.23 -22.20
N GLY D 60 0.58 8.91 -21.53
CA GLY D 60 0.54 10.37 -21.34
C GLY D 60 0.56 11.15 -22.66
N VAL D 61 1.51 10.83 -23.55
CA VAL D 61 1.63 11.45 -24.88
C VAL D 61 0.40 11.21 -25.75
N LEU D 62 -0.14 9.98 -25.77
CA LEU D 62 -1.37 9.62 -26.47
C LEU D 62 -2.59 10.38 -25.93
N LYS D 63 -2.74 10.48 -24.61
CA LYS D 63 -3.82 11.25 -23.96
C LYS D 63 -3.76 12.74 -24.36
N VAL D 64 -2.57 13.35 -24.37
CA VAL D 64 -2.37 14.74 -24.83
C VAL D 64 -2.69 14.90 -26.32
N PHE D 65 -2.25 13.97 -27.19
CA PHE D 65 -2.55 14.01 -28.62
C PHE D 65 -4.07 13.88 -28.89
N LEU D 66 -4.73 12.91 -28.24
CA LEU D 66 -6.19 12.73 -28.28
C LEU D 66 -6.91 13.99 -27.82
N GLU D 67 -6.52 14.58 -26.68
CA GLU D 67 -7.08 15.84 -26.18
C GLU D 67 -6.99 16.96 -27.23
N ASN D 68 -5.83 17.16 -27.87
CA ASN D 68 -5.66 18.21 -28.87
C ASN D 68 -6.52 17.97 -30.13
N VAL D 69 -6.60 16.75 -30.66
CA VAL D 69 -7.45 16.46 -31.84
C VAL D 69 -8.94 16.54 -31.49
N ILE D 70 -9.36 15.95 -30.37
CA ILE D 70 -10.77 15.89 -29.95
C ILE D 70 -11.29 17.27 -29.55
N ARG D 71 -10.50 18.14 -28.90
CA ARG D 71 -10.92 19.52 -28.55
C ARG D 71 -11.36 20.31 -29.78
N ASP D 72 -10.61 20.22 -30.88
CA ASP D 72 -11.00 20.81 -32.15
C ASP D 72 -12.23 20.12 -32.77
N ALA D 73 -12.27 18.79 -32.82
CA ALA D 73 -13.41 18.05 -33.40
C ALA D 73 -14.74 18.36 -32.65
N VAL D 74 -14.71 18.45 -31.32
CA VAL D 74 -15.84 18.89 -30.48
C VAL D 74 -16.16 20.37 -30.75
N THR D 75 -15.17 21.22 -30.98
CA THR D 75 -15.37 22.64 -31.34
C THR D 75 -16.07 22.79 -32.71
N TYR D 76 -15.67 22.03 -33.73
CA TYR D 76 -16.39 21.96 -35.02
C TYR D 76 -17.82 21.39 -34.85
N THR D 77 -18.00 20.38 -33.99
CA THR D 77 -19.31 19.78 -33.66
C THR D 77 -20.26 20.81 -33.04
N GLU D 78 -19.79 21.57 -32.03
CA GLU D 78 -20.54 22.64 -31.38
C GLU D 78 -20.83 23.82 -32.33
N HIS D 79 -19.88 24.20 -33.19
CA HIS D 79 -20.11 25.23 -34.22
C HIS D 79 -21.28 24.85 -35.13
N ALA D 80 -21.33 23.60 -35.58
CA ALA D 80 -22.42 23.01 -36.37
C ALA D 80 -23.72 22.74 -35.59
N LYS D 81 -23.79 23.09 -34.29
CA LYS D 81 -24.92 22.86 -33.37
C LYS D 81 -25.30 21.37 -33.17
N ARG D 82 -24.40 20.44 -33.53
CA ARG D 82 -24.56 18.98 -33.35
C ARG D 82 -24.22 18.52 -31.94
N LYS D 83 -24.70 17.32 -31.56
CA LYS D 83 -24.15 16.51 -30.45
C LYS D 83 -23.20 15.42 -30.95
N THR D 84 -23.40 14.94 -32.18
CA THR D 84 -22.67 13.83 -32.78
C THR D 84 -21.41 14.32 -33.49
N VAL D 85 -20.23 13.89 -33.02
CA VAL D 85 -18.93 14.12 -33.66
C VAL D 85 -18.77 13.18 -34.86
N THR D 86 -18.42 13.74 -36.03
CA THR D 86 -18.25 13.02 -37.30
C THR D 86 -16.79 12.82 -37.67
N ALA D 87 -16.51 11.94 -38.64
CA ALA D 87 -15.17 11.82 -39.22
C ALA D 87 -14.70 13.13 -39.87
N MET D 88 -15.60 13.95 -40.43
CA MET D 88 -15.24 15.26 -40.99
C MET D 88 -14.73 16.23 -39.91
N ASP D 89 -15.34 16.27 -38.72
CA ASP D 89 -14.82 17.07 -37.60
C ASP D 89 -13.38 16.67 -37.20
N VAL D 90 -13.10 15.37 -37.18
CA VAL D 90 -11.75 14.83 -36.92
C VAL D 90 -10.78 15.17 -38.05
N VAL D 91 -11.21 15.07 -39.32
CA VAL D 91 -10.39 15.47 -40.50
C VAL D 91 -10.08 16.97 -40.48
N TYR D 92 -11.05 17.84 -40.16
CA TYR D 92 -10.81 19.28 -40.03
C TYR D 92 -9.80 19.60 -38.91
N ALA D 93 -9.95 18.96 -37.74
CA ALA D 93 -9.00 19.06 -36.63
C ALA D 93 -7.57 18.66 -37.05
N LEU D 94 -7.41 17.48 -37.66
CA LEU D 94 -6.13 16.98 -38.14
C LEU D 94 -5.52 17.84 -39.26
N LYS D 95 -6.34 18.36 -40.18
CA LYS D 95 -5.89 19.24 -41.26
C LYS D 95 -5.37 20.58 -40.73
N ARG D 96 -6.10 21.25 -39.82
CA ARG D 96 -5.63 22.52 -39.21
C ARG D 96 -4.43 22.35 -38.27
N GLN D 97 -4.28 21.18 -37.66
CA GLN D 97 -3.11 20.79 -36.84
C GLN D 97 -1.92 20.25 -37.68
N GLY D 98 -2.04 20.22 -39.01
CA GLY D 98 -0.93 19.87 -39.91
C GLY D 98 -0.58 18.39 -39.96
N ARG D 99 -1.57 17.50 -39.81
CA ARG D 99 -1.45 16.03 -39.91
C ARG D 99 -2.59 15.42 -40.73
N THR D 100 -2.89 16.03 -41.88
CA THR D 100 -4.05 15.73 -42.76
C THR D 100 -4.23 14.23 -43.02
N LEU D 101 -5.43 13.70 -42.77
CA LEU D 101 -5.75 12.26 -42.85
C LEU D 101 -6.55 11.95 -44.12
N TYR D 102 -5.98 11.14 -45.02
CA TYR D 102 -6.64 10.64 -46.23
C TYR D 102 -7.44 9.35 -45.95
N GLY D 103 -8.57 9.17 -46.66
CA GLY D 103 -9.39 7.95 -46.65
C GLY D 103 -10.80 8.10 -46.06
N PHE D 104 -11.04 9.16 -45.27
CA PHE D 104 -12.34 9.45 -44.63
C PHE D 104 -13.18 10.51 -45.39
N GLY D 105 -12.69 11.01 -46.54
CA GLY D 105 -13.39 11.94 -47.43
C GLY D 105 -14.57 11.30 -48.19
N ARG E 15 -28.62 65.05 -41.67
CA ARG E 15 -28.40 63.75 -40.98
C ARG E 15 -27.99 63.96 -39.52
N ALA E 16 -28.15 62.94 -38.67
CA ALA E 16 -27.60 62.90 -37.31
C ALA E 16 -26.05 62.86 -37.32
N LYS E 17 -25.42 63.20 -36.18
CA LYS E 17 -23.97 63.17 -36.00
C LYS E 17 -23.44 61.74 -36.11
N ALA E 18 -22.58 61.49 -37.10
CA ALA E 18 -21.97 60.18 -37.35
C ALA E 18 -21.00 59.77 -36.21
N LYS E 19 -20.93 58.46 -35.93
CA LYS E 19 -20.15 57.86 -34.83
C LYS E 19 -19.53 56.53 -35.29
N THR E 20 -18.30 56.24 -34.87
CA THR E 20 -17.61 55.00 -35.29
C THR E 20 -18.23 53.75 -34.66
N ARG E 21 -18.33 52.65 -35.42
CA ARG E 21 -18.67 51.32 -34.88
C ARG E 21 -17.64 50.85 -33.85
N SER E 22 -16.38 51.28 -34.00
CA SER E 22 -15.31 51.13 -33.00
C SER E 22 -15.69 51.72 -31.64
N SER E 23 -16.10 53.00 -31.59
CA SER E 23 -16.48 53.67 -30.34
C SER E 23 -17.81 53.16 -29.77
N ARG E 24 -18.78 52.75 -30.61
CA ARG E 24 -19.98 52.01 -30.16
C ARG E 24 -19.59 50.69 -29.46
N ALA E 25 -18.66 49.94 -30.03
CA ALA E 25 -18.09 48.71 -29.46
C ALA E 25 -17.14 48.94 -28.25
N GLY E 26 -16.74 50.18 -27.95
CA GLY E 26 -15.79 50.53 -26.88
C GLY E 26 -14.32 50.29 -27.23
N LEU E 27 -13.99 50.16 -28.53
CA LEU E 27 -12.68 49.80 -29.05
C LEU E 27 -11.85 51.01 -29.50
N GLN E 28 -10.53 50.87 -29.43
CA GLN E 28 -9.57 51.68 -30.18
C GLN E 28 -9.44 51.17 -31.63
N PHE E 29 -9.38 49.85 -31.82
CA PHE E 29 -9.14 49.21 -33.13
C PHE E 29 -10.26 49.48 -34.16
N PRO E 30 -9.91 49.62 -35.45
CA PRO E 30 -10.80 50.20 -36.46
C PRO E 30 -11.78 49.18 -37.03
N VAL E 31 -13.02 49.15 -36.54
CA VAL E 31 -14.06 48.25 -37.05
C VAL E 31 -14.33 48.47 -38.54
N GLY E 32 -14.27 49.71 -39.03
CA GLY E 32 -14.38 50.05 -40.45
C GLY E 32 -13.29 49.43 -41.33
N ARG E 33 -12.02 49.65 -41.00
CA ARG E 33 -10.87 49.09 -41.74
C ARG E 33 -10.83 47.56 -41.65
N VAL E 34 -11.11 46.98 -40.47
CA VAL E 34 -11.24 45.53 -40.26
C VAL E 34 -12.38 44.96 -41.12
N HIS E 35 -13.52 45.64 -41.21
CA HIS E 35 -14.62 45.27 -42.10
C HIS E 35 -14.21 45.34 -43.57
N ARG E 36 -13.57 46.41 -44.04
CA ARG E 36 -13.09 46.52 -45.43
C ARG E 36 -12.13 45.39 -45.80
N LEU E 37 -11.21 45.03 -44.91
CA LEU E 37 -10.30 43.90 -45.12
C LEU E 37 -11.04 42.55 -45.17
N LEU E 38 -12.12 42.36 -44.39
CA LEU E 38 -12.99 41.19 -44.55
C LEU E 38 -13.77 41.21 -45.89
N ARG E 39 -14.32 42.36 -46.31
CA ARG E 39 -15.04 42.52 -47.58
C ARG E 39 -14.14 42.23 -48.80
N LYS E 40 -12.98 42.91 -48.89
CA LYS E 40 -12.03 42.82 -50.02
C LYS E 40 -11.10 41.59 -49.98
N GLY E 41 -10.99 40.92 -48.83
CA GLY E 41 -10.28 39.64 -48.69
C GLY E 41 -11.05 38.42 -49.24
N ASN E 42 -12.32 38.61 -49.63
CA ASN E 42 -13.20 37.59 -50.24
C ASN E 42 -13.45 36.33 -49.37
N TYR E 43 -13.30 36.43 -48.04
CA TYR E 43 -13.42 35.29 -47.12
C TYR E 43 -14.81 34.63 -47.13
N SER E 44 -15.86 35.39 -47.48
CA SER E 44 -17.24 34.92 -47.62
C SER E 44 -18.07 35.90 -48.48
N GLU E 45 -19.21 35.45 -48.99
CA GLU E 45 -20.09 36.28 -49.85
C GLU E 45 -20.81 37.39 -49.06
N ARG E 46 -21.01 37.20 -47.75
CA ARG E 46 -21.57 38.16 -46.79
C ARG E 46 -20.73 38.18 -45.51
N VAL E 47 -20.69 39.30 -44.79
CA VAL E 47 -19.96 39.49 -43.53
C VAL E 47 -20.85 40.23 -42.53
N GLY E 48 -21.23 39.53 -41.45
CA GLY E 48 -22.15 40.06 -40.44
C GLY E 48 -21.56 41.18 -39.61
N ALA E 49 -22.39 42.15 -39.20
CA ALA E 49 -21.93 43.38 -38.52
C ALA E 49 -21.15 43.13 -37.21
N GLY E 50 -21.45 42.03 -36.50
CA GLY E 50 -20.71 41.60 -35.31
C GLY E 50 -19.32 41.02 -35.59
N ALA E 51 -19.06 40.48 -36.79
CA ALA E 51 -17.78 39.85 -37.14
C ALA E 51 -16.57 40.80 -37.09
N PRO E 52 -16.56 41.97 -37.75
CA PRO E 52 -15.44 42.93 -37.64
C PRO E 52 -15.34 43.55 -36.24
N VAL E 53 -16.46 43.72 -35.52
CA VAL E 53 -16.45 44.18 -34.11
C VAL E 53 -15.71 43.18 -33.22
N TYR E 54 -16.08 41.90 -33.29
CA TYR E 54 -15.45 40.83 -32.52
C TYR E 54 -13.96 40.69 -32.90
N LEU E 55 -13.64 40.68 -34.19
CA LEU E 55 -12.27 40.55 -34.69
C LEU E 55 -11.38 41.74 -34.27
N ALA E 56 -11.87 42.98 -34.38
CA ALA E 56 -11.18 44.17 -33.89
C ALA E 56 -10.92 44.07 -32.37
N ALA E 57 -11.90 43.62 -31.58
CA ALA E 57 -11.74 43.43 -30.13
C ALA E 57 -10.70 42.36 -29.77
N VAL E 58 -10.65 41.24 -30.51
CA VAL E 58 -9.65 40.19 -30.32
C VAL E 58 -8.24 40.70 -30.64
N LEU E 59 -8.06 41.39 -31.78
CA LEU E 59 -6.77 41.97 -32.16
C LEU E 59 -6.31 43.05 -31.18
N GLU E 60 -7.23 43.89 -30.69
CA GLU E 60 -6.99 44.86 -29.62
C GLU E 60 -6.55 44.19 -28.31
N TYR E 61 -7.26 43.16 -27.85
CA TYR E 61 -6.92 42.41 -26.64
C TYR E 61 -5.53 41.79 -26.74
N LEU E 62 -5.23 41.06 -27.82
CA LEU E 62 -3.93 40.43 -28.02
C LEU E 62 -2.80 41.47 -28.12
N THR E 63 -3.06 42.61 -28.75
CA THR E 63 -2.15 43.76 -28.78
C THR E 63 -1.88 44.28 -27.36
N ALA E 64 -2.92 44.46 -26.53
CA ALA E 64 -2.78 44.88 -25.14
C ALA E 64 -1.99 43.85 -24.30
N GLU E 65 -2.27 42.56 -24.46
CA GLU E 65 -1.59 41.48 -23.74
C GLU E 65 -0.08 41.45 -24.02
N ILE E 66 0.33 41.59 -25.30
CA ILE E 66 1.75 41.68 -25.68
C ILE E 66 2.38 42.98 -25.16
N LEU E 67 1.74 44.14 -25.35
CA LEU E 67 2.31 45.44 -24.94
C LEU E 67 2.40 45.61 -23.42
N GLU E 68 1.49 45.02 -22.63
CA GLU E 68 1.58 44.95 -21.17
C GLU E 68 2.88 44.26 -20.74
N LEU E 69 3.12 43.05 -21.25
CA LEU E 69 4.32 42.26 -20.96
C LEU E 69 5.60 42.91 -21.52
N ALA E 70 5.54 43.48 -22.73
CA ALA E 70 6.69 44.16 -23.36
C ALA E 70 7.07 45.45 -22.61
N GLY E 71 6.10 46.23 -22.12
CA GLY E 71 6.36 47.40 -21.29
C GLY E 71 6.98 47.02 -19.94
N ASN E 72 6.56 45.90 -19.33
CA ASN E 72 7.22 45.37 -18.13
C ASN E 72 8.68 44.93 -18.43
N ALA E 73 8.91 44.21 -19.54
CA ALA E 73 10.26 43.81 -19.96
C ALA E 73 11.16 45.03 -20.25
N ALA E 74 10.64 46.08 -20.89
CA ALA E 74 11.34 47.33 -21.13
C ALA E 74 11.73 48.04 -19.81
N ARG E 75 10.78 48.18 -18.89
CA ARG E 75 10.98 48.79 -17.56
C ARG E 75 11.99 48.01 -16.71
N ASP E 76 11.92 46.68 -16.70
CA ASP E 76 12.87 45.81 -16.01
C ASP E 76 14.30 45.94 -16.58
N ASN E 77 14.45 46.11 -17.90
CA ASN E 77 15.72 46.41 -18.57
C ASN E 77 16.04 47.92 -18.63
N LYS E 78 15.33 48.76 -17.86
CA LYS E 78 15.54 50.21 -17.68
C LYS E 78 15.49 51.06 -18.97
N LYS E 79 14.72 50.61 -19.98
CA LYS E 79 14.39 51.35 -21.21
C LYS E 79 12.94 51.86 -21.15
N THR E 80 12.71 53.14 -21.49
CA THR E 80 11.35 53.71 -21.56
C THR E 80 10.66 53.43 -22.90
N ARG E 81 11.40 52.98 -23.93
CA ARG E 81 10.88 52.59 -25.24
C ARG E 81 10.93 51.07 -25.44
N ILE E 82 9.82 50.48 -25.87
CA ILE E 82 9.73 49.08 -26.31
C ILE E 82 10.53 48.89 -27.61
N ILE E 83 11.41 47.89 -27.63
CA ILE E 83 12.20 47.43 -28.79
C ILE E 83 11.93 45.94 -29.05
N PRO E 84 12.35 45.35 -30.19
CA PRO E 84 12.02 43.96 -30.55
C PRO E 84 12.44 42.89 -29.53
N ARG E 85 13.51 43.13 -28.76
CA ARG E 85 13.91 42.28 -27.62
C ARG E 85 12.81 42.18 -26.55
N HIS E 86 12.12 43.28 -26.25
CA HIS E 86 11.01 43.31 -25.28
C HIS E 86 9.78 42.59 -25.81
N LEU E 87 9.52 42.65 -27.13
CA LEU E 87 8.47 41.85 -27.78
C LEU E 87 8.79 40.35 -27.73
N GLN E 88 10.02 39.95 -28.05
CA GLN E 88 10.46 38.55 -27.93
C GLN E 88 10.39 38.06 -26.48
N LEU E 89 10.85 38.85 -25.50
CA LEU E 89 10.73 38.53 -24.07
C LEU E 89 9.26 38.34 -23.65
N ALA E 90 8.35 39.24 -24.07
CA ALA E 90 6.92 39.12 -23.82
C ALA E 90 6.30 37.85 -24.43
N ILE E 91 6.63 37.57 -25.69
CA ILE E 91 6.09 36.42 -26.44
C ILE E 91 6.61 35.07 -25.91
N ARG E 92 7.89 34.99 -25.51
CA ARG E 92 8.54 33.71 -25.15
C ARG E 92 8.47 33.33 -23.66
N ASN E 93 8.30 34.30 -22.75
CA ASN E 93 8.08 33.98 -21.33
C ASN E 93 6.65 33.49 -21.03
N ASP E 94 5.62 34.00 -21.73
CA ASP E 94 4.26 33.47 -21.64
C ASP E 94 4.07 32.23 -22.54
N GLU E 95 3.65 31.11 -21.96
CA GLU E 95 3.50 29.83 -22.68
C GLU E 95 2.45 29.90 -23.82
N GLU E 96 1.35 30.61 -23.62
CA GLU E 96 0.24 30.67 -24.58
C GLU E 96 0.56 31.56 -25.80
N LEU E 97 1.17 32.74 -25.60
CA LEU E 97 1.75 33.52 -26.70
C LEU E 97 2.89 32.76 -27.41
N ASN E 98 3.74 32.03 -26.67
CA ASN E 98 4.82 31.23 -27.26
C ASN E 98 4.27 30.12 -28.16
N LYS E 99 3.21 29.41 -27.75
CA LYS E 99 2.54 28.37 -28.54
C LYS E 99 1.78 28.95 -29.75
N LEU E 100 1.14 30.10 -29.59
CA LEU E 100 0.46 30.82 -30.69
C LEU E 100 1.45 31.29 -31.79
N LEU E 101 2.68 31.65 -31.39
CA LEU E 101 3.74 32.20 -32.26
C LEU E 101 4.95 31.28 -32.38
N GLY E 102 4.76 29.95 -32.29
CA GLY E 102 5.85 28.96 -32.22
C GLY E 102 6.72 28.88 -33.47
N ARG E 103 6.13 29.12 -34.65
CA ARG E 103 6.81 29.11 -35.96
C ARG E 103 7.30 30.49 -36.43
N VAL E 104 7.07 31.54 -35.64
CA VAL E 104 7.34 32.94 -36.02
C VAL E 104 8.75 33.39 -35.61
N THR E 105 9.51 33.95 -36.56
CA THR E 105 10.77 34.66 -36.31
C THR E 105 10.50 36.13 -35.97
N ILE E 106 10.90 36.56 -34.77
CA ILE E 106 10.86 37.98 -34.35
C ILE E 106 12.21 38.63 -34.68
N ALA E 107 12.23 39.53 -35.68
CA ALA E 107 13.45 40.22 -36.11
C ALA E 107 14.09 41.04 -34.97
N GLN E 108 15.41 41.08 -34.88
CA GLN E 108 16.19 41.75 -33.81
C GLN E 108 15.88 41.29 -32.36
N GLY E 109 15.12 40.21 -32.14
CA GLY E 109 14.71 39.73 -30.81
C GLY E 109 15.71 38.78 -30.13
N GLY E 110 16.51 38.04 -30.92
CA GLY E 110 17.44 37.01 -30.42
C GLY E 110 16.74 35.84 -29.72
N VAL E 111 17.48 35.12 -28.86
CA VAL E 111 16.96 34.02 -28.01
C VAL E 111 17.12 34.35 -26.53
N LEU E 112 16.43 33.62 -25.65
CA LEU E 112 16.54 33.78 -24.19
C LEU E 112 17.92 33.31 -23.66
N PRO E 113 18.44 33.90 -22.56
CA PRO E 113 19.63 33.37 -21.88
C PRO E 113 19.34 31.99 -21.27
N ASN E 114 20.03 30.96 -21.76
CA ASN E 114 19.81 29.55 -21.42
C ASN E 114 21.05 28.70 -21.75
N ILE E 115 21.57 27.98 -20.74
CA ILE E 115 22.71 27.04 -20.86
C ILE E 115 22.36 25.72 -20.18
N GLN E 116 22.61 24.60 -20.86
CA GLN E 116 22.35 23.25 -20.31
C GLN E 116 23.35 22.93 -19.18
N ALA E 117 22.86 22.39 -18.06
CA ALA E 117 23.63 22.27 -16.81
C ALA E 117 24.92 21.43 -16.94
N VAL E 118 24.93 20.43 -17.83
CA VAL E 118 26.10 19.58 -18.13
C VAL E 118 27.31 20.36 -18.68
N LEU E 119 27.08 21.51 -19.33
CA LEU E 119 28.13 22.34 -19.94
C LEU E 119 28.87 23.21 -18.90
N LEU E 120 28.23 23.53 -17.78
CA LEU E 120 28.76 24.39 -16.72
C LEU E 120 29.94 23.72 -15.96
N PRO E 121 30.86 24.51 -15.35
CA PRO E 121 31.96 23.97 -14.54
C PRO E 121 31.46 23.21 -13.30
N LYS E 122 32.28 22.26 -12.83
CA LYS E 122 32.00 21.38 -11.68
C LYS E 122 31.94 22.14 -10.35
N SER F 36 0.30 59.05 -52.86
CA SER F 36 0.06 57.70 -52.27
C SER F 36 -0.59 57.80 -50.88
N ARG F 37 -1.18 56.69 -50.39
CA ARG F 37 -1.81 56.59 -49.05
C ARG F 37 -1.71 55.14 -48.52
N LYS F 38 -0.95 54.93 -47.44
CA LYS F 38 -0.58 53.62 -46.89
C LYS F 38 -1.22 53.38 -45.50
N GLU F 39 -2.39 52.72 -45.49
CA GLU F 39 -3.07 52.33 -44.25
C GLU F 39 -2.30 51.24 -43.45
N SER F 40 -2.47 51.23 -42.12
CA SER F 40 -1.75 50.34 -41.18
C SER F 40 -2.59 49.97 -39.95
N TYR F 41 -1.99 49.38 -38.92
CA TYR F 41 -2.56 49.30 -37.56
C TYR F 41 -1.81 50.18 -36.53
N SER F 42 -0.79 50.93 -36.94
CA SER F 42 0.20 51.52 -36.02
C SER F 42 -0.39 52.48 -34.99
N ILE F 43 -1.34 53.34 -35.38
CA ILE F 43 -1.95 54.30 -34.45
C ILE F 43 -2.77 53.59 -33.36
N TYR F 44 -3.42 52.46 -33.66
CA TYR F 44 -4.21 51.69 -32.67
C TYR F 44 -3.30 50.90 -31.73
N VAL F 45 -2.20 50.35 -32.25
CA VAL F 45 -1.15 49.75 -31.42
C VAL F 45 -0.59 50.79 -30.44
N TYR F 46 -0.38 52.05 -30.88
CA TYR F 46 0.06 53.13 -29.98
C TYR F 46 -1.03 53.57 -28.99
N LYS F 47 -2.30 53.72 -29.41
CA LYS F 47 -3.44 54.01 -28.52
C LYS F 47 -3.59 52.95 -27.43
N VAL F 48 -3.42 51.67 -27.77
CA VAL F 48 -3.40 50.56 -26.80
C VAL F 48 -2.16 50.61 -25.89
N LEU F 49 -0.97 50.98 -26.41
CA LEU F 49 0.21 51.23 -25.58
C LEU F 49 -0.06 52.31 -24.52
N LYS F 50 -0.69 53.43 -24.89
CA LYS F 50 -1.09 54.49 -23.94
C LYS F 50 -2.09 54.01 -22.88
N GLN F 51 -2.94 53.02 -23.19
CA GLN F 51 -3.83 52.39 -22.21
C GLN F 51 -3.08 51.49 -21.21
N VAL F 52 -2.19 50.60 -21.67
CA VAL F 52 -1.47 49.67 -20.77
C VAL F 52 -0.32 50.33 -19.99
N HIS F 53 0.44 51.23 -20.62
CA HIS F 53 1.62 51.92 -20.06
C HIS F 53 1.74 53.35 -20.62
N PRO F 54 1.11 54.36 -19.99
CA PRO F 54 1.05 55.73 -20.52
C PRO F 54 2.41 56.38 -20.87
N ASP F 55 3.41 56.20 -20.01
CA ASP F 55 4.75 56.80 -20.20
C ASP F 55 5.64 56.07 -21.22
N THR F 56 5.31 54.82 -21.57
CA THR F 56 6.16 53.95 -22.41
C THR F 56 6.01 54.27 -23.91
N GLY F 57 7.12 54.36 -24.63
CA GLY F 57 7.17 54.51 -26.10
C GLY F 57 7.40 53.17 -26.83
N ILE F 58 7.48 53.17 -28.16
CA ILE F 58 7.80 51.98 -28.97
C ILE F 58 8.56 52.35 -30.25
N SER F 59 9.60 51.57 -30.61
CA SER F 59 10.40 51.80 -31.82
C SER F 59 9.64 51.47 -33.10
N SER F 60 10.05 52.04 -34.23
CA SER F 60 9.45 51.73 -35.55
C SER F 60 9.64 50.26 -35.94
N LYS F 61 10.75 49.62 -35.55
CA LYS F 61 10.98 48.17 -35.75
C LYS F 61 10.00 47.32 -34.94
N ALA F 62 9.81 47.65 -33.66
CA ALA F 62 8.84 46.99 -32.79
C ALA F 62 7.39 47.23 -33.26
N MET F 63 7.07 48.46 -33.69
CA MET F 63 5.78 48.79 -34.30
C MET F 63 5.51 48.01 -35.59
N GLY F 64 6.53 47.81 -36.43
CA GLY F 64 6.45 46.96 -37.62
C GLY F 64 6.16 45.50 -37.28
N ILE F 65 6.82 44.96 -36.24
CA ILE F 65 6.56 43.60 -35.72
C ILE F 65 5.14 43.46 -35.18
N MET F 66 4.62 44.47 -34.47
CA MET F 66 3.21 44.49 -34.02
C MET F 66 2.23 44.57 -35.20
N ASN F 67 2.54 45.32 -36.26
CA ASN F 67 1.74 45.30 -37.50
C ASN F 67 1.76 43.92 -38.16
N SER F 68 2.92 43.23 -38.22
CA SER F 68 2.99 41.84 -38.72
C SER F 68 2.13 40.89 -37.89
N PHE F 69 2.19 40.99 -36.55
CA PHE F 69 1.35 40.21 -35.64
C PHE F 69 -0.15 40.42 -35.90
N VAL F 70 -0.62 41.67 -35.95
CA VAL F 70 -2.04 41.98 -36.18
C VAL F 70 -2.51 41.49 -37.55
N ASN F 71 -1.71 41.68 -38.62
CA ASN F 71 -2.03 41.16 -39.95
C ASN F 71 -2.09 39.62 -39.98
N ASP F 72 -1.10 38.93 -39.40
CA ASP F 72 -1.07 37.47 -39.32
C ASP F 72 -2.30 36.91 -38.58
N ILE F 73 -2.57 37.39 -37.37
CA ILE F 73 -3.73 36.92 -36.58
C ILE F 73 -5.07 37.28 -37.27
N PHE F 74 -5.18 38.44 -37.93
CA PHE F 74 -6.34 38.76 -38.78
C PHE F 74 -6.53 37.71 -39.89
N GLU F 75 -5.47 37.41 -40.66
CA GLU F 75 -5.49 36.43 -41.75
C GLU F 75 -5.83 35.01 -41.26
N ARG F 76 -5.29 34.58 -40.11
CA ARG F 76 -5.64 33.28 -39.48
C ARG F 76 -7.12 33.20 -39.14
N ILE F 77 -7.64 34.18 -38.40
CA ILE F 77 -9.04 34.17 -37.93
C ILE F 77 -10.01 34.26 -39.12
N ALA F 78 -9.77 35.16 -40.07
CA ALA F 78 -10.60 35.31 -41.26
C ALA F 78 -10.55 34.07 -42.18
N GLY F 79 -9.38 33.44 -42.32
CA GLY F 79 -9.20 32.18 -43.06
C GLY F 79 -9.94 31.00 -42.43
N GLU F 80 -9.79 30.79 -41.11
CA GLU F 80 -10.52 29.73 -40.41
C GLU F 80 -12.04 30.00 -40.38
N ALA F 81 -12.46 31.26 -40.23
CA ALA F 81 -13.86 31.66 -40.38
C ALA F 81 -14.42 31.37 -41.79
N SER F 82 -13.61 31.57 -42.85
CA SER F 82 -13.97 31.19 -44.21
C SER F 82 -14.20 29.68 -44.37
N ARG F 83 -13.29 28.85 -43.81
CA ARG F 83 -13.45 27.39 -43.75
C ARG F 83 -14.74 27.00 -43.02
N LEU F 84 -14.96 27.56 -41.82
CA LEU F 84 -16.15 27.31 -41.01
C LEU F 84 -17.46 27.68 -41.72
N ALA F 85 -17.51 28.82 -42.41
CA ALA F 85 -18.65 29.21 -43.22
C ALA F 85 -18.91 28.20 -44.36
N HIS F 86 -17.88 27.90 -45.16
CA HIS F 86 -17.97 27.02 -46.33
C HIS F 86 -18.34 25.57 -45.96
N TYR F 87 -17.71 25.00 -44.93
CA TYR F 87 -17.98 23.63 -44.46
C TYR F 87 -19.40 23.47 -43.86
N ASN F 88 -20.04 24.57 -43.46
CA ASN F 88 -21.44 24.62 -43.00
C ASN F 88 -22.38 25.28 -44.03
N LYS F 89 -21.93 25.42 -45.30
CA LYS F 89 -22.67 25.98 -46.45
C LYS F 89 -23.22 27.41 -46.24
N ARG F 90 -22.74 28.15 -45.24
CA ARG F 90 -23.15 29.52 -44.92
C ARG F 90 -22.50 30.53 -45.88
N SER F 91 -23.29 31.43 -46.45
CA SER F 91 -22.81 32.56 -47.25
C SER F 91 -22.15 33.64 -46.39
N THR F 92 -22.52 33.72 -45.11
CA THR F 92 -22.10 34.76 -44.16
C THR F 92 -21.01 34.26 -43.19
N ILE F 93 -19.93 35.04 -43.00
CA ILE F 93 -19.12 34.98 -41.77
C ILE F 93 -19.81 35.84 -40.72
N THR F 94 -20.28 35.22 -39.63
CA THR F 94 -20.91 35.89 -38.48
C THR F 94 -19.95 35.91 -37.29
N SER F 95 -20.40 36.47 -36.16
CA SER F 95 -19.69 36.35 -34.87
C SER F 95 -19.47 34.89 -34.45
N ARG F 96 -20.31 33.93 -34.87
CA ARG F 96 -20.11 32.49 -34.59
C ARG F 96 -18.86 31.93 -35.28
N GLU F 97 -18.69 32.19 -36.58
CA GLU F 97 -17.49 31.76 -37.33
C GLU F 97 -16.22 32.41 -36.77
N ILE F 98 -16.25 33.70 -36.45
CA ILE F 98 -15.11 34.40 -35.80
C ILE F 98 -14.82 33.80 -34.42
N GLN F 99 -15.84 33.59 -33.57
CA GLN F 99 -15.68 33.00 -32.24
C GLN F 99 -15.09 31.59 -32.31
N THR F 100 -15.64 30.72 -33.15
CA THR F 100 -15.13 29.35 -33.32
C THR F 100 -13.70 29.34 -33.88
N ALA F 101 -13.38 30.21 -34.85
CA ALA F 101 -12.00 30.38 -35.33
C ALA F 101 -11.05 30.78 -34.20
N VAL F 102 -11.43 31.75 -33.36
CA VAL F 102 -10.64 32.19 -32.19
C VAL F 102 -10.47 31.07 -31.16
N ARG F 103 -11.52 30.29 -30.87
CA ARG F 103 -11.45 29.11 -29.97
C ARG F 103 -10.52 28.02 -30.49
N LEU F 104 -10.48 27.79 -31.81
CA LEU F 104 -9.56 26.84 -32.46
C LEU F 104 -8.11 27.34 -32.46
N LEU F 105 -7.89 28.62 -32.78
CA LEU F 105 -6.56 29.20 -33.02
C LEU F 105 -5.77 29.51 -31.74
N LEU F 106 -6.40 30.15 -30.74
CA LEU F 106 -5.72 30.58 -29.51
C LEU F 106 -5.65 29.45 -28.46
N PRO F 107 -4.54 29.31 -27.71
CA PRO F 107 -4.47 28.41 -26.54
C PRO F 107 -5.26 28.91 -25.32
N GLY F 108 -5.74 27.96 -24.50
CA GLY F 108 -6.06 28.13 -23.08
C GLY F 108 -6.75 29.43 -22.64
N GLU F 109 -6.17 30.12 -21.66
CA GLU F 109 -6.74 31.33 -21.04
C GLU F 109 -6.73 32.54 -21.99
N LEU F 110 -5.69 32.67 -22.83
CA LEU F 110 -5.60 33.67 -23.91
C LEU F 110 -6.84 33.63 -24.82
N ALA F 111 -7.33 32.43 -25.17
CA ALA F 111 -8.57 32.24 -25.90
C ALA F 111 -9.80 32.71 -25.12
N LYS F 112 -9.92 32.36 -23.83
CA LYS F 112 -11.06 32.75 -22.97
C LYS F 112 -11.16 34.27 -22.81
N HIS F 113 -10.03 34.95 -22.60
CA HIS F 113 -9.97 36.42 -22.55
C HIS F 113 -10.33 37.06 -23.90
N ALA F 114 -9.79 36.55 -25.01
CA ALA F 114 -10.14 37.02 -26.36
C ALA F 114 -11.64 36.84 -26.67
N VAL F 115 -12.23 35.69 -26.29
CA VAL F 115 -13.67 35.42 -26.42
C VAL F 115 -14.51 36.38 -25.59
N SER F 116 -14.14 36.63 -24.33
CA SER F 116 -14.82 37.58 -23.45
C SER F 116 -14.81 39.01 -24.03
N GLU F 117 -13.65 39.49 -24.47
CA GLU F 117 -13.49 40.80 -25.10
C GLU F 117 -14.28 40.90 -26.43
N GLY F 118 -14.24 39.87 -27.27
CA GLY F 118 -15.01 39.78 -28.52
C GLY F 118 -16.51 39.87 -28.30
N THR F 119 -17.07 39.03 -27.42
CA THR F 119 -18.50 39.03 -27.08
C THR F 119 -18.93 40.37 -26.46
N LYS F 120 -18.17 40.92 -25.51
CA LYS F 120 -18.46 42.20 -24.86
C LYS F 120 -18.50 43.37 -25.85
N ALA F 121 -17.57 43.41 -26.81
CA ALA F 121 -17.57 44.41 -27.87
C ALA F 121 -18.82 44.32 -28.75
N VAL F 122 -19.23 43.10 -29.14
CA VAL F 122 -20.45 42.86 -29.92
C VAL F 122 -21.72 43.25 -29.15
N THR F 123 -21.87 42.85 -27.88
CA THR F 123 -23.06 43.22 -27.09
C THR F 123 -23.14 44.73 -26.85
N LYS F 124 -22.03 45.42 -26.56
CA LYS F 124 -21.98 46.89 -26.42
C LYS F 124 -22.32 47.61 -27.73
N TYR F 125 -21.85 47.07 -28.88
CA TYR F 125 -22.23 47.57 -30.20
C TYR F 125 -23.73 47.41 -30.50
N THR F 126 -24.31 46.25 -30.18
CA THR F 126 -25.71 45.91 -30.48
C THR F 126 -26.74 46.64 -29.59
N SER F 127 -26.45 46.84 -28.28
CA SER F 127 -27.38 47.44 -27.31
C SER F 127 -27.71 48.92 -27.54
N LYS G 40 57.38 35.91 -14.74
CA LYS G 40 56.06 35.32 -14.32
C LYS G 40 55.32 34.72 -15.52
N LYS G 41 54.55 33.64 -15.32
CA LYS G 41 53.73 32.99 -16.38
C LYS G 41 52.52 33.87 -16.78
N PRO G 42 52.20 34.02 -18.08
CA PRO G 42 50.99 34.74 -18.52
C PRO G 42 49.68 34.11 -18.02
N HIS G 43 48.64 34.93 -17.85
CA HIS G 43 47.28 34.45 -17.55
C HIS G 43 46.63 33.80 -18.80
N ARG G 44 45.83 32.75 -18.57
CA ARG G 44 45.03 32.03 -19.58
C ARG G 44 43.76 31.47 -18.93
N TYR G 45 42.60 31.78 -19.51
CA TYR G 45 41.34 31.10 -19.19
C TYR G 45 41.35 29.65 -19.70
N ARG G 46 40.79 28.72 -18.93
CA ARG G 46 40.68 27.30 -19.28
C ARG G 46 39.75 27.07 -20.48
N PRO G 47 39.96 26.01 -21.30
CA PRO G 47 39.03 25.63 -22.36
C PRO G 47 37.59 25.52 -21.87
N GLY G 48 36.68 26.18 -22.57
CA GLY G 48 35.27 26.27 -22.23
C GLY G 48 34.87 27.46 -21.33
N THR G 49 35.79 28.08 -20.59
CA THR G 49 35.48 29.24 -19.72
C THR G 49 35.06 30.46 -20.54
N VAL G 50 35.84 30.82 -21.57
CA VAL G 50 35.50 31.91 -22.50
C VAL G 50 34.37 31.49 -23.44
N ALA G 51 34.23 30.20 -23.78
CA ALA G 51 33.08 29.70 -24.53
C ALA G 51 31.75 29.96 -23.80
N LEU G 52 31.69 29.71 -22.49
CA LEU G 52 30.53 30.07 -21.65
C LEU G 52 30.33 31.60 -21.59
N ARG G 53 31.40 32.40 -21.52
CA ARG G 53 31.32 33.87 -21.57
C ARG G 53 30.79 34.39 -22.92
N GLU G 54 31.18 33.76 -24.04
CA GLU G 54 30.64 34.01 -25.38
C GLU G 54 29.16 33.60 -25.49
N ILE G 55 28.76 32.45 -24.94
CA ILE G 55 27.34 32.04 -24.88
C ILE G 55 26.52 33.09 -24.12
N ARG G 56 26.98 33.51 -22.93
CA ARG G 56 26.33 34.56 -22.11
C ARG G 56 26.23 35.90 -22.86
N ARG G 57 27.31 36.32 -23.54
CA ARG G 57 27.35 37.53 -24.39
C ARG G 57 26.31 37.46 -25.52
N TYR G 58 26.42 36.48 -26.40
CA TYR G 58 25.60 36.43 -27.62
C TYR G 58 24.14 36.06 -27.38
N GLN G 59 23.78 35.45 -26.24
CA GLN G 59 22.37 35.32 -25.82
C GLN G 59 21.79 36.59 -25.17
N LYS G 60 22.62 37.46 -24.59
CA LYS G 60 22.19 38.78 -24.08
C LYS G 60 21.97 39.79 -25.22
N SER G 61 22.90 39.85 -26.17
CA SER G 61 22.81 40.70 -27.38
C SER G 61 21.84 40.13 -28.43
N THR G 62 21.45 40.94 -29.42
CA THR G 62 20.50 40.54 -30.50
C THR G 62 20.90 40.99 -31.91
N GLU G 63 22.16 41.41 -32.10
CA GLU G 63 22.71 41.84 -33.40
C GLU G 63 22.83 40.67 -34.40
N LEU G 64 22.91 40.99 -35.71
CA LEU G 64 23.20 40.01 -36.75
C LEU G 64 24.71 39.71 -36.82
N LEU G 65 25.05 38.44 -36.68
CA LEU G 65 26.41 37.91 -36.41
C LEU G 65 27.21 37.58 -37.68
N ILE G 66 26.54 37.39 -38.84
CA ILE G 66 27.19 37.16 -40.14
C ILE G 66 27.64 38.50 -40.76
N ARG G 67 28.77 38.49 -41.49
CA ARG G 67 29.32 39.63 -42.25
C ARG G 67 28.35 40.05 -43.36
N LYS G 68 27.93 41.32 -43.37
CA LYS G 68 26.77 41.82 -44.13
C LYS G 68 26.97 41.76 -45.65
N LEU G 69 28.09 42.27 -46.14
CA LEU G 69 28.40 42.32 -47.57
C LEU G 69 28.66 40.92 -48.18
N PRO G 70 29.42 40.00 -47.55
CA PRO G 70 29.47 38.60 -47.96
C PRO G 70 28.11 37.91 -48.03
N PHE G 71 27.23 38.12 -47.04
CA PHE G 71 25.85 37.60 -47.08
C PHE G 71 25.04 38.20 -48.23
N GLN G 72 25.14 39.50 -48.48
CA GLN G 72 24.49 40.16 -49.62
C GLN G 72 24.97 39.60 -50.97
N ARG G 73 26.27 39.40 -51.17
CA ARG G 73 26.81 38.76 -52.38
C ARG G 73 26.37 37.30 -52.51
N LEU G 74 26.27 36.55 -51.41
CA LEU G 74 25.71 35.19 -51.40
C LEU G 74 24.24 35.16 -51.83
N VAL G 75 23.41 36.09 -51.34
CA VAL G 75 22.01 36.25 -51.78
C VAL G 75 21.93 36.49 -53.29
N ARG G 76 22.74 37.43 -53.82
CA ARG G 76 22.83 37.70 -55.27
C ARG G 76 23.30 36.48 -56.06
N GLU G 77 24.37 35.81 -55.63
CA GLU G 77 24.96 34.64 -56.28
C GLU G 77 23.95 33.49 -56.39
N ILE G 78 23.21 33.21 -55.31
CA ILE G 78 22.12 32.21 -55.30
C ILE G 78 20.97 32.64 -56.22
N ALA G 79 20.51 33.89 -56.12
CA ALA G 79 19.38 34.39 -56.92
C ALA G 79 19.65 34.33 -58.44
N GLN G 80 20.88 34.66 -58.86
CA GLN G 80 21.30 34.65 -60.26
C GLN G 80 21.20 33.26 -60.93
N ASP G 81 21.19 32.16 -60.17
CA ASP G 81 20.94 30.81 -60.71
C ASP G 81 19.46 30.58 -61.08
N PHE G 82 18.51 31.26 -60.42
CA PHE G 82 17.08 31.17 -60.72
C PHE G 82 16.66 32.10 -61.88
N LYS G 83 17.20 33.32 -61.92
CA LYS G 83 16.99 34.30 -63.01
C LYS G 83 18.18 35.27 -63.10
N THR G 84 18.65 35.53 -64.32
CA THR G 84 19.73 36.51 -64.59
C THR G 84 19.27 37.96 -64.38
N ASP G 85 20.21 38.86 -64.06
CA ASP G 85 20.00 40.31 -63.94
C ASP G 85 18.95 40.74 -62.89
N LEU G 86 18.73 39.92 -61.85
CA LEU G 86 17.90 40.29 -60.69
C LEU G 86 18.50 41.45 -59.87
N ARG G 87 17.62 42.19 -59.19
CA ARG G 87 17.95 43.26 -58.23
C ARG G 87 17.29 42.99 -56.88
N PHE G 88 17.80 43.59 -55.79
CA PHE G 88 17.31 43.35 -54.42
C PHE G 88 17.18 44.65 -53.61
N GLN G 89 16.03 44.85 -52.95
CA GLN G 89 15.92 45.84 -51.88
C GLN G 89 16.85 45.49 -50.70
N SER G 90 17.44 46.49 -50.05
CA SER G 90 18.28 46.27 -48.84
C SER G 90 17.46 45.59 -47.72
N SER G 91 16.18 45.97 -47.57
CA SER G 91 15.22 45.34 -46.66
C SER G 91 14.99 43.85 -46.96
N ALA G 92 15.00 43.43 -48.23
CA ALA G 92 14.90 42.01 -48.60
C ALA G 92 16.13 41.21 -48.15
N VAL G 93 17.34 41.77 -48.31
CA VAL G 93 18.60 41.15 -47.83
C VAL G 93 18.61 41.06 -46.30
N MET G 94 18.18 42.11 -45.60
CA MET G 94 18.04 42.10 -44.13
C MET G 94 16.99 41.06 -43.66
N ALA G 95 15.85 40.96 -44.34
CA ALA G 95 14.82 39.95 -44.05
C ALA G 95 15.38 38.52 -44.20
N LEU G 96 16.14 38.25 -45.28
CA LEU G 96 16.84 36.98 -45.46
C LEU G 96 17.85 36.73 -44.33
N GLN G 97 18.67 37.70 -43.94
CA GLN G 97 19.66 37.49 -42.88
C GLN G 97 19.02 37.23 -41.50
N GLU G 98 17.96 37.96 -41.14
CA GLU G 98 17.18 37.70 -39.92
C GLU G 98 16.60 36.28 -39.91
N ALA G 99 16.02 35.82 -41.03
CA ALA G 99 15.49 34.46 -41.16
C ALA G 99 16.59 33.39 -41.06
N CYS G 100 17.68 33.53 -41.81
CA CYS G 100 18.79 32.57 -41.85
C CYS G 100 19.49 32.44 -40.49
N GLU G 101 19.80 33.55 -39.82
CA GLU G 101 20.46 33.49 -38.50
C GLU G 101 19.55 32.88 -37.43
N ALA G 102 18.25 33.24 -37.39
CA ALA G 102 17.30 32.63 -36.46
C ALA G 102 17.13 31.11 -36.72
N TYR G 103 17.04 30.70 -37.99
CA TYR G 103 16.98 29.30 -38.41
C TYR G 103 18.23 28.51 -37.97
N LEU G 104 19.42 29.03 -38.21
CA LEU G 104 20.68 28.41 -37.79
C LEU G 104 20.82 28.36 -36.26
N VAL G 105 20.47 29.41 -35.53
CA VAL G 105 20.50 29.41 -34.04
C VAL G 105 19.58 28.33 -33.47
N GLY G 106 18.34 28.22 -33.97
CA GLY G 106 17.41 27.15 -33.57
C GLY G 106 17.94 25.75 -33.91
N LEU G 107 18.57 25.59 -35.08
CA LEU G 107 19.23 24.34 -35.46
C LEU G 107 20.42 24.01 -34.55
N PHE G 108 21.22 25.00 -34.13
CA PHE G 108 22.30 24.80 -33.16
C PHE G 108 21.76 24.40 -31.78
N GLU G 109 20.64 24.96 -31.30
CA GLU G 109 20.00 24.51 -30.06
C GLU G 109 19.57 23.03 -30.15
N ASP G 110 18.88 22.62 -31.22
CA ASP G 110 18.52 21.22 -31.46
C ASP G 110 19.76 20.31 -31.55
N THR G 111 20.80 20.76 -32.25
CA THR G 111 22.08 20.05 -32.40
C THR G 111 22.81 19.89 -31.05
N ASN G 112 22.74 20.90 -30.18
CA ASN G 112 23.29 20.85 -28.82
C ASN G 112 22.59 19.75 -27.99
N LEU G 113 21.25 19.65 -28.08
CA LEU G 113 20.49 18.57 -27.45
C LEU G 113 20.89 17.18 -28.00
N CYS G 114 21.07 17.03 -29.31
CA CYS G 114 21.57 15.77 -29.91
C CYS G 114 22.94 15.37 -29.34
N ALA G 115 23.90 16.31 -29.25
CA ALA G 115 25.22 16.02 -28.69
C ALA G 115 25.16 15.64 -27.21
N ILE G 116 24.42 16.41 -26.40
CA ILE G 116 24.24 16.17 -24.96
C ILE G 116 23.55 14.82 -24.69
N HIS G 117 22.58 14.41 -25.52
CA HIS G 117 21.94 13.10 -25.43
C HIS G 117 22.93 11.94 -25.67
N ALA G 118 23.91 12.14 -26.55
CA ALA G 118 25.06 11.25 -26.75
C ALA G 118 26.20 11.46 -25.72
N LYS G 119 25.96 12.20 -24.63
CA LYS G 119 26.91 12.58 -23.56
C LYS G 119 28.13 13.42 -24.01
N ARG G 120 28.12 13.95 -25.24
CA ARG G 120 29.16 14.82 -25.80
C ARG G 120 28.95 16.29 -25.47
N VAL G 121 30.06 17.02 -25.38
CA VAL G 121 30.12 18.50 -25.29
C VAL G 121 30.26 19.11 -26.70
N THR G 122 30.91 18.38 -27.60
CA THR G 122 31.24 18.73 -28.99
C THR G 122 30.09 18.37 -29.92
N ILE G 123 29.50 19.36 -30.60
CA ILE G 123 28.59 19.09 -31.72
C ILE G 123 29.36 18.62 -32.97
N MET G 124 28.77 17.69 -33.71
CA MET G 124 29.31 17.07 -34.93
C MET G 124 28.20 16.92 -35.99
N PRO G 125 28.49 16.70 -37.29
CA PRO G 125 27.47 16.64 -38.35
C PRO G 125 26.35 15.62 -38.09
N LYS G 126 26.67 14.48 -37.42
CA LYS G 126 25.70 13.49 -36.92
C LYS G 126 24.58 14.09 -36.05
N ASP G 127 24.89 15.12 -35.26
CA ASP G 127 23.90 15.87 -34.45
C ASP G 127 22.98 16.77 -35.28
N ILE G 128 23.54 17.47 -36.28
CA ILE G 128 22.77 18.31 -37.24
C ILE G 128 21.83 17.42 -38.05
N GLN G 129 22.34 16.27 -38.52
CA GLN G 129 21.58 15.30 -39.31
C GLN G 129 20.44 14.68 -38.50
N LEU G 130 20.66 14.30 -37.24
CA LEU G 130 19.58 13.84 -36.35
C LEU G 130 18.53 14.93 -36.13
N ALA G 131 18.95 16.18 -35.88
CA ALA G 131 18.03 17.30 -35.69
C ALA G 131 17.14 17.52 -36.92
N ARG G 132 17.73 17.60 -38.12
CA ARG G 132 16.99 17.76 -39.40
C ARG G 132 16.11 16.56 -39.75
N ARG G 133 16.53 15.34 -39.40
CA ARG G 133 15.74 14.11 -39.59
C ARG G 133 14.51 14.03 -38.67
N ILE G 134 14.64 14.47 -37.40
CA ILE G 134 13.50 14.58 -36.46
C ILE G 134 12.55 15.73 -36.89
N ARG G 135 13.10 16.89 -37.31
CA ARG G 135 12.32 18.03 -37.86
C ARG G 135 11.51 17.67 -39.11
N GLY G 136 11.98 16.70 -39.90
CA GLY G 136 11.43 16.38 -41.23
C GLY G 136 12.03 17.22 -42.37
N GLU G 137 13.12 17.94 -42.12
CA GLU G 137 13.93 18.60 -43.18
C GLU G 137 14.79 17.58 -43.96
N ARG G 138 14.99 16.39 -43.40
CA ARG G 138 15.58 15.19 -44.03
C ARG G 138 14.85 13.89 -43.64
N LYS H 20 24.45 50.63 -69.05
CA LYS H 20 24.77 49.19 -68.78
C LYS H 20 26.27 49.02 -68.48
N ARG H 21 26.64 48.67 -67.23
CA ARG H 21 28.04 48.54 -66.75
C ARG H 21 28.12 47.54 -65.57
N HIS H 22 27.70 46.30 -65.80
CA HIS H 22 27.48 45.29 -64.73
C HIS H 22 28.75 44.92 -63.92
N ARG H 23 28.53 44.55 -62.66
CA ARG H 23 29.54 44.09 -61.68
C ARG H 23 30.40 42.89 -62.15
N LYS H 24 31.57 42.73 -61.49
CA LYS H 24 32.40 41.52 -61.54
C LYS H 24 31.60 40.28 -61.11
N VAL H 25 31.93 39.11 -61.69
CA VAL H 25 31.23 37.84 -61.43
C VAL H 25 31.30 37.44 -59.94
N LEU H 26 30.18 36.98 -59.38
CA LEU H 26 30.07 36.49 -58.00
C LEU H 26 30.31 34.98 -57.93
N ARG H 27 31.28 34.54 -57.12
CA ARG H 27 31.66 33.14 -56.93
C ARG H 27 32.02 32.80 -55.48
N ASP H 28 31.51 31.67 -55.00
CA ASP H 28 31.87 31.00 -53.75
C ASP H 28 31.68 31.83 -52.48
N ASN H 29 30.71 32.78 -52.47
CA ASN H 29 30.46 33.65 -51.31
C ASN H 29 29.95 32.89 -50.06
N ILE H 30 29.57 31.61 -50.18
CA ILE H 30 29.22 30.77 -49.01
C ILE H 30 30.44 30.52 -48.10
N GLN H 31 31.66 30.45 -48.63
CA GLN H 31 32.89 30.44 -47.83
C GLN H 31 33.16 31.79 -47.14
N GLY H 32 32.61 32.89 -47.69
CA GLY H 32 32.58 34.21 -47.06
C GLY H 32 31.67 34.31 -45.82
N ILE H 33 30.83 33.29 -45.56
CA ILE H 33 30.21 33.08 -44.24
C ILE H 33 31.29 32.53 -43.31
N THR H 34 31.80 33.39 -42.42
CA THR H 34 33.09 33.18 -41.73
C THR H 34 33.04 32.10 -40.65
N LYS H 35 34.19 31.47 -40.37
CA LYS H 35 34.34 30.51 -39.27
C LYS H 35 33.93 31.11 -37.92
N PRO H 36 34.41 32.32 -37.52
CA PRO H 36 33.91 33.00 -36.33
C PRO H 36 32.43 33.40 -36.40
N ALA H 37 31.83 33.78 -37.54
CA ALA H 37 30.37 34.03 -37.60
C ALA H 37 29.55 32.77 -37.29
N ILE H 38 29.95 31.62 -37.84
CA ILE H 38 29.32 30.32 -37.54
C ILE H 38 29.52 29.95 -36.06
N ARG H 39 30.72 30.20 -35.49
CA ARG H 39 30.96 30.04 -34.05
C ARG H 39 30.08 30.96 -33.20
N ARG H 40 29.93 32.25 -33.53
CA ARG H 40 29.00 33.17 -32.83
C ARG H 40 27.56 32.66 -32.84
N LEU H 41 27.06 32.16 -33.97
CA LEU H 41 25.72 31.55 -34.07
C LEU H 41 25.57 30.31 -33.19
N ALA H 42 26.57 29.42 -33.18
CA ALA H 42 26.59 28.25 -32.30
C ALA H 42 26.68 28.62 -30.81
N ARG H 43 27.47 29.64 -30.44
CA ARG H 43 27.53 30.20 -29.07
C ARG H 43 26.20 30.82 -28.65
N ARG H 44 25.50 31.56 -29.53
CA ARG H 44 24.10 32.00 -29.30
C ARG H 44 23.16 30.80 -29.08
N GLY H 45 23.34 29.72 -29.84
CA GLY H 45 22.70 28.41 -29.64
C GLY H 45 23.16 27.60 -28.41
N GLY H 46 23.98 28.17 -27.52
CA GLY H 46 24.43 27.54 -26.27
C GLY H 46 25.54 26.50 -26.40
N VAL H 47 26.22 26.42 -27.56
CA VAL H 47 27.17 25.33 -27.87
C VAL H 47 28.57 25.61 -27.32
N LYS H 48 29.02 24.78 -26.36
CA LYS H 48 30.36 24.90 -25.73
C LYS H 48 31.51 24.45 -26.63
N ARG H 49 31.35 23.42 -27.47
CA ARG H 49 32.39 22.93 -28.40
C ARG H 49 31.82 22.50 -29.77
N ILE H 50 32.52 22.82 -30.85
CA ILE H 50 32.03 22.84 -32.24
C ILE H 50 33.07 22.18 -33.16
N SER H 51 32.80 20.96 -33.64
CA SER H 51 33.78 20.24 -34.47
C SER H 51 34.02 20.90 -35.84
N GLY H 52 35.24 20.76 -36.38
CA GLY H 52 35.69 21.39 -37.64
C GLY H 52 34.86 21.04 -38.89
N LEU H 53 34.12 19.93 -38.88
CA LEU H 53 33.18 19.55 -39.95
C LEU H 53 31.88 20.38 -39.92
N ILE H 54 31.53 21.01 -38.81
CA ILE H 54 30.30 21.82 -38.65
C ILE H 54 30.29 23.02 -39.57
N TYR H 55 31.42 23.64 -39.85
CA TYR H 55 31.49 24.85 -40.69
C TYR H 55 31.03 24.57 -42.13
N GLU H 56 31.53 23.49 -42.75
CA GLU H 56 31.11 23.07 -44.08
C GLU H 56 29.68 22.51 -44.11
N GLU H 57 29.26 21.77 -43.07
CA GLU H 57 27.87 21.29 -42.95
C GLU H 57 26.87 22.46 -42.80
N THR H 58 27.22 23.46 -41.98
CA THR H 58 26.44 24.69 -41.78
C THR H 58 26.34 25.49 -43.08
N ARG H 59 27.46 25.64 -43.81
CA ARG H 59 27.48 26.30 -45.14
C ARG H 59 26.57 25.59 -46.14
N GLY H 60 26.61 24.25 -46.21
CA GLY H 60 25.70 23.46 -47.05
C GLY H 60 24.22 23.67 -46.69
N VAL H 61 23.88 23.55 -45.40
CA VAL H 61 22.51 23.76 -44.90
C VAL H 61 22.02 25.19 -45.15
N LEU H 62 22.86 26.21 -44.89
CA LEU H 62 22.56 27.62 -45.15
C LEU H 62 22.33 27.90 -46.65
N LYS H 63 23.19 27.36 -47.53
CA LYS H 63 23.04 27.48 -48.99
C LYS H 63 21.72 26.89 -49.47
N VAL H 64 21.35 25.70 -49.00
CA VAL H 64 20.05 25.05 -49.31
C VAL H 64 18.86 25.85 -48.77
N PHE H 65 18.94 26.37 -47.53
CA PHE H 65 17.88 27.20 -46.95
C PHE H 65 17.68 28.51 -47.73
N LEU H 66 18.77 29.22 -48.05
CA LEU H 66 18.77 30.41 -48.89
C LEU H 66 18.19 30.13 -50.28
N GLU H 67 18.63 29.04 -50.95
CA GLU H 67 18.07 28.61 -52.23
C GLU H 67 16.55 28.43 -52.15
N ASN H 68 16.04 27.70 -51.15
CA ASN H 68 14.61 27.46 -51.01
C ASN H 68 13.81 28.75 -50.77
N VAL H 69 14.26 29.66 -49.90
CA VAL H 69 13.55 30.93 -49.66
C VAL H 69 13.63 31.85 -50.89
N ILE H 70 14.81 31.99 -51.49
CA ILE H 70 15.03 32.89 -52.64
C ILE H 70 14.31 32.38 -53.90
N ARG H 71 14.22 31.06 -54.14
CA ARG H 71 13.48 30.49 -55.29
C ARG H 71 12.01 30.95 -55.29
N ASP H 72 11.35 30.91 -54.14
CA ASP H 72 9.99 31.44 -54.00
C ASP H 72 9.95 32.97 -54.13
N ALA H 73 10.85 33.71 -53.49
CA ALA H 73 10.87 35.17 -53.60
C ALA H 73 11.08 35.66 -55.05
N VAL H 74 11.96 35.00 -55.81
CA VAL H 74 12.14 35.23 -57.26
C VAL H 74 10.89 34.81 -58.03
N THR H 75 10.22 33.71 -57.66
CA THR H 75 8.96 33.28 -58.29
C THR H 75 7.84 34.32 -58.08
N TYR H 76 7.69 34.87 -56.87
CA TYR H 76 6.77 36.00 -56.61
C TYR H 76 7.18 37.27 -57.38
N THR H 77 8.48 37.54 -57.51
CA THR H 77 9.03 38.66 -58.31
C THR H 77 8.62 38.54 -59.78
N GLU H 78 8.79 37.37 -60.39
CA GLU H 78 8.33 37.07 -61.76
C GLU H 78 6.80 37.13 -61.89
N HIS H 79 6.04 36.65 -60.92
CA HIS H 79 4.57 36.77 -60.96
C HIS H 79 4.12 38.23 -60.94
N ALA H 80 4.78 39.07 -60.14
CA ALA H 80 4.60 40.52 -60.11
C ALA H 80 5.16 41.27 -61.34
N LYS H 81 5.73 40.55 -62.33
CA LYS H 81 6.35 41.10 -63.56
C LYS H 81 7.56 42.02 -63.29
N ARG H 82 8.16 41.93 -62.09
CA ARG H 82 9.33 42.71 -61.62
C ARG H 82 10.67 42.06 -61.99
N LYS H 83 11.74 42.83 -61.89
CA LYS H 83 13.15 42.35 -61.83
C LYS H 83 13.75 42.47 -60.42
N THR H 84 13.20 43.38 -59.61
CA THR H 84 13.64 43.69 -58.25
C THR H 84 12.87 42.87 -57.23
N VAL H 85 13.55 42.04 -56.45
CA VAL H 85 13.02 41.28 -55.31
C VAL H 85 12.80 42.21 -54.12
N THR H 86 11.61 42.17 -53.53
CA THR H 86 11.22 43.00 -52.39
C THR H 86 11.23 42.24 -51.06
N ALA H 87 11.18 42.97 -49.95
CA ALA H 87 10.98 42.36 -48.63
C ALA H 87 9.66 41.58 -48.53
N MET H 88 8.59 42.03 -49.22
CA MET H 88 7.32 41.31 -49.28
C MET H 88 7.48 39.93 -49.95
N ASP H 89 8.22 39.82 -51.05
CA ASP H 89 8.50 38.51 -51.69
C ASP H 89 9.19 37.52 -50.73
N VAL H 90 10.15 38.01 -49.92
CA VAL H 90 10.83 37.22 -48.89
C VAL H 90 9.86 36.82 -47.77
N VAL H 91 9.00 37.72 -47.31
CA VAL H 91 7.95 37.42 -46.31
C VAL H 91 6.96 36.38 -46.84
N TYR H 92 6.50 36.47 -48.09
CA TYR H 92 5.61 35.47 -48.72
C TYR H 92 6.27 34.09 -48.78
N ALA H 93 7.54 34.02 -49.21
CA ALA H 93 8.33 32.79 -49.23
C ALA H 93 8.45 32.16 -47.83
N LEU H 94 8.86 32.93 -46.82
CA LEU H 94 9.01 32.47 -45.44
C LEU H 94 7.67 32.05 -44.81
N LYS H 95 6.56 32.74 -45.14
CA LYS H 95 5.21 32.35 -44.69
C LYS H 95 4.79 31.00 -45.27
N ARG H 96 4.85 30.82 -46.60
CA ARG H 96 4.41 29.54 -47.23
C ARG H 96 5.31 28.34 -46.90
N GLN H 97 6.60 28.59 -46.59
CA GLN H 97 7.55 27.60 -46.09
C GLN H 97 7.46 27.35 -44.56
N GLY H 98 6.55 28.05 -43.86
CA GLY H 98 6.21 27.77 -42.45
C GLY H 98 7.24 28.24 -41.42
N ARG H 99 8.00 29.31 -41.73
CA ARG H 99 8.94 29.97 -40.81
C ARG H 99 8.79 31.50 -40.87
N THR H 100 7.54 31.95 -40.73
CA THR H 100 7.06 33.34 -40.96
C THR H 100 7.88 34.39 -40.20
N LEU H 101 8.30 35.47 -40.89
CA LEU H 101 9.12 36.55 -40.33
C LEU H 101 8.30 37.82 -40.09
N TYR H 102 8.31 38.35 -38.86
CA TYR H 102 7.70 39.65 -38.53
C TYR H 102 8.71 40.81 -38.70
N GLY H 103 8.20 42.03 -38.89
CA GLY H 103 8.99 43.28 -38.93
C GLY H 103 9.31 43.83 -40.33
N PHE H 104 9.00 43.08 -41.40
CA PHE H 104 9.29 43.44 -42.80
C PHE H 104 8.04 43.64 -43.68
N GLY H 105 6.85 43.67 -43.08
CA GLY H 105 5.58 43.96 -43.78
C GLY H 105 5.39 45.46 -44.06
N GLY H 106 4.84 45.80 -45.23
CA GLY H 106 4.54 47.17 -45.67
C GLY H 106 5.77 48.02 -45.97
N LYS I 19 -21.37 19.63 -76.68
CA LYS I 19 -20.01 19.08 -76.42
C LYS I 19 -19.60 19.40 -74.97
N THR I 20 -18.31 19.34 -74.57
CA THR I 20 -17.85 19.67 -73.20
C THR I 20 -16.50 20.38 -73.21
N ARG I 21 -16.23 21.21 -72.19
CA ARG I 21 -14.92 21.86 -71.98
C ARG I 21 -13.83 20.84 -71.70
N SER I 22 -14.17 19.78 -70.96
CA SER I 22 -13.27 18.65 -70.64
C SER I 22 -12.82 17.91 -71.91
N SER I 23 -13.74 17.59 -72.84
CA SER I 23 -13.39 16.92 -74.11
C SER I 23 -12.62 17.84 -75.07
N ARG I 24 -12.93 19.15 -75.11
CA ARG I 24 -12.10 20.16 -75.81
C ARG I 24 -10.68 20.22 -75.25
N ALA I 25 -10.52 20.19 -73.92
CA ALA I 25 -9.23 20.12 -73.25
C ALA I 25 -8.50 18.76 -73.37
N GLY I 26 -9.19 17.69 -73.79
CA GLY I 26 -8.65 16.32 -73.87
C GLY I 26 -8.57 15.60 -72.52
N LEU I 27 -9.32 16.07 -71.52
CA LEU I 27 -9.31 15.60 -70.13
C LEU I 27 -10.45 14.64 -69.80
N GLN I 28 -10.21 13.76 -68.84
CA GLN I 28 -11.26 13.05 -68.09
C GLN I 28 -11.86 13.97 -67.01
N PHE I 29 -11.01 14.68 -66.25
CA PHE I 29 -11.41 15.50 -65.10
C PHE I 29 -12.37 16.65 -65.48
N PRO I 30 -13.37 16.97 -64.63
CA PRO I 30 -14.51 17.81 -65.00
C PRO I 30 -14.20 19.32 -64.92
N VAL I 31 -13.87 19.93 -66.06
CA VAL I 31 -13.48 21.36 -66.13
C VAL I 31 -14.56 22.29 -65.58
N GLY I 32 -15.84 22.07 -65.92
CA GLY I 32 -16.95 22.90 -65.45
C GLY I 32 -17.15 22.83 -63.94
N ARG I 33 -17.08 21.63 -63.35
CA ARG I 33 -17.12 21.44 -61.88
C ARG I 33 -15.94 22.12 -61.20
N VAL I 34 -14.73 22.03 -61.77
CA VAL I 34 -13.54 22.74 -61.25
C VAL I 34 -13.73 24.27 -61.30
N HIS I 35 -14.32 24.83 -62.37
CA HIS I 35 -14.65 26.27 -62.46
C HIS I 35 -15.69 26.66 -61.39
N ARG I 36 -16.76 25.88 -61.25
CA ARG I 36 -17.81 26.07 -60.23
C ARG I 36 -17.25 26.02 -58.80
N LEU I 37 -16.33 25.11 -58.51
CA LEU I 37 -15.62 25.04 -57.22
C LEU I 37 -14.65 26.23 -57.01
N LEU I 38 -13.92 26.68 -58.04
CA LEU I 38 -13.09 27.88 -57.94
C LEU I 38 -13.93 29.15 -57.61
N ARG I 39 -15.13 29.27 -58.18
CA ARG I 39 -16.10 30.33 -57.81
C ARG I 39 -16.65 30.14 -56.38
N LYS I 40 -17.33 29.03 -56.11
CA LYS I 40 -18.07 28.81 -54.85
C LYS I 40 -17.19 28.61 -53.61
N GLY I 41 -15.92 28.23 -53.80
CA GLY I 41 -14.89 28.25 -52.76
C GLY I 41 -14.35 29.65 -52.40
N ASN I 42 -14.90 30.71 -53.00
CA ASN I 42 -14.61 32.13 -52.75
C ASN I 42 -13.16 32.58 -53.08
N TYR I 43 -12.40 31.80 -53.86
CA TYR I 43 -10.97 32.03 -54.10
C TYR I 43 -10.66 33.32 -54.89
N SER I 44 -11.58 33.79 -55.73
CA SER I 44 -11.43 35.02 -56.53
C SER I 44 -12.78 35.56 -57.03
N GLU I 45 -12.82 36.86 -57.38
CA GLU I 45 -14.02 37.53 -57.91
C GLU I 45 -14.27 37.22 -59.40
N ARG I 46 -13.22 36.80 -60.13
CA ARG I 46 -13.24 36.30 -61.51
C ARG I 46 -12.37 35.05 -61.65
N VAL I 47 -12.65 34.20 -62.63
CA VAL I 47 -11.89 32.98 -62.94
C VAL I 47 -11.72 32.85 -64.45
N GLY I 48 -10.48 32.99 -64.94
CA GLY I 48 -10.16 32.90 -66.37
C GLY I 48 -10.48 31.52 -66.94
N ALA I 49 -11.06 31.44 -68.14
CA ALA I 49 -11.62 30.20 -68.68
C ALA I 49 -10.63 29.02 -68.80
N GLY I 50 -9.32 29.30 -68.97
CA GLY I 50 -8.24 28.30 -68.98
C GLY I 50 -7.74 27.87 -67.59
N ALA I 51 -8.00 28.62 -66.52
CA ALA I 51 -7.60 28.27 -65.16
C ALA I 51 -8.15 26.91 -64.67
N PRO I 52 -9.47 26.60 -64.78
CA PRO I 52 -10.00 25.29 -64.42
C PRO I 52 -9.51 24.18 -65.36
N VAL I 53 -9.24 24.47 -66.63
CA VAL I 53 -8.64 23.51 -67.58
C VAL I 53 -7.24 23.11 -67.10
N TYR I 54 -6.40 24.08 -66.76
CA TYR I 54 -5.06 23.86 -66.24
C TYR I 54 -5.11 23.07 -64.92
N LEU I 55 -5.95 23.49 -63.97
CA LEU I 55 -6.09 22.82 -62.68
C LEU I 55 -6.62 21.37 -62.81
N ALA I 56 -7.63 21.15 -63.65
CA ALA I 56 -8.12 19.80 -63.96
C ALA I 56 -7.03 18.92 -64.58
N ALA I 57 -6.23 19.45 -65.52
CA ALA I 57 -5.11 18.74 -66.12
C ALA I 57 -4.00 18.38 -65.11
N VAL I 58 -3.70 19.27 -64.17
CA VAL I 58 -2.72 19.01 -63.08
C VAL I 58 -3.21 17.92 -62.14
N LEU I 59 -4.47 17.99 -61.69
CA LEU I 59 -5.08 16.95 -60.83
C LEU I 59 -5.16 15.60 -61.55
N GLU I 60 -5.51 15.60 -62.85
CA GLU I 60 -5.52 14.41 -63.70
C GLU I 60 -4.11 13.80 -63.86
N TYR I 61 -3.09 14.62 -64.16
CA TYR I 61 -1.70 14.17 -64.26
C TYR I 61 -1.20 13.52 -62.96
N LEU I 62 -1.39 14.18 -61.82
CA LEU I 62 -0.97 13.63 -60.52
C LEU I 62 -1.73 12.35 -60.17
N THR I 63 -3.03 12.31 -60.48
CA THR I 63 -3.87 11.11 -60.34
C THR I 63 -3.32 9.95 -61.20
N ALA I 64 -2.97 10.21 -62.46
CA ALA I 64 -2.35 9.22 -63.34
C ALA I 64 -0.99 8.73 -62.83
N GLU I 65 -0.12 9.64 -62.37
CA GLU I 65 1.20 9.29 -61.85
C GLU I 65 1.12 8.40 -60.59
N ILE I 66 0.21 8.71 -59.65
CA ILE I 66 -0.04 7.85 -58.47
C ILE I 66 -0.61 6.49 -58.89
N LEU I 67 -1.64 6.46 -59.74
CA LEU I 67 -2.29 5.20 -60.17
C LEU I 67 -1.37 4.32 -61.03
N GLU I 68 -0.46 4.89 -61.82
CA GLU I 68 0.58 4.17 -62.54
C GLU I 68 1.47 3.37 -61.57
N LEU I 69 2.06 4.06 -60.60
CA LEU I 69 2.94 3.46 -59.58
C LEU I 69 2.17 2.49 -58.66
N ALA I 70 0.95 2.86 -58.23
CA ALA I 70 0.12 2.01 -57.37
C ALA I 70 -0.37 0.75 -58.09
N GLY I 71 -0.68 0.83 -59.39
CA GLY I 71 -0.99 -0.35 -60.20
C GLY I 71 0.20 -1.30 -60.36
N ASN I 72 1.43 -0.76 -60.48
CA ASN I 72 2.64 -1.58 -60.44
C ASN I 72 2.85 -2.23 -59.06
N ALA I 73 2.64 -1.50 -57.96
CA ALA I 73 2.70 -2.04 -56.60
C ALA I 73 1.63 -3.14 -56.36
N ALA I 74 0.41 -2.95 -56.86
CA ALA I 74 -0.65 -3.97 -56.84
C ALA I 74 -0.26 -5.23 -57.61
N ARG I 75 0.29 -5.07 -58.83
CA ARG I 75 0.76 -6.18 -59.68
C ARG I 75 1.94 -6.93 -59.07
N ASP I 76 2.87 -6.24 -58.41
CA ASP I 76 3.95 -6.85 -57.62
C ASP I 76 3.42 -7.63 -56.39
N ASN I 77 2.35 -7.14 -55.75
CA ASN I 77 1.59 -7.87 -54.71
C ASN I 77 0.66 -8.96 -55.30
N LYS I 78 0.66 -9.16 -56.62
CA LYS I 78 -0.19 -10.08 -57.40
C LYS I 78 -1.71 -9.84 -57.26
N LYS I 79 -2.09 -8.59 -56.96
CA LYS I 79 -3.49 -8.12 -56.84
C LYS I 79 -3.98 -7.46 -58.11
N THR I 80 -5.23 -7.73 -58.50
CA THR I 80 -5.92 -7.04 -59.60
C THR I 80 -6.41 -5.64 -59.19
N ARG I 81 -6.64 -5.38 -57.90
CA ARG I 81 -7.08 -4.07 -57.39
C ARG I 81 -6.00 -3.34 -56.58
N ILE I 82 -5.96 -2.02 -56.76
CA ILE I 82 -5.21 -1.08 -55.91
C ILE I 82 -5.89 -0.97 -54.55
N ILE I 83 -5.12 -1.13 -53.46
CA ILE I 83 -5.56 -0.99 -52.06
C ILE I 83 -4.70 0.08 -51.35
N PRO I 84 -5.04 0.54 -50.12
CA PRO I 84 -4.31 1.61 -49.42
C PRO I 84 -2.81 1.37 -49.26
N ARG I 85 -2.38 0.12 -49.06
CA ARG I 85 -0.97 -0.28 -49.05
C ARG I 85 -0.26 -0.02 -50.37
N HIS I 86 -0.90 -0.26 -51.50
CA HIS I 86 -0.32 0.01 -52.84
C HIS I 86 -0.18 1.51 -53.11
N LEU I 87 -1.14 2.33 -52.64
CA LEU I 87 -1.04 3.79 -52.67
C LEU I 87 0.11 4.30 -51.79
N GLN I 88 0.23 3.81 -50.55
CA GLN I 88 1.34 4.17 -49.65
C GLN I 88 2.71 3.72 -50.21
N LEU I 89 2.81 2.50 -50.77
CA LEU I 89 4.02 2.02 -51.44
C LEU I 89 4.42 2.92 -52.61
N ALA I 90 3.47 3.30 -53.47
CA ALA I 90 3.71 4.22 -54.58
C ALA I 90 4.18 5.62 -54.10
N ILE I 91 3.49 6.18 -53.11
CA ILE I 91 3.73 7.54 -52.59
C ILE I 91 5.06 7.62 -51.81
N ARG I 92 5.48 6.57 -51.09
CA ARG I 92 6.67 6.61 -50.22
C ARG I 92 7.96 6.10 -50.87
N ASN I 93 7.89 5.23 -51.88
CA ASN I 93 9.09 4.83 -52.65
C ASN I 93 9.57 5.93 -53.62
N ASP I 94 8.66 6.69 -54.23
CA ASP I 94 9.02 7.88 -55.00
C ASP I 94 9.33 9.10 -54.10
N GLU I 95 10.53 9.66 -54.23
CA GLU I 95 10.96 10.80 -53.40
C GLU I 95 10.08 12.05 -53.59
N GLU I 96 9.61 12.32 -54.81
CA GLU I 96 8.83 13.53 -55.11
C GLU I 96 7.38 13.46 -54.61
N LEU I 97 6.68 12.33 -54.77
CA LEU I 97 5.39 12.11 -54.09
C LEU I 97 5.55 12.12 -52.57
N ASN I 98 6.63 11.56 -52.02
CA ASN I 98 6.89 11.59 -50.57
C ASN I 98 7.12 13.03 -50.07
N LYS I 99 7.80 13.88 -50.85
CA LYS I 99 7.98 15.32 -50.57
C LYS I 99 6.66 16.10 -50.66
N LEU I 100 5.83 15.80 -51.67
CA LEU I 100 4.50 16.43 -51.86
C LEU I 100 3.51 16.07 -50.73
N LEU I 101 3.61 14.87 -50.17
CA LEU I 101 2.68 14.29 -49.18
C LEU I 101 3.35 13.97 -47.83
N GLY I 102 4.38 14.72 -47.44
CA GLY I 102 5.26 14.39 -46.30
C GLY I 102 4.55 14.33 -44.94
N ARG I 103 3.61 15.24 -44.69
CA ARG I 103 2.83 15.33 -43.43
C ARG I 103 1.48 14.58 -43.45
N VAL I 104 1.12 13.99 -44.59
CA VAL I 104 -0.18 13.30 -44.78
C VAL I 104 -0.16 11.91 -44.12
N THR I 105 -1.17 11.60 -43.32
CA THR I 105 -1.46 10.24 -42.83
C THR I 105 -2.41 9.54 -43.80
N ILE I 106 -2.11 8.30 -44.20
CA ILE I 106 -2.96 7.50 -45.11
C ILE I 106 -3.53 6.30 -44.34
N ALA I 107 -4.86 6.22 -44.22
CA ALA I 107 -5.54 5.15 -43.48
C ALA I 107 -5.23 3.75 -44.07
N GLN I 108 -5.01 2.75 -43.22
CA GLN I 108 -4.66 1.36 -43.59
C GLN I 108 -3.40 1.19 -44.47
N GLY I 109 -2.54 2.21 -44.64
CA GLY I 109 -1.32 2.14 -45.47
C GLY I 109 -0.08 1.58 -44.75
N GLY I 110 0.01 1.76 -43.43
CA GLY I 110 1.18 1.38 -42.62
C GLY I 110 2.46 2.16 -43.00
N VAL I 111 3.62 1.60 -42.64
CA VAL I 111 4.96 2.14 -43.00
C VAL I 111 5.74 1.13 -43.86
N LEU I 112 6.81 1.58 -44.54
CA LEU I 112 7.69 0.68 -45.31
C LEU I 112 8.49 -0.26 -44.38
N PRO I 113 8.78 -1.52 -44.80
CA PRO I 113 9.73 -2.39 -44.11
C PRO I 113 11.13 -1.75 -44.07
N ASN I 114 11.64 -1.47 -42.86
CA ASN I 114 12.87 -0.72 -42.61
C ASN I 114 13.41 -1.00 -41.20
N ILE I 115 14.67 -1.46 -41.11
CA ILE I 115 15.40 -1.73 -39.87
C ILE I 115 16.80 -1.10 -39.95
N GLN I 116 17.21 -0.38 -38.90
CA GLN I 116 18.52 0.28 -38.84
C GLN I 116 19.67 -0.74 -38.68
N ALA I 117 20.81 -0.49 -39.33
CA ALA I 117 21.94 -1.44 -39.39
C ALA I 117 22.54 -1.80 -38.01
N VAL I 118 22.43 -0.90 -37.02
CA VAL I 118 22.86 -1.14 -35.62
C VAL I 118 22.02 -2.24 -34.93
N LEU I 119 20.75 -2.39 -35.32
CA LEU I 119 19.82 -3.37 -34.72
C LEU I 119 19.96 -4.78 -35.33
N LEU I 120 20.37 -4.88 -36.59
CA LEU I 120 20.54 -6.14 -37.32
C LEU I 120 21.74 -6.98 -36.79
N PRO I 121 21.70 -8.32 -36.90
CA PRO I 121 22.80 -9.21 -36.53
C PRO I 121 24.00 -9.11 -37.50
N LYS I 122 25.14 -9.72 -37.09
CA LYS I 122 26.42 -9.77 -37.82
C LYS I 122 26.95 -8.38 -38.21
N ARG J 37 -26.84 15.83 -54.93
CA ARG J 37 -26.96 15.18 -53.58
C ARG J 37 -25.58 14.99 -52.93
N LYS J 38 -24.78 13.97 -53.29
CA LYS J 38 -23.39 13.74 -52.82
C LYS J 38 -22.43 13.49 -54.00
N GLU J 39 -21.85 14.57 -54.54
CA GLU J 39 -20.85 14.54 -55.61
C GLU J 39 -19.47 14.03 -55.14
N SER J 40 -18.65 13.54 -56.08
CA SER J 40 -17.29 13.00 -55.81
C SER J 40 -16.32 13.17 -57.00
N TYR J 41 -15.05 12.81 -56.80
CA TYR J 41 -14.07 12.65 -57.90
C TYR J 41 -13.94 11.20 -58.39
N SER J 42 -14.68 10.25 -57.81
CA SER J 42 -14.38 8.81 -57.92
C SER J 42 -14.41 8.26 -59.35
N ILE J 43 -15.38 8.69 -60.17
CA ILE J 43 -15.44 8.23 -61.58
C ILE J 43 -14.25 8.72 -62.39
N TYR J 44 -13.68 9.90 -62.09
CA TYR J 44 -12.52 10.44 -62.80
C TYR J 44 -11.23 9.72 -62.40
N VAL J 45 -11.09 9.35 -61.12
CA VAL J 45 -10.02 8.44 -60.65
C VAL J 45 -10.10 7.10 -61.40
N TYR J 46 -11.29 6.51 -61.55
CA TYR J 46 -11.46 5.26 -62.31
C TYR J 46 -11.20 5.42 -63.82
N LYS J 47 -11.72 6.48 -64.46
CA LYS J 47 -11.46 6.81 -65.88
C LYS J 47 -9.96 6.95 -66.16
N VAL J 48 -9.21 7.60 -65.26
CA VAL J 48 -7.74 7.68 -65.34
C VAL J 48 -7.06 6.33 -65.05
N LEU J 49 -7.56 5.52 -64.12
CA LEU J 49 -7.07 4.15 -63.90
C LEU J 49 -7.17 3.30 -65.18
N LYS J 50 -8.28 3.38 -65.92
CA LYS J 50 -8.43 2.70 -67.23
C LYS J 50 -7.41 3.15 -68.28
N GLN J 51 -6.93 4.40 -68.22
CA GLN J 51 -5.88 4.90 -69.13
C GLN J 51 -4.49 4.33 -68.78
N VAL J 52 -4.11 4.30 -67.49
CA VAL J 52 -2.78 3.81 -67.07
C VAL J 52 -2.68 2.28 -67.01
N HIS J 53 -3.72 1.60 -66.54
CA HIS J 53 -3.79 0.14 -66.37
C HIS J 53 -5.22 -0.40 -66.62
N PRO J 54 -5.58 -0.76 -67.87
CA PRO J 54 -6.95 -1.13 -68.24
C PRO J 54 -7.58 -2.26 -67.40
N ASP J 55 -6.80 -3.30 -67.09
CA ASP J 55 -7.27 -4.47 -66.32
C ASP J 55 -7.35 -4.23 -64.80
N THR J 56 -6.68 -3.21 -64.28
CA THR J 56 -6.56 -2.94 -62.83
C THR J 56 -7.82 -2.27 -62.26
N GLY J 57 -8.25 -2.69 -61.07
CA GLY J 57 -9.33 -2.06 -60.29
C GLY J 57 -8.83 -1.31 -59.06
N ILE J 58 -9.73 -0.86 -58.17
CA ILE J 58 -9.39 -0.08 -56.97
C ILE J 58 -10.43 -0.26 -55.85
N SER J 59 -9.96 -0.46 -54.60
CA SER J 59 -10.83 -0.63 -53.43
C SER J 59 -11.55 0.66 -53.03
N SER J 60 -12.64 0.56 -52.28
CA SER J 60 -13.39 1.71 -51.77
C SER J 60 -12.54 2.60 -50.85
N LYS J 61 -11.69 2.01 -49.99
CA LYS J 61 -10.75 2.75 -49.14
C LYS J 61 -9.67 3.47 -49.96
N ALA J 62 -9.11 2.81 -50.98
CA ALA J 62 -8.16 3.42 -51.90
C ALA J 62 -8.80 4.56 -52.72
N MET J 63 -10.04 4.38 -53.20
CA MET J 63 -10.82 5.42 -53.87
C MET J 63 -11.08 6.63 -52.95
N GLY J 64 -11.38 6.39 -51.66
CA GLY J 64 -11.49 7.44 -50.64
C GLY J 64 -10.19 8.22 -50.46
N ILE J 65 -9.05 7.52 -50.40
CA ILE J 65 -7.71 8.15 -50.31
C ILE J 65 -7.43 9.01 -51.55
N MET J 66 -7.77 8.55 -52.75
CA MET J 66 -7.62 9.34 -53.99
C MET J 66 -8.56 10.57 -54.01
N ASN J 67 -9.79 10.45 -53.49
CA ASN J 67 -10.67 11.62 -53.30
C ASN J 67 -10.08 12.62 -52.30
N SER J 68 -9.50 12.17 -51.18
CA SER J 68 -8.79 13.06 -50.23
C SER J 68 -7.60 13.76 -50.90
N PHE J 69 -6.79 13.05 -51.70
CA PHE J 69 -5.68 13.62 -52.46
C PHE J 69 -6.13 14.72 -53.43
N VAL J 70 -7.14 14.45 -54.26
CA VAL J 70 -7.65 15.43 -55.23
C VAL J 70 -8.22 16.68 -54.53
N ASN J 71 -8.98 16.51 -53.44
CA ASN J 71 -9.48 17.63 -52.64
C ASN J 71 -8.34 18.46 -52.01
N ASP J 72 -7.35 17.82 -51.41
CA ASP J 72 -6.20 18.49 -50.78
C ASP J 72 -5.39 19.30 -51.82
N ILE J 73 -4.97 18.69 -52.92
CA ILE J 73 -4.21 19.38 -53.97
C ILE J 73 -5.03 20.50 -54.64
N PHE J 74 -6.35 20.33 -54.83
CA PHE J 74 -7.24 21.41 -55.27
C PHE J 74 -7.21 22.60 -54.29
N GLU J 75 -7.41 22.35 -52.99
CA GLU J 75 -7.38 23.38 -51.94
C GLU J 75 -6.01 24.11 -51.88
N ARG J 76 -4.89 23.38 -52.00
CA ARG J 76 -3.55 23.98 -52.04
C ARG J 76 -3.39 24.93 -53.24
N ILE J 77 -3.66 24.45 -54.46
CA ILE J 77 -3.45 25.23 -55.69
C ILE J 77 -4.40 26.44 -55.75
N ALA J 78 -5.69 26.26 -55.43
CA ALA J 78 -6.67 27.35 -55.38
C ALA J 78 -6.34 28.38 -54.29
N GLY J 79 -5.85 27.94 -53.12
CA GLY J 79 -5.40 28.81 -52.03
C GLY J 79 -4.15 29.63 -52.40
N GLU J 80 -3.13 29.01 -53.01
CA GLU J 80 -1.95 29.74 -53.47
C GLU J 80 -2.27 30.66 -54.66
N ALA J 81 -3.16 30.26 -55.56
CA ALA J 81 -3.67 31.13 -56.64
C ALA J 81 -4.43 32.36 -56.08
N SER J 82 -5.24 32.17 -55.03
CA SER J 82 -5.88 33.26 -54.29
C SER J 82 -4.85 34.23 -53.67
N ARG J 83 -3.82 33.69 -52.99
CA ARG J 83 -2.70 34.50 -52.45
C ARG J 83 -1.98 35.28 -53.54
N LEU J 84 -1.60 34.62 -54.65
CA LEU J 84 -0.96 35.27 -55.80
C LEU J 84 -1.80 36.41 -56.40
N ALA J 85 -3.12 36.23 -56.50
CA ALA J 85 -4.03 37.29 -56.93
C ALA J 85 -4.05 38.47 -55.94
N HIS J 86 -4.20 38.22 -54.63
CA HIS J 86 -4.18 39.24 -53.57
C HIS J 86 -2.85 40.02 -53.52
N TYR J 87 -1.71 39.33 -53.63
CA TYR J 87 -0.37 39.95 -53.66
C TYR J 87 -0.16 40.90 -54.85
N ASN J 88 -1.01 40.82 -55.88
CA ASN J 88 -0.97 41.63 -57.10
C ASN J 88 -2.28 42.40 -57.37
N LYS J 89 -3.14 42.54 -56.34
CA LYS J 89 -4.46 43.23 -56.38
C LYS J 89 -5.44 42.71 -57.44
N ARG J 90 -5.19 41.52 -58.04
CA ARG J 90 -5.97 40.98 -59.17
C ARG J 90 -7.32 40.43 -58.70
N SER J 91 -8.39 40.76 -59.43
CA SER J 91 -9.73 40.18 -59.24
C SER J 91 -9.82 38.74 -59.76
N THR J 92 -9.02 38.40 -60.78
CA THR J 92 -9.06 37.14 -61.52
C THR J 92 -8.01 36.14 -61.04
N ILE J 93 -8.38 34.86 -60.86
CA ILE J 93 -7.44 33.74 -60.96
C ILE J 93 -7.40 33.31 -62.44
N THR J 94 -6.27 33.54 -63.10
CA THR J 94 -6.00 33.10 -64.49
C THR J 94 -5.20 31.79 -64.50
N SER J 95 -4.99 31.20 -65.68
CA SER J 95 -4.06 30.08 -65.85
C SER J 95 -2.64 30.41 -65.35
N ARG J 96 -2.21 31.69 -65.38
CA ARG J 96 -0.92 32.15 -64.83
C ARG J 96 -0.86 32.05 -63.30
N GLU J 97 -1.94 32.37 -62.58
CA GLU J 97 -2.02 32.12 -61.12
C GLU J 97 -1.93 30.63 -60.81
N ILE J 98 -2.65 29.78 -61.54
CA ILE J 98 -2.57 28.32 -61.38
C ILE J 98 -1.15 27.81 -61.69
N GLN J 99 -0.53 28.27 -62.79
CA GLN J 99 0.85 27.92 -63.18
C GLN J 99 1.87 28.26 -62.09
N THR J 100 1.85 29.50 -61.57
CA THR J 100 2.77 29.93 -60.51
C THR J 100 2.49 29.21 -59.19
N ALA J 101 1.22 28.98 -58.84
CA ALA J 101 0.84 28.16 -57.67
C ALA J 101 1.42 26.75 -57.77
N VAL J 102 1.26 26.08 -58.93
CA VAL J 102 1.81 24.75 -59.19
C VAL J 102 3.35 24.72 -59.10
N ARG J 103 4.03 25.72 -59.68
CA ARG J 103 5.51 25.87 -59.58
C ARG J 103 6.01 26.09 -58.15
N LEU J 104 5.25 26.80 -57.31
CA LEU J 104 5.56 26.98 -55.88
C LEU J 104 5.31 25.69 -55.07
N LEU J 105 4.19 25.02 -55.32
CA LEU J 105 3.70 23.90 -54.50
C LEU J 105 4.38 22.56 -54.80
N LEU J 106 4.52 22.18 -56.06
CA LEU J 106 5.05 20.85 -56.44
C LEU J 106 6.60 20.82 -56.46
N PRO J 107 7.22 19.68 -56.10
CA PRO J 107 8.65 19.46 -56.26
C PRO J 107 9.05 19.03 -57.68
N GLY J 108 10.33 19.20 -58.02
CA GLY J 108 11.06 18.42 -59.03
C GLY J 108 10.39 18.23 -60.40
N GLU J 109 10.44 17.00 -60.91
CA GLU J 109 9.85 16.59 -62.18
C GLU J 109 8.31 16.60 -62.16
N LEU J 110 7.67 16.31 -61.01
CA LEU J 110 6.21 16.44 -60.85
C LEU J 110 5.74 17.85 -61.25
N ALA J 111 6.44 18.90 -60.81
CA ALA J 111 6.13 20.28 -61.19
C ALA J 111 6.27 20.53 -62.70
N LYS J 112 7.37 20.08 -63.33
CA LYS J 112 7.61 20.24 -64.77
C LYS J 112 6.55 19.54 -65.62
N HIS J 113 6.20 18.30 -65.26
CA HIS J 113 5.16 17.51 -65.94
C HIS J 113 3.77 18.14 -65.74
N ALA J 114 3.42 18.55 -64.51
CA ALA J 114 2.16 19.23 -64.20
C ALA J 114 2.02 20.55 -65.00
N VAL J 115 3.09 21.35 -65.10
CA VAL J 115 3.12 22.56 -65.93
C VAL J 115 2.92 22.22 -67.42
N SER J 116 3.61 21.20 -67.93
CA SER J 116 3.47 20.76 -69.32
C SER J 116 2.04 20.32 -69.65
N GLU J 117 1.44 19.43 -68.85
CA GLU J 117 0.05 18.97 -69.05
C GLU J 117 -0.99 20.09 -68.86
N GLY J 118 -0.77 21.01 -67.91
CA GLY J 118 -1.59 22.22 -67.74
C GLY J 118 -1.61 23.08 -69.00
N THR J 119 -0.44 23.41 -69.54
CA THR J 119 -0.29 24.18 -70.80
C THR J 119 -0.89 23.43 -71.99
N LYS J 120 -0.60 22.13 -72.15
CA LYS J 120 -1.12 21.30 -73.27
C LYS J 120 -2.65 21.26 -73.29
N ALA J 121 -3.29 21.05 -72.13
CA ALA J 121 -4.75 21.04 -72.01
C ALA J 121 -5.36 22.41 -72.36
N VAL J 122 -4.78 23.52 -71.87
CA VAL J 122 -5.22 24.88 -72.21
C VAL J 122 -5.05 25.17 -73.72
N THR J 123 -3.93 24.78 -74.32
CA THR J 123 -3.71 24.92 -75.78
C THR J 123 -4.77 24.16 -76.58
N LYS J 124 -5.03 22.88 -76.26
CA LYS J 124 -6.04 22.07 -76.95
C LYS J 124 -7.47 22.61 -76.76
N TYR J 125 -7.78 23.13 -75.57
CA TYR J 125 -9.04 23.80 -75.27
C TYR J 125 -9.25 25.10 -76.08
N THR J 126 -8.20 25.92 -76.22
CA THR J 126 -8.26 27.22 -76.92
C THR J 126 -8.25 27.11 -78.45
N SER J 127 -7.52 26.15 -79.03
CA SER J 127 -7.35 26.00 -80.49
C SER J 127 -8.64 25.58 -81.25
N PRO M 42 32.02 -26.71 49.92
CA PRO M 42 31.04 -27.82 49.74
C PRO M 42 29.98 -27.54 48.67
N HIS M 43 29.28 -28.58 48.20
CA HIS M 43 28.22 -28.47 47.19
C HIS M 43 27.00 -27.66 47.68
N ARG M 44 26.42 -26.84 46.78
CA ARG M 44 25.11 -26.20 46.92
C ARG M 44 24.49 -25.96 45.55
N TYR M 45 23.30 -26.51 45.30
CA TYR M 45 22.55 -26.22 44.08
C TYR M 45 22.15 -24.74 43.99
N ARG M 46 22.22 -24.16 42.78
CA ARG M 46 21.84 -22.75 42.56
C ARG M 46 20.32 -22.53 42.75
N PRO M 47 19.86 -21.31 43.12
CA PRO M 47 18.44 -20.99 43.24
C PRO M 47 17.68 -21.34 41.95
N GLY M 48 16.58 -22.08 42.11
CA GLY M 48 15.75 -22.60 41.02
C GLY M 48 16.16 -23.96 40.45
N THR M 49 17.39 -24.44 40.67
CA THR M 49 17.83 -25.76 40.17
C THR M 49 17.12 -26.91 40.88
N VAL M 50 16.98 -26.85 42.20
CA VAL M 50 16.20 -27.83 42.97
C VAL M 50 14.71 -27.59 42.80
N ALA M 51 14.27 -26.34 42.60
CA ALA M 51 12.86 -26.03 42.30
C ALA M 51 12.34 -26.79 41.07
N LEU M 52 13.11 -26.82 39.97
CA LEU M 52 12.79 -27.61 38.78
C LEU M 52 12.79 -29.12 39.07
N ARG M 53 13.74 -29.62 39.87
CA ARG M 53 13.79 -31.03 40.29
C ARG M 53 12.57 -31.42 41.16
N GLU M 54 12.12 -30.55 42.04
CA GLU M 54 10.89 -30.70 42.82
C GLU M 54 9.62 -30.64 41.96
N ILE M 55 9.54 -29.75 40.96
CA ILE M 55 8.43 -29.74 39.99
C ILE M 55 8.37 -31.10 39.26
N ARG M 56 9.51 -31.57 38.72
CA ARG M 56 9.62 -32.87 38.04
C ARG M 56 9.18 -34.03 38.95
N ARG M 57 9.66 -34.06 40.20
CA ARG M 57 9.28 -35.04 41.24
C ARG M 57 7.76 -35.06 41.48
N TYR M 58 7.19 -33.93 41.90
CA TYR M 58 5.78 -33.88 42.33
C TYR M 58 4.78 -33.94 41.17
N GLN M 59 5.17 -33.64 39.93
CA GLN M 59 4.34 -33.94 38.74
C GLN M 59 4.44 -35.41 38.28
N LYS M 60 5.55 -36.10 38.54
CA LYS M 60 5.72 -37.54 38.24
C LYS M 60 4.96 -38.42 39.26
N SER M 61 5.02 -38.09 40.54
CA SER M 61 4.25 -38.73 41.62
C SER M 61 2.77 -38.29 41.63
N THR M 62 1.91 -39.03 42.34
CA THR M 62 0.45 -38.76 42.41
C THR M 62 -0.17 -38.89 43.82
N GLU M 63 0.65 -38.94 44.85
CA GLU M 63 0.21 -39.04 46.26
C GLU M 63 -0.45 -37.75 46.77
N LEU M 64 -1.21 -37.84 47.87
CA LEU M 64 -1.70 -36.66 48.60
C LEU M 64 -0.55 -36.00 49.38
N LEU M 65 -0.50 -34.66 49.32
CA LEU M 65 0.65 -33.83 49.72
C LEU M 65 0.45 -33.11 51.07
N ILE M 66 -0.78 -32.91 51.52
CA ILE M 66 -1.10 -32.36 52.86
C ILE M 66 -1.09 -33.49 53.92
N ARG M 67 -0.59 -33.18 55.12
CA ARG M 67 -0.64 -34.06 56.31
C ARG M 67 -2.09 -34.48 56.61
N LYS M 68 -2.38 -35.79 56.70
CA LYS M 68 -3.74 -36.35 56.77
C LYS M 68 -4.49 -35.90 58.02
N LEU M 69 -3.87 -36.00 59.19
CA LEU M 69 -4.48 -35.72 60.50
C LEU M 69 -4.88 -34.25 60.70
N PRO M 70 -4.03 -33.23 60.47
CA PRO M 70 -4.45 -31.83 60.58
C PRO M 70 -5.46 -31.42 59.49
N PHE M 71 -5.43 -32.05 58.30
CA PHE M 71 -6.50 -31.87 57.31
C PHE M 71 -7.85 -32.41 57.84
N GLN M 72 -7.87 -33.61 58.43
CA GLN M 72 -9.05 -34.17 59.10
C GLN M 72 -9.54 -33.26 60.25
N ARG M 73 -8.62 -32.75 61.08
CA ARG M 73 -8.90 -31.80 62.18
C ARG M 73 -9.58 -30.52 61.68
N LEU M 74 -9.11 -29.98 60.56
CA LEU M 74 -9.73 -28.83 59.86
C LEU M 74 -11.11 -29.17 59.27
N VAL M 75 -11.29 -30.35 58.66
CA VAL M 75 -12.60 -30.82 58.16
C VAL M 75 -13.63 -30.88 59.28
N ARG M 76 -13.27 -31.47 60.44
CA ARG M 76 -14.14 -31.52 61.64
C ARG M 76 -14.51 -30.12 62.15
N GLU M 77 -13.51 -29.24 62.28
CA GLU M 77 -13.71 -27.85 62.72
C GLU M 77 -14.69 -27.08 61.81
N ILE M 78 -14.53 -27.20 60.48
CA ILE M 78 -15.41 -26.55 59.50
C ILE M 78 -16.84 -27.15 59.55
N ALA M 79 -16.96 -28.48 59.60
CA ALA M 79 -18.26 -29.15 59.61
C ALA M 79 -19.10 -28.84 60.87
N GLN M 80 -18.46 -28.73 62.04
CA GLN M 80 -19.10 -28.41 63.32
C GLN M 80 -19.89 -27.08 63.30
N ASP M 81 -19.45 -26.10 62.49
CA ASP M 81 -20.15 -24.82 62.32
C ASP M 81 -21.47 -24.94 61.52
N PHE M 82 -21.57 -25.90 60.59
CA PHE M 82 -22.79 -26.14 59.81
C PHE M 82 -23.81 -27.02 60.56
N LYS M 83 -23.34 -28.04 61.28
CA LYS M 83 -24.17 -28.87 62.18
C LYS M 83 -23.33 -29.48 63.31
N THR M 84 -23.87 -29.48 64.53
CA THR M 84 -23.25 -30.09 65.71
C THR M 84 -23.33 -31.63 65.71
N ASP M 85 -22.46 -32.28 66.47
CA ASP M 85 -22.48 -33.74 66.74
C ASP M 85 -22.38 -34.64 65.49
N LEU M 86 -21.68 -34.18 64.45
CA LEU M 86 -21.39 -34.95 63.23
C LEU M 86 -20.31 -36.04 63.45
N ARG M 87 -20.28 -37.01 62.54
CA ARG M 87 -19.18 -37.97 62.32
C ARG M 87 -18.71 -37.94 60.86
N PHE M 88 -17.51 -38.42 60.57
CA PHE M 88 -16.96 -38.48 59.20
C PHE M 88 -16.35 -39.85 58.88
N GLN M 89 -16.79 -40.46 57.77
CA GLN M 89 -16.08 -41.62 57.20
C GLN M 89 -14.67 -41.21 56.73
N SER M 90 -13.68 -42.09 56.87
CA SER M 90 -12.32 -41.85 56.35
C SER M 90 -12.33 -41.60 54.82
N SER M 91 -13.19 -42.32 54.10
CA SER M 91 -13.44 -42.11 52.67
C SER M 91 -13.98 -40.71 52.34
N ALA M 92 -14.83 -40.12 53.19
CA ALA M 92 -15.30 -38.74 53.03
C ALA M 92 -14.17 -37.72 53.18
N VAL M 93 -13.30 -37.91 54.18
CA VAL M 93 -12.12 -37.05 54.40
C VAL M 93 -11.13 -37.16 53.24
N MET M 94 -10.88 -38.36 52.72
CA MET M 94 -10.02 -38.54 51.54
C MET M 94 -10.66 -37.98 50.26
N ALA M 95 -11.97 -38.11 50.07
CA ALA M 95 -12.68 -37.47 48.95
C ALA M 95 -12.57 -35.93 49.00
N LEU M 96 -12.68 -35.34 50.18
CA LEU M 96 -12.39 -33.92 50.39
C LEU M 96 -10.93 -33.59 50.06
N GLN M 97 -9.95 -34.35 50.57
CA GLN M 97 -8.53 -34.05 50.35
C GLN M 97 -8.12 -34.16 48.86
N GLU M 98 -8.60 -35.17 48.15
CA GLU M 98 -8.41 -35.31 46.69
C GLU M 98 -8.96 -34.10 45.93
N ALA M 99 -10.19 -33.66 46.24
CA ALA M 99 -10.81 -32.50 45.60
C ALA M 99 -10.08 -31.18 45.93
N CYS M 100 -9.75 -30.94 47.20
CA CYS M 100 -9.05 -29.74 47.66
C CYS M 100 -7.64 -29.63 47.05
N GLU M 101 -6.85 -30.70 47.06
CA GLU M 101 -5.52 -30.68 46.46
C GLU M 101 -5.55 -30.50 44.94
N ALA M 102 -6.48 -31.16 44.23
CA ALA M 102 -6.66 -30.96 42.79
C ALA M 102 -7.09 -29.52 42.44
N TYR M 103 -8.01 -28.94 43.23
CA TYR M 103 -8.44 -27.54 43.11
C TYR M 103 -7.26 -26.57 43.32
N LEU M 104 -6.46 -26.76 44.38
CA LEU M 104 -5.27 -25.93 44.64
C LEU M 104 -4.19 -26.10 43.57
N VAL M 105 -3.92 -27.31 43.08
CA VAL M 105 -2.96 -27.55 41.98
C VAL M 105 -3.38 -26.84 40.70
N GLY M 106 -4.65 -26.94 40.30
CA GLY M 106 -5.16 -26.23 39.13
C GLY M 106 -5.13 -24.71 39.30
N LEU M 107 -5.42 -24.22 40.52
CA LEU M 107 -5.28 -22.81 40.86
C LEU M 107 -3.82 -22.34 40.82
N PHE M 108 -2.85 -23.16 41.26
CA PHE M 108 -1.43 -22.86 41.12
C PHE M 108 -0.99 -22.84 39.66
N GLU M 109 -1.48 -23.71 38.79
CA GLU M 109 -1.21 -23.62 37.33
C GLU M 109 -1.73 -22.29 36.73
N ASP M 110 -2.97 -21.89 37.03
CA ASP M 110 -3.51 -20.59 36.60
C ASP M 110 -2.69 -19.42 37.18
N THR M 111 -2.33 -19.49 38.46
CA THR M 111 -1.50 -18.49 39.16
C THR M 111 -0.11 -18.37 38.54
N ASN M 112 0.50 -19.49 38.12
CA ASN M 112 1.78 -19.53 37.43
C ASN M 112 1.70 -18.79 36.08
N LEU M 113 0.62 -19.01 35.31
CA LEU M 113 0.35 -18.26 34.08
C LEU M 113 0.16 -16.76 34.33
N CYS M 114 -0.57 -16.36 35.38
CA CYS M 114 -0.70 -14.95 35.79
C CYS M 114 0.67 -14.31 36.08
N ALA M 115 1.55 -14.98 36.82
CA ALA M 115 2.89 -14.48 37.13
C ALA M 115 3.76 -14.34 35.87
N ILE M 116 3.79 -15.36 35.01
CA ILE M 116 4.56 -15.39 33.77
C ILE M 116 4.06 -14.32 32.77
N HIS M 117 2.76 -14.04 32.72
CA HIS M 117 2.19 -12.95 31.91
C HIS M 117 2.67 -11.56 32.37
N ALA M 118 2.86 -11.38 33.69
CA ALA M 118 3.52 -10.23 34.30
C ALA M 118 5.07 -10.30 34.27
N LYS M 119 5.66 -11.23 33.49
CA LYS M 119 7.10 -11.50 33.34
C LYS M 119 7.84 -11.95 34.62
N ARG M 120 7.11 -12.29 35.69
CA ARG M 120 7.64 -12.83 36.94
C ARG M 120 7.74 -14.36 36.92
N VAL M 121 8.65 -14.91 37.73
CA VAL M 121 8.70 -16.35 38.07
C VAL M 121 8.16 -16.63 39.48
N THR M 122 8.09 -15.59 40.31
CA THR M 122 7.55 -15.58 41.68
C THR M 122 6.04 -15.39 41.64
N ILE M 123 5.26 -16.40 42.07
CA ILE M 123 3.82 -16.21 42.29
C ILE M 123 3.56 -15.38 43.55
N MET M 124 2.51 -14.55 43.51
CA MET M 124 2.08 -13.66 44.60
C MET M 124 0.53 -13.67 44.71
N PRO M 125 -0.08 -13.21 45.83
CA PRO M 125 -1.54 -13.22 45.99
C PRO M 125 -2.33 -12.52 44.86
N LYS M 126 -1.77 -11.45 44.26
CA LYS M 126 -2.31 -10.80 43.06
C LYS M 126 -2.52 -11.75 41.85
N ASP M 127 -1.65 -12.76 41.69
CA ASP M 127 -1.80 -13.81 40.67
C ASP M 127 -2.96 -14.77 40.97
N ILE M 128 -3.12 -15.17 42.24
CA ILE M 128 -4.25 -15.99 42.71
C ILE M 128 -5.55 -15.22 42.50
N GLN M 129 -5.58 -13.95 42.88
CA GLN M 129 -6.75 -13.08 42.76
C GLN M 129 -7.17 -12.88 41.30
N LEU M 130 -6.22 -12.67 40.37
CA LEU M 130 -6.53 -12.62 38.93
C LEU M 130 -7.14 -13.94 38.43
N ALA M 131 -6.58 -15.09 38.85
CA ALA M 131 -7.09 -16.40 38.48
C ALA M 131 -8.54 -16.60 38.99
N ARG M 132 -8.80 -16.42 40.28
CA ARG M 132 -10.15 -16.59 40.87
C ARG M 132 -11.18 -15.60 40.33
N ARG M 133 -10.77 -14.36 40.04
CA ARG M 133 -11.65 -13.31 39.47
C ARG M 133 -12.06 -13.62 38.02
N ILE M 134 -11.13 -14.09 37.18
CA ILE M 134 -11.44 -14.50 35.79
C ILE M 134 -12.21 -15.84 35.75
N ARG M 135 -11.92 -16.79 36.65
CA ARG M 135 -12.77 -17.99 36.87
C ARG M 135 -14.21 -17.61 37.27
N GLY M 136 -14.37 -16.54 38.05
CA GLY M 136 -15.65 -16.08 38.58
C GLY M 136 -16.11 -16.82 39.85
N GLU M 137 -15.16 -17.22 40.71
CA GLU M 137 -15.44 -17.92 41.98
C GLU M 137 -16.20 -17.05 43.01
N ASN N 29 -7.62 -24.28 63.74
CA ASN N 29 -6.56 -25.25 63.28
C ASN N 29 -6.00 -25.02 61.86
N ILE N 30 -6.41 -24.01 61.05
CA ILE N 30 -5.99 -23.85 59.64
C ILE N 30 -4.46 -23.76 59.43
N GLN N 31 -3.71 -23.25 60.41
CA GLN N 31 -2.23 -23.21 60.39
C GLN N 31 -1.57 -24.60 60.35
N GLY N 32 -2.30 -25.67 60.72
CA GLY N 32 -1.86 -27.07 60.61
C GLY N 32 -1.72 -27.57 59.16
N ILE N 33 -2.27 -26.85 58.17
CA ILE N 33 -1.93 -27.05 56.75
C ILE N 33 -0.51 -26.54 56.54
N THR N 34 0.45 -27.45 56.38
CA THR N 34 1.89 -27.16 56.54
C THR N 34 2.43 -26.28 55.40
N LYS N 35 3.44 -25.45 55.70
CA LYS N 35 4.15 -24.64 54.70
C LYS N 35 4.74 -25.51 53.57
N PRO N 36 5.51 -26.60 53.86
CA PRO N 36 5.99 -27.50 52.82
C PRO N 36 4.89 -28.23 52.05
N ALA N 37 3.72 -28.56 52.63
CA ALA N 37 2.59 -29.11 51.85
C ALA N 37 2.09 -28.11 50.79
N ILE N 38 1.95 -26.83 51.13
CA ILE N 38 1.56 -25.79 50.18
C ILE N 38 2.65 -25.61 49.10
N ARG N 39 3.94 -25.67 49.48
CA ARG N 39 5.06 -25.69 48.51
C ARG N 39 4.98 -26.89 47.56
N ARG N 40 4.74 -28.11 48.05
CA ARG N 40 4.54 -29.31 47.21
C ARG N 40 3.39 -29.16 46.22
N LEU N 41 2.26 -28.59 46.65
CA LEU N 41 1.12 -28.28 45.76
C LEU N 41 1.48 -27.27 44.67
N ALA N 42 2.21 -26.21 45.01
CA ALA N 42 2.73 -25.23 44.04
C ALA N 42 3.75 -25.87 43.07
N ARG N 43 4.64 -26.75 43.55
CA ARG N 43 5.58 -27.52 42.71
C ARG N 43 4.86 -28.45 41.73
N ARG N 44 3.81 -29.17 42.17
CA ARG N 44 2.92 -29.94 41.26
C ARG N 44 2.23 -29.02 40.23
N GLY N 45 1.85 -27.80 40.64
CA GLY N 45 1.38 -26.72 39.77
C GLY N 45 2.47 -26.04 38.89
N GLY N 46 3.71 -26.54 38.88
CA GLY N 46 4.80 -26.06 38.01
C GLY N 46 5.51 -24.79 38.49
N VAL N 47 5.33 -24.37 39.74
CA VAL N 47 5.79 -23.06 40.24
C VAL N 47 7.27 -23.08 40.68
N LYS N 48 8.10 -22.25 40.03
CA LYS N 48 9.55 -22.13 40.33
C LYS N 48 9.86 -21.34 41.61
N ARG N 49 9.18 -20.22 41.85
CA ARG N 49 9.38 -19.36 43.04
C ARG N 49 8.05 -18.95 43.67
N ILE N 50 7.96 -18.99 44.99
CA ILE N 50 6.70 -18.94 45.77
C ILE N 50 6.80 -17.84 46.83
N SER N 51 6.00 -16.77 46.71
CA SER N 51 6.01 -15.70 47.71
C SER N 51 5.62 -16.18 49.12
N GLY N 52 6.23 -15.61 50.15
CA GLY N 52 5.90 -15.87 51.55
C GLY N 52 4.46 -15.51 51.93
N LEU N 53 3.80 -14.66 51.14
CA LEU N 53 2.38 -14.30 51.28
C LEU N 53 1.41 -15.40 50.78
N ILE N 54 1.89 -16.36 49.97
CA ILE N 54 1.06 -17.42 49.36
C ILE N 54 0.46 -18.36 50.41
N TYR N 55 1.15 -18.63 51.52
CA TYR N 55 0.71 -19.62 52.51
C TYR N 55 -0.59 -19.19 53.21
N GLU N 56 -0.68 -17.94 53.65
CA GLU N 56 -1.89 -17.39 54.28
C GLU N 56 -3.04 -17.20 53.28
N GLU N 57 -2.74 -16.77 52.05
CA GLU N 57 -3.75 -16.66 50.98
C GLU N 57 -4.31 -18.04 50.59
N THR N 58 -3.43 -19.04 50.46
CA THR N 58 -3.80 -20.44 50.17
C THR N 58 -4.64 -21.03 51.30
N ARG N 59 -4.27 -20.80 52.56
CA ARG N 59 -5.03 -21.21 53.75
C ARG N 59 -6.45 -20.62 53.75
N GLY N 60 -6.59 -19.32 53.47
CA GLY N 60 -7.90 -18.66 53.33
C GLY N 60 -8.75 -19.25 52.19
N VAL N 61 -8.17 -19.39 51.01
CA VAL N 61 -8.84 -19.98 49.82
C VAL N 61 -9.25 -21.44 50.07
N LEU N 62 -8.37 -22.26 50.67
CA LEU N 62 -8.64 -23.65 51.05
C LEU N 62 -9.78 -23.74 52.09
N LYS N 63 -9.77 -22.88 53.12
CA LYS N 63 -10.85 -22.82 54.12
C LYS N 63 -12.20 -22.49 53.48
N VAL N 64 -12.26 -21.52 52.56
CA VAL N 64 -13.47 -21.18 51.80
C VAL N 64 -13.94 -22.33 50.90
N PHE N 65 -13.02 -23.00 50.19
CA PHE N 65 -13.36 -24.16 49.35
C PHE N 65 -13.91 -25.33 50.18
N LEU N 66 -13.24 -25.67 51.29
CA LEU N 66 -13.70 -26.67 52.27
C LEU N 66 -15.09 -26.33 52.81
N GLU N 67 -15.30 -25.08 53.24
CA GLU N 67 -16.62 -24.60 53.70
C GLU N 67 -17.71 -24.83 52.65
N ASN N 68 -17.48 -24.47 51.39
CA ASN N 68 -18.47 -24.65 50.32
C ASN N 68 -18.77 -26.13 50.03
N VAL N 69 -17.77 -27.02 49.98
CA VAL N 69 -18.02 -28.46 49.75
C VAL N 69 -18.68 -29.12 50.96
N ILE N 70 -18.18 -28.83 52.18
CA ILE N 70 -18.68 -29.44 53.42
C ILE N 70 -20.09 -28.97 53.76
N ARG N 71 -20.46 -27.70 53.51
CA ARG N 71 -21.83 -27.19 53.75
C ARG N 71 -22.88 -28.00 52.99
N ASP N 72 -22.61 -28.33 51.72
CA ASP N 72 -23.46 -29.22 50.94
C ASP N 72 -23.43 -30.66 51.44
N ALA N 73 -22.26 -31.23 51.72
CA ALA N 73 -22.15 -32.61 52.24
C ALA N 73 -22.89 -32.81 53.57
N VAL N 74 -22.79 -31.84 54.49
CA VAL N 74 -23.57 -31.80 55.74
C VAL N 74 -25.07 -31.62 55.46
N THR N 75 -25.44 -30.83 54.45
CA THR N 75 -26.85 -30.67 54.02
C THR N 75 -27.44 -31.98 53.47
N TYR N 76 -26.72 -32.73 52.62
CA TYR N 76 -27.12 -34.08 52.19
C TYR N 76 -27.18 -35.06 53.38
N THR N 77 -26.24 -34.98 54.33
CA THR N 77 -26.22 -35.79 55.56
C THR N 77 -27.47 -35.56 56.42
N GLU N 78 -27.83 -34.29 56.66
CA GLU N 78 -29.04 -33.91 57.41
C GLU N 78 -30.33 -34.28 56.66
N HIS N 79 -30.38 -34.13 55.33
CA HIS N 79 -31.52 -34.58 54.53
C HIS N 79 -31.80 -36.08 54.72
N ALA N 80 -30.74 -36.90 54.69
CA ALA N 80 -30.77 -38.33 54.97
C ALA N 80 -30.99 -38.71 56.46
N LYS N 81 -31.17 -37.73 57.36
CA LYS N 81 -31.32 -37.90 58.83
C LYS N 81 -30.12 -38.57 59.53
N ARG N 82 -28.95 -38.61 58.88
CA ARG N 82 -27.69 -39.15 59.42
C ARG N 82 -26.95 -38.15 60.32
N LYS N 83 -26.05 -38.65 61.16
CA LYS N 83 -24.95 -37.86 61.77
C LYS N 83 -23.63 -38.02 61.01
N THR N 84 -23.43 -39.17 60.37
CA THR N 84 -22.19 -39.55 59.69
C THR N 84 -22.19 -39.07 58.24
N VAL N 85 -21.25 -38.18 57.90
CA VAL N 85 -20.97 -37.72 56.52
C VAL N 85 -20.22 -38.81 55.75
N THR N 86 -20.70 -39.17 54.57
CA THR N 86 -20.14 -40.21 53.70
C THR N 86 -19.38 -39.63 52.50
N ALA N 87 -18.60 -40.48 51.81
CA ALA N 87 -17.99 -40.09 50.54
C ALA N 87 -19.04 -39.73 49.47
N MET N 88 -20.23 -40.36 49.49
CA MET N 88 -21.32 -40.01 48.58
C MET N 88 -21.85 -38.59 48.80
N ASP N 89 -22.00 -38.13 50.05
CA ASP N 89 -22.37 -36.74 50.34
C ASP N 89 -21.36 -35.73 49.76
N VAL N 90 -20.06 -36.04 49.87
CA VAL N 90 -18.97 -35.23 49.28
C VAL N 90 -19.01 -35.28 47.75
N VAL N 91 -19.25 -36.44 47.15
CA VAL N 91 -19.41 -36.59 45.68
C VAL N 91 -20.62 -35.81 45.16
N TYR N 92 -21.77 -35.85 45.84
CA TYR N 92 -22.95 -35.07 45.46
C TYR N 92 -22.67 -33.56 45.55
N ALA N 93 -22.03 -33.09 46.62
CA ALA N 93 -21.59 -31.70 46.77
C ALA N 93 -20.67 -31.26 45.61
N LEU N 94 -19.62 -32.03 45.32
CA LEU N 94 -18.68 -31.74 44.23
C LEU N 94 -19.34 -31.81 42.84
N LYS N 95 -20.25 -32.75 42.61
CA LYS N 95 -20.99 -32.88 41.34
C LYS N 95 -21.90 -31.67 41.10
N ARG N 96 -22.70 -31.24 42.09
CA ARG N 96 -23.58 -30.05 41.94
C ARG N 96 -22.80 -28.72 41.86
N GLN N 97 -21.61 -28.66 42.46
CA GLN N 97 -20.67 -27.53 42.36
C GLN N 97 -19.79 -27.57 41.09
N GLY N 98 -19.96 -28.56 40.21
CA GLY N 98 -19.30 -28.62 38.90
C GLY N 98 -17.82 -29.02 38.95
N ARG N 99 -17.42 -29.87 39.91
CA ARG N 99 -16.06 -30.43 40.07
C ARG N 99 -16.10 -31.93 40.37
N THR N 100 -16.91 -32.67 39.60
CA THR N 100 -17.24 -34.10 39.81
C THR N 100 -15.99 -34.96 40.06
N LEU N 101 -15.99 -35.75 41.14
CA LEU N 101 -14.85 -36.54 41.60
C LEU N 101 -15.06 -38.03 41.28
N TYR N 102 -14.19 -38.60 40.43
CA TYR N 102 -14.18 -40.04 40.11
C TYR N 102 -13.32 -40.84 41.11
N GLY N 103 -13.73 -42.09 41.38
CA GLY N 103 -12.97 -43.06 42.20
C GLY N 103 -13.63 -43.47 43.52
N PHE N 104 -14.58 -42.67 44.03
CA PHE N 104 -15.33 -42.93 45.28
C PHE N 104 -16.72 -43.56 45.07
N GLY N 105 -17.10 -43.85 43.80
CA GLY N 105 -18.36 -44.54 43.43
C GLY N 105 -18.36 -46.03 43.79
N ARG O 15 -71.80 -29.69 46.25
CA ARG O 15 -70.45 -29.58 46.89
C ARG O 15 -70.29 -28.24 47.62
N ALA O 16 -69.34 -28.16 48.55
CA ALA O 16 -68.91 -26.90 49.17
C ALA O 16 -68.21 -25.97 48.15
N LYS O 17 -68.13 -24.67 48.48
CA LYS O 17 -67.46 -23.65 47.65
C LYS O 17 -65.95 -23.94 47.53
N ALA O 18 -65.48 -24.19 46.30
CA ALA O 18 -64.08 -24.48 46.01
C ALA O 18 -63.17 -23.26 46.27
N LYS O 19 -61.93 -23.52 46.71
CA LYS O 19 -60.93 -22.51 47.12
C LYS O 19 -59.54 -22.96 46.67
N THR O 20 -58.69 -22.02 46.21
CA THR O 20 -57.35 -22.36 45.72
C THR O 20 -56.41 -22.78 46.86
N ARG O 21 -55.55 -23.78 46.60
CA ARG O 21 -54.43 -24.14 47.50
C ARG O 21 -53.46 -22.97 47.67
N SER O 22 -53.33 -22.13 46.64
CA SER O 22 -52.62 -20.84 46.67
C SER O 22 -53.15 -19.92 47.77
N SER O 23 -54.47 -19.65 47.81
CA SER O 23 -55.07 -18.77 48.83
C SER O 23 -55.11 -19.40 50.22
N ARG O 24 -55.26 -20.73 50.34
CA ARG O 24 -55.03 -21.46 51.62
C ARG O 24 -53.61 -21.24 52.16
N ALA O 25 -52.61 -21.34 51.28
CA ALA O 25 -51.19 -21.07 51.59
C ALA O 25 -50.86 -19.57 51.77
N GLY O 26 -51.77 -18.65 51.45
CA GLY O 26 -51.56 -17.19 51.52
C GLY O 26 -50.76 -16.59 50.35
N LEU O 27 -50.66 -17.34 49.24
CA LEU O 27 -49.83 -17.02 48.06
C LEU O 27 -50.63 -16.35 46.93
N GLN O 28 -49.93 -15.53 46.14
CA GLN O 28 -50.36 -15.14 44.79
C GLN O 28 -50.01 -16.25 43.78
N PHE O 29 -48.82 -16.84 43.87
CA PHE O 29 -48.30 -17.82 42.92
C PHE O 29 -49.14 -19.13 42.86
N PRO O 30 -49.28 -19.74 41.67
CA PRO O 30 -50.30 -20.76 41.40
C PRO O 30 -49.86 -22.16 41.86
N VAL O 31 -50.30 -22.60 43.04
CA VAL O 31 -50.00 -23.94 43.56
C VAL O 31 -50.48 -25.05 42.61
N GLY O 32 -51.63 -24.86 41.96
CA GLY O 32 -52.16 -25.77 40.94
C GLY O 32 -51.25 -25.94 39.72
N ARG O 33 -50.87 -24.84 39.06
CA ARG O 33 -49.96 -24.84 37.89
C ARG O 33 -48.56 -25.34 38.25
N VAL O 34 -48.02 -24.93 39.41
CA VAL O 34 -46.75 -25.44 39.95
C VAL O 34 -46.82 -26.94 40.21
N HIS O 35 -47.93 -27.45 40.77
CA HIS O 35 -48.17 -28.88 40.94
C HIS O 35 -48.22 -29.61 39.59
N ARG O 36 -48.98 -29.12 38.59
CA ARG O 36 -49.03 -29.73 37.25
C ARG O 36 -47.66 -29.83 36.60
N LEU O 37 -46.85 -28.79 36.71
CA LEU O 37 -45.47 -28.79 36.19
C LEU O 37 -44.58 -29.80 36.93
N LEU O 38 -44.76 -30.02 38.24
CA LEU O 38 -44.10 -31.12 38.97
C LEU O 38 -44.60 -32.51 38.51
N ARG O 39 -45.93 -32.69 38.33
CA ARG O 39 -46.53 -33.95 37.85
C ARG O 39 -46.04 -34.33 36.44
N LYS O 40 -46.16 -33.41 35.47
CA LYS O 40 -45.82 -33.63 34.04
C LYS O 40 -44.32 -33.50 33.73
N GLY O 41 -43.53 -32.89 34.62
CA GLY O 41 -42.06 -32.85 34.53
C GLY O 41 -41.37 -34.18 34.90
N ASN O 42 -42.10 -35.16 35.42
CA ASN O 42 -41.65 -36.51 35.78
C ASN O 42 -40.51 -36.55 36.84
N TYR O 43 -40.37 -35.51 37.67
CA TYR O 43 -39.29 -35.40 38.67
C TYR O 43 -39.29 -36.52 39.71
N SER O 44 -40.46 -37.12 40.00
CA SER O 44 -40.64 -38.25 40.91
C SER O 44 -41.97 -38.97 40.62
N GLU O 45 -42.11 -40.21 41.10
CA GLU O 45 -43.32 -41.02 40.90
C GLU O 45 -44.54 -40.51 41.70
N ARG O 46 -44.29 -39.81 42.82
CA ARG O 46 -45.27 -39.13 43.67
C ARG O 46 -44.79 -37.72 44.03
N VAL O 47 -45.69 -36.79 44.29
CA VAL O 47 -45.39 -35.38 44.66
C VAL O 47 -46.32 -34.98 45.82
N GLY O 48 -45.72 -34.74 46.99
CA GLY O 48 -46.46 -34.42 48.21
C GLY O 48 -47.12 -33.05 48.18
N ALA O 49 -48.29 -32.92 48.82
CA ALA O 49 -49.11 -31.69 48.74
C ALA O 49 -48.40 -30.42 49.23
N GLY O 50 -47.46 -30.54 50.16
CA GLY O 50 -46.61 -29.42 50.63
C GLY O 50 -45.54 -28.97 49.62
N ALA O 51 -45.10 -29.84 48.70
CA ALA O 51 -44.02 -29.53 47.74
C ALA O 51 -44.36 -28.38 46.78
N PRO O 52 -45.50 -28.38 46.04
CA PRO O 52 -45.86 -27.25 45.19
C PRO O 52 -46.21 -25.99 45.98
N VAL O 53 -46.75 -26.11 47.21
CA VAL O 53 -46.99 -24.98 48.12
C VAL O 53 -45.68 -24.29 48.49
N TYR O 54 -44.69 -25.05 48.96
CA TYR O 54 -43.36 -24.55 49.32
C TYR O 54 -42.66 -23.93 48.10
N LEU O 55 -42.68 -24.62 46.96
CA LEU O 55 -42.03 -24.17 45.72
C LEU O 55 -42.68 -22.87 45.18
N ALA O 56 -44.01 -22.78 45.16
CA ALA O 56 -44.72 -21.55 44.80
C ALA O 56 -44.35 -20.39 45.74
N ALA O 57 -44.26 -20.63 47.05
CA ALA O 57 -43.86 -19.62 48.03
C ALA O 57 -42.41 -19.13 47.84
N VAL O 58 -41.48 -20.03 47.51
CA VAL O 58 -40.08 -19.68 47.21
C VAL O 58 -39.97 -18.83 45.93
N LEU O 59 -40.66 -19.24 44.85
CA LEU O 59 -40.68 -18.49 43.59
C LEU O 59 -41.34 -17.11 43.77
N GLU O 60 -42.42 -17.02 44.56
CA GLU O 60 -43.06 -15.77 44.95
C GLU O 60 -42.12 -14.85 45.75
N TYR O 61 -41.45 -15.39 46.77
CA TYR O 61 -40.48 -14.62 47.58
C TYR O 61 -39.34 -14.07 46.72
N LEU O 62 -38.70 -14.90 45.90
CA LEU O 62 -37.59 -14.47 45.03
C LEU O 62 -38.07 -13.44 44.00
N THR O 63 -39.28 -13.61 43.47
CA THR O 63 -39.93 -12.61 42.60
C THR O 63 -40.12 -11.28 43.32
N ALA O 64 -40.61 -11.28 44.57
CA ALA O 64 -40.77 -10.08 45.38
C ALA O 64 -39.41 -9.41 45.69
N GLU O 65 -38.38 -10.19 46.04
CA GLU O 65 -37.03 -9.69 46.34
C GLU O 65 -36.41 -8.96 45.14
N ILE O 66 -36.51 -9.53 43.93
CA ILE O 66 -36.04 -8.87 42.70
C ILE O 66 -36.88 -7.62 42.38
N LEU O 67 -38.22 -7.71 42.42
CA LEU O 67 -39.09 -6.58 42.06
C LEU O 67 -39.03 -5.40 43.06
N GLU O 68 -38.78 -5.66 44.35
CA GLU O 68 -38.51 -4.64 45.36
C GLU O 68 -37.30 -3.80 44.95
N LEU O 69 -36.16 -4.47 44.69
CA LEU O 69 -34.91 -3.83 44.26
C LEU O 69 -35.03 -3.16 42.88
N ALA O 70 -35.70 -3.81 41.93
CA ALA O 70 -35.91 -3.26 40.58
C ALA O 70 -36.81 -2.03 40.58
N GLY O 71 -37.87 -2.00 41.40
CA GLY O 71 -38.70 -0.81 41.58
C GLY O 71 -37.95 0.36 42.22
N ASN O 72 -37.04 0.08 43.18
CA ASN O 72 -36.13 1.10 43.72
C ASN O 72 -35.16 1.62 42.64
N ALA O 73 -34.55 0.74 41.84
CA ALA O 73 -33.68 1.14 40.73
C ALA O 73 -34.43 1.98 39.66
N ALA O 74 -35.66 1.60 39.33
CA ALA O 74 -36.52 2.36 38.42
C ALA O 74 -36.83 3.77 38.96
N ARG O 75 -37.25 3.87 40.22
CA ARG O 75 -37.56 5.14 40.91
C ARG O 75 -36.33 6.05 41.03
N ASP O 76 -35.17 5.50 41.37
CA ASP O 76 -33.89 6.23 41.41
C ASP O 76 -33.47 6.78 40.04
N ASN O 77 -33.73 6.03 38.96
CA ASN O 77 -33.53 6.48 37.57
C ASN O 77 -34.77 7.22 36.98
N LYS O 78 -35.72 7.62 37.83
CA LYS O 78 -36.92 8.44 37.51
C LYS O 78 -37.86 7.84 36.43
N LYS O 79 -37.90 6.50 36.33
CA LYS O 79 -38.86 5.74 35.49
C LYS O 79 -39.92 5.08 36.37
N THR O 80 -41.21 5.20 36.02
CA THR O 80 -42.30 4.52 36.74
C THR O 80 -42.50 3.06 36.29
N ARG O 81 -41.91 2.65 35.16
CA ARG O 81 -41.93 1.28 34.64
C ARG O 81 -40.57 0.59 34.79
N ILE O 82 -40.57 -0.62 35.34
CA ILE O 82 -39.40 -1.52 35.38
C ILE O 82 -39.04 -1.97 33.96
N ILE O 83 -37.78 -1.82 33.59
CA ILE O 83 -37.18 -2.31 32.33
C ILE O 83 -35.97 -3.23 32.63
N PRO O 84 -35.41 -3.98 31.65
CA PRO O 84 -34.35 -4.96 31.92
C PRO O 84 -33.08 -4.42 32.60
N ARG O 85 -32.75 -3.14 32.40
CA ARG O 85 -31.69 -2.43 33.15
C ARG O 85 -31.94 -2.42 34.65
N HIS O 86 -33.17 -2.21 35.09
CA HIS O 86 -33.55 -2.23 36.51
C HIS O 86 -33.48 -3.63 37.10
N LEU O 87 -33.82 -4.67 36.31
CA LEU O 87 -33.61 -6.07 36.71
C LEU O 87 -32.13 -6.42 36.85
N GLN O 88 -31.28 -6.02 35.89
CA GLN O 88 -29.82 -6.21 35.99
C GLN O 88 -29.24 -5.44 37.18
N LEU O 89 -29.64 -4.19 37.42
CA LEU O 89 -29.23 -3.42 38.59
C LEU O 89 -29.63 -4.10 39.91
N ALA O 90 -30.86 -4.61 40.01
CA ALA O 90 -31.34 -5.37 41.17
C ALA O 90 -30.52 -6.65 41.41
N ILE O 91 -30.28 -7.43 40.35
CA ILE O 91 -29.58 -8.72 40.42
C ILE O 91 -28.09 -8.54 40.73
N ARG O 92 -27.42 -7.51 40.20
CA ARG O 92 -25.95 -7.35 40.30
C ARG O 92 -25.47 -6.53 41.50
N ASN O 93 -26.29 -5.63 42.06
CA ASN O 93 -25.93 -4.91 43.29
C ASN O 93 -26.05 -5.79 44.56
N ASP O 94 -27.03 -6.71 44.62
CA ASP O 94 -27.11 -7.70 45.70
C ASP O 94 -26.20 -8.91 45.45
N GLU O 95 -25.29 -9.21 46.39
CA GLU O 95 -24.30 -10.28 46.24
C GLU O 95 -24.93 -11.68 46.09
N GLU O 96 -26.02 -11.96 46.81
CA GLU O 96 -26.66 -13.27 46.84
C GLU O 96 -27.47 -13.57 45.57
N LEU O 97 -28.24 -12.60 45.05
CA LEU O 97 -28.83 -12.70 43.71
C LEU O 97 -27.75 -12.77 42.61
N ASN O 98 -26.65 -12.01 42.73
CA ASN O 98 -25.55 -12.04 41.77
C ASN O 98 -24.90 -13.43 41.71
N LYS O 99 -24.66 -14.08 42.87
CA LYS O 99 -24.09 -15.43 42.97
C LYS O 99 -25.07 -16.51 42.48
N LEU O 100 -26.38 -16.37 42.76
CA LEU O 100 -27.44 -17.27 42.26
C LEU O 100 -27.57 -17.22 40.73
N LEU O 101 -27.33 -16.06 40.12
CA LEU O 101 -27.48 -15.78 38.68
C LEU O 101 -26.15 -15.46 37.99
N GLY O 102 -25.03 -16.02 38.47
CA GLY O 102 -23.67 -15.68 38.02
C GLY O 102 -23.38 -16.02 36.55
N ARG O 103 -23.99 -17.11 36.04
CA ARG O 103 -23.85 -17.59 34.65
C ARG O 103 -24.94 -17.07 33.69
N VAL O 104 -25.89 -16.27 34.19
CA VAL O 104 -27.08 -15.83 33.43
C VAL O 104 -26.84 -14.50 32.71
N THR O 105 -27.13 -14.46 31.41
CA THR O 105 -27.21 -13.24 30.59
C THR O 105 -28.60 -12.61 30.70
N ILE O 106 -28.68 -11.37 31.21
CA ILE O 106 -29.91 -10.57 31.24
C ILE O 106 -29.98 -9.71 29.97
N ALA O 107 -30.89 -10.05 29.04
CA ALA O 107 -31.05 -9.32 27.77
C ALA O 107 -31.38 -7.82 28.00
N GLN O 108 -30.84 -6.92 27.18
CA GLN O 108 -30.99 -5.45 27.29
C GLN O 108 -30.54 -4.83 28.64
N GLY O 109 -29.86 -5.57 29.53
CA GLY O 109 -29.44 -5.09 30.86
C GLY O 109 -28.08 -4.38 30.89
N GLY O 110 -27.18 -4.69 29.96
CA GLY O 110 -25.80 -4.17 29.93
C GLY O 110 -24.96 -4.58 31.14
N VAL O 111 -23.90 -3.81 31.42
CA VAL O 111 -23.03 -3.97 32.62
C VAL O 111 -23.07 -2.73 33.50
N LEU O 112 -22.60 -2.83 34.75
CA LEU O 112 -22.52 -1.70 35.69
C LEU O 112 -21.45 -0.67 35.26
N PRO O 113 -21.64 0.63 35.59
CA PRO O 113 -20.58 1.64 35.41
C PRO O 113 -19.38 1.35 36.33
N ASN O 114 -18.23 1.03 35.73
CA ASN O 114 -17.03 0.58 36.43
C ASN O 114 -15.76 0.79 35.56
N ILE O 115 -14.78 1.52 36.09
CA ILE O 115 -13.47 1.80 35.46
C ILE O 115 -12.34 1.53 36.46
N GLN O 116 -11.31 0.80 36.05
CA GLN O 116 -10.15 0.51 36.90
C GLN O 116 -9.30 1.78 37.12
N ALA O 117 -8.89 2.04 38.37
CA ALA O 117 -8.31 3.32 38.78
C ALA O 117 -7.02 3.71 38.02
N VAL O 118 -6.23 2.72 37.58
CA VAL O 118 -5.00 2.93 36.79
C VAL O 118 -5.26 3.59 35.42
N LEU O 119 -6.46 3.44 34.86
CA LEU O 119 -6.85 3.98 33.55
C LEU O 119 -7.19 5.49 33.60
N LEU O 120 -7.61 5.99 34.77
CA LEU O 120 -8.03 7.37 35.00
C LEU O 120 -6.84 8.37 34.91
N PRO O 121 -7.09 9.65 34.56
CA PRO O 121 -6.06 10.69 34.54
C PRO O 121 -5.44 10.95 35.93
N LYS O 122 -4.17 11.40 35.92
CA LYS O 122 -3.36 11.67 37.13
C LYS O 122 -3.91 12.84 37.98
N SER P 36 -55.52 -21.69 20.38
CA SER P 36 -54.35 -21.96 21.25
C SER P 36 -54.55 -21.37 22.66
N ARG P 37 -53.75 -21.82 23.64
CA ARG P 37 -53.75 -21.34 25.04
C ARG P 37 -52.36 -21.47 25.66
N LYS P 38 -51.71 -20.34 25.99
CA LYS P 38 -50.30 -20.25 26.43
C LYS P 38 -50.20 -19.79 27.89
N GLU P 39 -50.09 -20.75 28.81
CA GLU P 39 -49.88 -20.48 30.25
C GLU P 39 -48.49 -19.88 30.54
N SER P 40 -48.39 -19.07 31.61
CA SER P 40 -47.17 -18.33 31.99
C SER P 40 -47.06 -18.15 33.52
N TYR P 41 -46.13 -17.29 34.00
CA TYR P 41 -46.14 -16.75 35.36
C TYR P 41 -46.50 -15.25 35.42
N SER P 42 -46.79 -14.60 34.29
CA SER P 42 -46.79 -13.14 34.18
C SER P 42 -47.77 -12.42 35.10
N ILE P 43 -48.99 -12.96 35.26
CA ILE P 43 -50.00 -12.33 36.13
C ILE P 43 -49.58 -12.36 37.61
N TYR P 44 -48.87 -13.40 38.06
CA TYR P 44 -48.41 -13.51 39.45
C TYR P 44 -47.19 -12.62 39.71
N VAL P 45 -46.29 -12.50 38.73
CA VAL P 45 -45.21 -11.50 38.75
C VAL P 45 -45.79 -10.08 38.87
N TYR P 46 -46.88 -9.77 38.15
CA TYR P 46 -47.56 -8.48 38.27
C TYR P 46 -48.29 -8.30 39.61
N LYS P 47 -49.02 -9.32 40.10
CA LYS P 47 -49.66 -9.31 41.43
C LYS P 47 -48.64 -9.06 42.56
N VAL P 48 -47.46 -9.68 42.46
CA VAL P 48 -46.34 -9.42 43.39
C VAL P 48 -45.75 -8.02 43.21
N LEU P 49 -45.65 -7.49 41.97
CA LEU P 49 -45.26 -6.09 41.75
C LEU P 49 -46.21 -5.12 42.45
N LYS P 50 -47.54 -5.34 42.36
CA LYS P 50 -48.54 -4.53 43.08
C LYS P 50 -48.40 -4.62 44.60
N GLN P 51 -47.91 -5.73 45.15
CA GLN P 51 -47.61 -5.86 46.59
C GLN P 51 -46.36 -5.04 47.01
N VAL P 52 -45.25 -5.15 46.28
CA VAL P 52 -43.99 -4.45 46.65
C VAL P 52 -44.00 -2.94 46.30
N HIS P 53 -44.58 -2.56 45.16
CA HIS P 53 -44.62 -1.18 44.63
C HIS P 53 -45.92 -0.94 43.84
N PRO P 54 -47.02 -0.50 44.49
CA PRO P 54 -48.35 -0.39 43.86
C PRO P 54 -48.39 0.46 42.58
N ASP P 55 -47.70 1.60 42.56
CA ASP P 55 -47.70 2.54 41.43
C ASP P 55 -46.78 2.11 40.26
N THR P 56 -45.84 1.19 40.48
CA THR P 56 -44.80 0.81 39.51
C THR P 56 -45.34 -0.19 38.46
N GLY P 57 -45.03 0.04 37.18
CA GLY P 57 -45.32 -0.87 36.07
C GLY P 57 -44.12 -1.74 35.68
N ILE P 58 -44.25 -2.61 34.66
CA ILE P 58 -43.14 -3.42 34.12
C ILE P 58 -43.30 -3.68 32.62
N SER P 59 -42.21 -3.57 31.84
CA SER P 59 -42.22 -3.82 30.39
C SER P 59 -42.41 -5.29 30.04
N SER P 60 -42.87 -5.60 28.83
CA SER P 60 -43.02 -6.99 28.36
C SER P 60 -41.66 -7.71 28.26
N LYS P 61 -40.56 -6.99 27.95
CA LYS P 61 -39.19 -7.54 27.96
C LYS P 61 -38.75 -7.92 29.37
N ALA P 62 -38.97 -7.03 30.34
CA ALA P 62 -38.67 -7.31 31.75
C ALA P 62 -39.56 -8.43 32.33
N MET P 63 -40.85 -8.45 31.97
CA MET P 63 -41.77 -9.55 32.31
C MET P 63 -41.33 -10.89 31.72
N GLY P 64 -40.84 -10.91 30.48
CA GLY P 64 -40.24 -12.10 29.86
C GLY P 64 -39.01 -12.60 30.63
N ILE P 65 -38.12 -11.69 31.04
CA ILE P 65 -36.94 -12.02 31.88
C ILE P 65 -37.36 -12.59 33.25
N MET P 66 -38.40 -12.04 33.88
CA MET P 66 -38.96 -12.59 35.12
C MET P 66 -39.59 -13.98 34.92
N ASN P 67 -40.25 -14.22 33.78
CA ASN P 67 -40.72 -15.57 33.43
C ASN P 67 -39.55 -16.55 33.22
N SER P 68 -38.46 -16.14 32.57
CA SER P 68 -37.23 -16.95 32.46
C SER P 68 -36.64 -17.29 33.83
N PHE P 69 -36.55 -16.31 34.73
CA PHE P 69 -36.10 -16.50 36.11
C PHE P 69 -36.94 -17.53 36.87
N VAL P 70 -38.27 -17.36 36.87
CA VAL P 70 -39.18 -18.28 37.58
C VAL P 70 -39.09 -19.71 37.01
N ASN P 71 -39.07 -19.86 35.68
CA ASN P 71 -38.90 -21.18 35.04
C ASN P 71 -37.54 -21.83 35.38
N ASP P 72 -36.43 -21.07 35.31
CA ASP P 72 -35.09 -21.56 35.64
C ASP P 72 -35.02 -22.03 37.11
N ILE P 73 -35.42 -21.19 38.07
CA ILE P 73 -35.40 -21.56 39.49
C ILE P 73 -36.36 -22.72 39.80
N PHE P 74 -37.53 -22.80 39.16
CA PHE P 74 -38.41 -23.97 39.24
C PHE P 74 -37.68 -25.25 38.80
N GLU P 75 -37.06 -25.24 37.61
CA GLU P 75 -36.32 -26.37 37.05
C GLU P 75 -35.13 -26.79 37.93
N ARG P 76 -34.38 -25.84 38.50
CA ARG P 76 -33.28 -26.11 39.44
C ARG P 76 -33.79 -26.82 40.70
N ILE P 77 -34.81 -26.27 41.36
CA ILE P 77 -35.33 -26.83 42.62
C ILE P 77 -35.96 -28.20 42.39
N ALA P 78 -36.79 -28.36 41.35
CA ALA P 78 -37.42 -29.64 41.01
C ALA P 78 -36.38 -30.71 40.59
N GLY P 79 -35.34 -30.32 39.84
CA GLY P 79 -34.22 -31.20 39.46
C GLY P 79 -33.40 -31.67 40.66
N GLU P 80 -32.99 -30.76 41.54
CA GLU P 80 -32.26 -31.14 42.77
C GLU P 80 -33.15 -31.95 43.73
N ALA P 81 -34.44 -31.63 43.84
CA ALA P 81 -35.40 -32.45 44.58
C ALA P 81 -35.55 -33.87 44.00
N SER P 82 -35.51 -34.02 42.67
CA SER P 82 -35.49 -35.33 42.00
C SER P 82 -34.25 -36.15 42.35
N ARG P 83 -33.06 -35.52 42.33
CA ARG P 83 -31.80 -36.14 42.79
C ARG P 83 -31.91 -36.59 44.26
N LEU P 84 -32.36 -35.70 45.14
CA LEU P 84 -32.54 -35.97 46.58
C LEU P 84 -33.51 -37.12 46.85
N ALA P 85 -34.64 -37.19 46.14
CA ALA P 85 -35.58 -38.31 46.24
C ALA P 85 -34.92 -39.63 45.79
N HIS P 86 -34.32 -39.66 44.60
CA HIS P 86 -33.69 -40.85 44.01
C HIS P 86 -32.50 -41.39 44.82
N TYR P 87 -31.59 -40.50 45.28
CA TYR P 87 -30.42 -40.88 46.09
C TYR P 87 -30.81 -41.41 47.49
N ASN P 88 -32.02 -41.11 47.97
CA ASN P 88 -32.60 -41.65 49.21
C ASN P 88 -33.72 -42.68 48.95
N LYS P 89 -33.80 -43.22 47.72
CA LYS P 89 -34.75 -44.25 47.26
C LYS P 89 -36.25 -43.91 47.46
N ARG P 90 -36.58 -42.63 47.70
CA ARG P 90 -37.96 -42.15 47.91
C ARG P 90 -38.70 -42.01 46.58
N SER P 91 -39.91 -42.55 46.50
CA SER P 91 -40.81 -42.37 45.35
C SER P 91 -41.41 -40.94 45.31
N THR P 92 -41.49 -40.27 46.45
CA THR P 92 -42.12 -38.96 46.64
C THR P 92 -41.11 -37.82 46.72
N ILE P 93 -41.32 -36.72 45.98
CA ILE P 93 -40.78 -35.40 46.34
C ILE P 93 -41.72 -34.78 47.37
N THR P 94 -41.23 -34.56 48.60
CA THR P 94 -41.96 -33.92 49.70
C THR P 94 -41.43 -32.49 49.92
N SER P 95 -41.98 -31.78 50.91
CA SER P 95 -41.42 -30.51 51.40
C SER P 95 -39.96 -30.64 51.87
N ARG P 96 -39.51 -31.82 52.31
CA ARG P 96 -38.10 -32.05 52.70
C ARG P 96 -37.15 -31.97 51.50
N GLU P 97 -37.46 -32.65 50.39
CA GLU P 97 -36.66 -32.57 49.15
C GLU P 97 -36.63 -31.16 48.57
N ILE P 98 -37.78 -30.46 48.54
CA ILE P 98 -37.84 -29.05 48.11
C ILE P 98 -37.01 -28.14 49.05
N GLN P 99 -37.16 -28.28 50.37
CA GLN P 99 -36.40 -27.49 51.35
C GLN P 99 -34.89 -27.72 51.21
N THR P 100 -34.43 -28.96 51.16
CA THR P 100 -33.01 -29.30 50.98
C THR P 100 -32.47 -28.79 49.64
N ALA P 101 -33.23 -28.94 48.54
CA ALA P 101 -32.87 -28.34 47.26
C ALA P 101 -32.69 -26.82 47.37
N VAL P 102 -33.62 -26.11 48.00
CA VAL P 102 -33.54 -24.65 48.23
C VAL P 102 -32.33 -24.27 49.10
N ARG P 103 -32.05 -25.02 50.18
CA ARG P 103 -30.85 -24.82 51.03
C ARG P 103 -29.52 -25.01 50.27
N LEU P 104 -29.47 -25.98 49.34
CA LEU P 104 -28.31 -26.22 48.47
C LEU P 104 -28.14 -25.12 47.40
N LEU P 105 -29.24 -24.72 46.75
CA LEU P 105 -29.22 -23.83 45.58
C LEU P 105 -29.02 -22.35 45.91
N LEU P 106 -29.73 -21.81 46.91
CA LEU P 106 -29.70 -20.38 47.26
C LEU P 106 -28.51 -20.06 48.21
N PRO P 107 -27.83 -18.90 48.04
CA PRO P 107 -26.86 -18.42 49.03
C PRO P 107 -27.49 -17.88 50.32
N GLY P 108 -26.74 -17.97 51.43
CA GLY P 108 -26.85 -17.13 52.63
C GLY P 108 -28.27 -16.76 53.13
N GLU P 109 -28.52 -15.47 53.30
CA GLU P 109 -29.77 -14.93 53.87
C GLU P 109 -30.97 -15.11 52.91
N LEU P 110 -30.75 -15.00 51.59
CA LEU P 110 -31.74 -15.28 50.55
C LEU P 110 -32.34 -16.69 50.72
N ALA P 111 -31.50 -17.69 51.04
CA ALA P 111 -31.95 -19.04 51.37
C ALA P 111 -32.80 -19.08 52.66
N LYS P 112 -32.37 -18.42 53.74
CA LYS P 112 -33.10 -18.40 55.03
C LYS P 112 -34.49 -17.77 54.87
N HIS P 113 -34.60 -16.66 54.13
CA HIS P 113 -35.89 -16.02 53.82
C HIS P 113 -36.78 -16.92 52.95
N ALA P 114 -36.23 -17.53 51.90
CA ALA P 114 -36.96 -18.50 51.06
C ALA P 114 -37.46 -19.71 51.86
N VAL P 115 -36.64 -20.25 52.78
CA VAL P 115 -37.02 -21.35 53.69
C VAL P 115 -38.14 -20.92 54.64
N SER P 116 -38.05 -19.73 55.24
CA SER P 116 -39.09 -19.20 56.14
C SER P 116 -40.43 -19.05 55.40
N GLU P 117 -40.43 -18.43 54.22
CA GLU P 117 -41.63 -18.26 53.36
C GLU P 117 -42.22 -19.62 52.92
N GLY P 118 -41.37 -20.57 52.50
CA GLY P 118 -41.75 -21.94 52.14
C GLY P 118 -42.45 -22.69 53.27
N THR P 119 -41.82 -22.75 54.44
CA THR P 119 -42.39 -23.40 55.63
C THR P 119 -43.69 -22.75 56.08
N LYS P 120 -43.75 -21.41 56.15
CA LYS P 120 -44.96 -20.64 56.54
C LYS P 120 -46.14 -20.91 55.59
N ALA P 121 -45.89 -20.96 54.28
CA ALA P 121 -46.92 -21.30 53.30
C ALA P 121 -47.46 -22.72 53.51
N VAL P 122 -46.59 -23.71 53.77
CA VAL P 122 -46.99 -25.10 54.07
C VAL P 122 -47.78 -25.20 55.37
N THR P 123 -47.34 -24.58 56.47
CA THR P 123 -48.08 -24.64 57.75
C THR P 123 -49.44 -23.95 57.64
N LYS P 124 -49.55 -22.79 56.98
CA LYS P 124 -50.84 -22.11 56.73
C LYS P 124 -51.78 -22.94 55.85
N TYR P 125 -51.25 -23.63 54.84
CA TYR P 125 -52.01 -24.59 54.02
C TYR P 125 -52.54 -25.78 54.85
N THR P 126 -51.69 -26.36 55.70
CA THR P 126 -52.02 -27.57 56.48
C THR P 126 -52.99 -27.31 57.65
N SER P 127 -52.90 -26.17 58.35
CA SER P 127 -53.71 -25.85 59.55
C SER P 127 -55.22 -25.65 59.28
N LYS Q 40 -6.66 30.72 14.61
CA LYS Q 40 -6.43 30.05 15.93
C LYS Q 40 -6.31 28.53 15.78
N LYS Q 41 -5.55 27.87 16.67
CA LYS Q 41 -5.35 26.41 16.71
C LYS Q 41 -6.65 25.66 17.10
N PRO Q 42 -7.05 24.58 16.38
CA PRO Q 42 -8.23 23.78 16.72
C PRO Q 42 -8.14 23.10 18.11
N HIS Q 43 -9.29 22.90 18.75
CA HIS Q 43 -9.40 22.09 19.98
C HIS Q 43 -9.25 20.59 19.69
N ARG Q 44 -8.63 19.85 20.63
CA ARG Q 44 -8.45 18.40 20.60
C ARG Q 44 -8.41 17.84 22.03
N TYR Q 45 -9.25 16.84 22.31
CA TYR Q 45 -9.13 16.03 23.53
C TYR Q 45 -7.88 15.13 23.48
N ARG Q 46 -7.20 14.94 24.61
CA ARG Q 46 -5.99 14.11 24.72
C ARG Q 46 -6.32 12.62 24.52
N PRO Q 47 -5.36 11.80 24.01
CA PRO Q 47 -5.52 10.35 23.91
C PRO Q 47 -5.97 9.74 25.24
N GLY Q 48 -7.03 8.93 25.18
CA GLY Q 48 -7.65 8.28 26.32
C GLY Q 48 -8.79 9.09 27.00
N THR Q 49 -8.90 10.41 26.79
CA THR Q 49 -9.98 11.21 27.39
C THR Q 49 -11.34 10.87 26.78
N VAL Q 50 -11.44 10.83 25.45
CA VAL Q 50 -12.66 10.42 24.76
C VAL Q 50 -12.88 8.91 24.89
N ALA Q 51 -11.82 8.11 25.04
CA ALA Q 51 -11.94 6.69 25.38
C ALA Q 51 -12.64 6.48 26.72
N LEU Q 52 -12.28 7.24 27.77
CA LEU Q 52 -13.00 7.24 29.05
C LEU Q 52 -14.44 7.74 28.90
N ARG Q 53 -14.69 8.76 28.07
CA ARG Q 53 -16.05 9.26 27.77
C ARG Q 53 -16.91 8.20 27.04
N GLU Q 54 -16.33 7.43 26.11
CA GLU Q 54 -16.95 6.27 25.47
C GLU Q 54 -17.21 5.12 26.46
N ILE Q 55 -16.27 4.81 27.36
CA ILE Q 55 -16.50 3.82 28.43
C ILE Q 55 -17.70 4.24 29.30
N ARG Q 56 -17.73 5.50 29.76
CA ARG Q 56 -18.84 6.07 30.55
C ARG Q 56 -20.18 6.00 29.79
N ARG Q 57 -20.19 6.37 28.50
CA ARG Q 57 -21.36 6.28 27.60
C ARG Q 57 -21.88 4.84 27.50
N TYR Q 58 -21.06 3.92 27.00
CA TYR Q 58 -21.51 2.56 26.68
C TYR Q 58 -21.77 1.69 27.91
N GLN Q 59 -21.23 2.01 29.09
CA GLN Q 59 -21.65 1.37 30.35
C GLN Q 59 -22.96 1.94 30.93
N LYS Q 60 -23.33 3.19 30.61
CA LYS Q 60 -24.63 3.78 30.98
C LYS Q 60 -25.76 3.25 30.09
N SER Q 61 -25.54 3.21 28.77
CA SER Q 61 -26.49 2.65 27.78
C SER Q 61 -26.51 1.11 27.78
N THR Q 62 -27.52 0.50 27.15
CA THR Q 62 -27.70 -0.98 27.08
C THR Q 62 -28.11 -1.52 25.70
N GLU Q 63 -27.96 -0.71 24.64
CA GLU Q 63 -28.26 -1.09 23.26
C GLU Q 63 -27.29 -2.15 22.70
N LEU Q 64 -27.71 -2.86 21.65
CA LEU Q 64 -26.82 -3.78 20.91
C LEU Q 64 -25.93 -3.01 19.93
N LEU Q 65 -24.61 -3.17 20.08
CA LEU Q 65 -23.54 -2.37 19.49
C LEU Q 65 -23.06 -2.86 18.12
N ILE Q 66 -23.31 -4.13 17.77
CA ILE Q 66 -22.99 -4.71 16.45
C ILE Q 66 -24.08 -4.34 15.42
N ARG Q 67 -23.67 -4.14 14.16
CA ARG Q 67 -24.56 -3.88 13.00
C ARG Q 67 -25.48 -5.09 12.75
N LYS Q 68 -26.79 -4.86 12.74
CA LYS Q 68 -27.83 -5.92 12.87
C LYS Q 68 -27.87 -6.85 11.65
N LEU Q 69 -27.92 -6.30 10.45
CA LEU Q 69 -28.00 -7.06 9.19
C LEU Q 69 -26.71 -7.86 8.91
N PRO Q 70 -25.48 -7.31 9.04
CA PRO Q 70 -24.25 -8.09 9.00
C PRO Q 70 -24.22 -9.25 10.02
N PHE Q 71 -24.66 -9.03 11.26
CA PHE Q 71 -24.78 -10.11 12.25
C PHE Q 71 -25.79 -11.18 11.83
N GLN Q 72 -26.96 -10.79 11.30
CA GLN Q 72 -27.96 -11.71 10.78
C GLN Q 72 -27.41 -12.57 9.62
N ARG Q 73 -26.71 -11.96 8.65
CA ARG Q 73 -26.05 -12.70 7.55
C ARG Q 73 -24.94 -13.62 8.07
N LEU Q 74 -24.17 -13.21 9.09
CA LEU Q 74 -23.18 -14.08 9.75
C LEU Q 74 -23.84 -15.30 10.42
N VAL Q 75 -24.96 -15.12 11.12
CA VAL Q 75 -25.75 -16.24 11.69
C VAL Q 75 -26.18 -17.22 10.61
N ARG Q 76 -26.75 -16.73 9.49
CA ARG Q 76 -27.13 -17.57 8.33
C ARG Q 76 -25.92 -18.28 7.71
N GLU Q 77 -24.82 -17.57 7.46
CA GLU Q 77 -23.61 -18.10 6.86
C GLU Q 77 -23.01 -19.25 7.69
N ILE Q 78 -22.94 -19.08 9.02
CA ILE Q 78 -22.50 -20.12 9.96
C ILE Q 78 -23.48 -21.30 9.97
N ALA Q 79 -24.79 -21.05 10.08
CA ALA Q 79 -25.81 -22.10 10.13
C ALA Q 79 -25.83 -22.99 8.88
N GLN Q 80 -25.65 -22.39 7.69
CA GLN Q 80 -25.63 -23.09 6.40
C GLN Q 80 -24.51 -24.16 6.29
N ASP Q 81 -23.44 -24.06 7.08
CA ASP Q 81 -22.40 -25.10 7.16
C ASP Q 81 -22.85 -26.36 7.92
N PHE Q 82 -23.78 -26.24 8.87
CA PHE Q 82 -24.35 -27.38 9.62
C PHE Q 82 -25.49 -28.06 8.86
N LYS Q 83 -26.38 -27.29 8.21
CA LYS Q 83 -27.47 -27.78 7.36
C LYS Q 83 -27.86 -26.74 6.29
N THR Q 84 -28.04 -27.17 5.05
CA THR Q 84 -28.49 -26.31 3.94
C THR Q 84 -29.97 -25.91 4.08
N ASP Q 85 -30.33 -24.77 3.49
CA ASP Q 85 -31.71 -24.25 3.40
C ASP Q 85 -32.42 -24.02 4.77
N LEU Q 86 -31.65 -23.75 5.83
CA LEU Q 86 -32.19 -23.34 7.13
C LEU Q 86 -32.88 -21.96 7.08
N ARG Q 87 -33.83 -21.76 7.99
CA ARG Q 87 -34.54 -20.48 8.24
C ARG Q 87 -34.41 -20.07 9.71
N PHE Q 88 -34.60 -18.78 10.02
CA PHE Q 88 -34.44 -18.24 11.39
C PHE Q 88 -35.56 -17.27 11.77
N GLN Q 89 -36.14 -17.45 12.96
CA GLN Q 89 -36.95 -16.40 13.59
C GLN Q 89 -36.11 -15.16 13.90
N SER Q 90 -36.67 -13.96 13.76
CA SER Q 90 -35.98 -12.70 14.13
C SER Q 90 -35.58 -12.69 15.63
N SER Q 91 -36.44 -13.24 16.49
CA SER Q 91 -36.17 -13.46 17.92
C SER Q 91 -34.97 -14.37 18.17
N ALA Q 92 -34.73 -15.40 17.35
CA ALA Q 92 -33.55 -16.26 17.45
C ALA Q 92 -32.25 -15.49 17.12
N VAL Q 93 -32.27 -14.64 16.10
CA VAL Q 93 -31.13 -13.78 15.74
C VAL Q 93 -30.85 -12.75 16.86
N MET Q 94 -31.88 -12.13 17.42
CA MET Q 94 -31.75 -11.22 18.57
C MET Q 94 -31.21 -11.95 19.82
N ALA Q 95 -31.68 -13.17 20.11
CA ALA Q 95 -31.18 -13.99 21.21
C ALA Q 95 -29.67 -14.30 21.04
N LEU Q 96 -29.25 -14.67 19.82
CA LEU Q 96 -27.83 -14.85 19.49
C LEU Q 96 -27.04 -13.55 19.69
N GLN Q 97 -27.53 -12.39 19.23
CA GLN Q 97 -26.79 -11.13 19.38
C GLN Q 97 -26.66 -10.69 20.85
N GLU Q 98 -27.71 -10.81 21.66
CA GLU Q 98 -27.67 -10.57 23.11
C GLU Q 98 -26.63 -11.47 23.81
N ALA Q 99 -26.61 -12.77 23.49
CA ALA Q 99 -25.62 -13.70 24.02
C ALA Q 99 -24.18 -13.37 23.61
N CYS Q 100 -23.94 -13.15 22.30
CA CYS Q 100 -22.62 -12.85 21.75
C CYS Q 100 -22.03 -11.54 22.30
N GLU Q 101 -22.82 -10.46 22.34
CA GLU Q 101 -22.34 -9.18 22.86
C GLU Q 101 -22.05 -9.24 24.36
N ALA Q 102 -22.90 -9.89 25.18
CA ALA Q 102 -22.63 -10.07 26.61
C ALA Q 102 -21.38 -10.94 26.86
N TYR Q 103 -21.20 -12.02 26.08
CA TYR Q 103 -20.02 -12.89 26.12
C TYR Q 103 -18.73 -12.11 25.79
N LEU Q 104 -18.73 -11.33 24.71
CA LEU Q 104 -17.58 -10.50 24.32
C LEU Q 104 -17.29 -9.39 25.33
N VAL Q 105 -18.31 -8.70 25.87
CA VAL Q 105 -18.11 -7.67 26.91
C VAL Q 105 -17.46 -8.26 28.17
N GLY Q 106 -17.94 -9.42 28.64
CA GLY Q 106 -17.32 -10.12 29.78
C GLY Q 106 -15.88 -10.57 29.49
N LEU Q 107 -15.61 -11.04 28.27
CA LEU Q 107 -14.26 -11.38 27.83
C LEU Q 107 -13.36 -10.13 27.77
N PHE Q 108 -13.85 -8.98 27.32
CA PHE Q 108 -13.11 -7.72 27.35
C PHE Q 108 -12.81 -7.25 28.78
N GLU Q 109 -13.72 -7.41 29.74
CA GLU Q 109 -13.43 -7.14 31.17
C GLU Q 109 -12.30 -8.03 31.71
N ASP Q 110 -12.35 -9.34 31.46
CA ASP Q 110 -11.27 -10.27 31.85
C ASP Q 110 -9.94 -9.91 31.15
N THR Q 111 -9.99 -9.57 29.87
CA THR Q 111 -8.84 -9.15 29.06
C THR Q 111 -8.22 -7.84 29.58
N ASN Q 112 -9.05 -6.90 30.04
CA ASN Q 112 -8.62 -5.64 30.67
C ASN Q 112 -7.82 -5.93 31.96
N LEU Q 113 -8.30 -6.87 32.80
CA LEU Q 113 -7.58 -7.32 33.99
C LEU Q 113 -6.23 -7.97 33.63
N CYS Q 114 -6.18 -8.84 32.61
CA CYS Q 114 -4.91 -9.41 32.11
C CYS Q 114 -3.89 -8.33 31.69
N ALA Q 115 -4.31 -7.30 30.93
CA ALA Q 115 -3.43 -6.21 30.51
C ALA Q 115 -2.94 -5.37 31.71
N ILE Q 116 -3.85 -5.00 32.62
CA ILE Q 116 -3.54 -4.21 33.82
C ILE Q 116 -2.59 -4.97 34.76
N HIS Q 117 -2.73 -6.30 34.88
CA HIS Q 117 -1.81 -7.14 35.66
C HIS Q 117 -0.37 -7.14 35.09
N ALA Q 118 -0.25 -7.05 33.76
CA ALA Q 118 1.02 -6.82 33.05
C ALA Q 118 1.43 -5.32 32.98
N LYS Q 119 0.80 -4.43 33.77
CA LYS Q 119 0.98 -2.97 33.84
C LYS Q 119 0.68 -2.20 32.53
N ARG Q 120 0.06 -2.85 31.53
CA ARG Q 120 -0.35 -2.25 30.25
C ARG Q 120 -1.72 -1.59 30.31
N VAL Q 121 -1.90 -0.56 29.49
CA VAL Q 121 -3.19 0.10 29.19
C VAL Q 121 -3.86 -0.55 27.96
N THR Q 122 -3.03 -1.04 27.04
CA THR Q 122 -3.38 -1.64 25.75
C THR Q 122 -3.65 -3.13 25.92
N ILE Q 123 -4.87 -3.58 25.59
CA ILE Q 123 -5.14 -5.02 25.45
C ILE Q 123 -4.54 -5.57 24.14
N MET Q 124 -4.04 -6.80 24.20
CA MET Q 124 -3.40 -7.55 23.10
C MET Q 124 -3.87 -9.02 23.10
N PRO Q 125 -3.72 -9.80 22.02
CA PRO Q 125 -4.21 -11.19 21.96
C PRO Q 125 -3.72 -12.10 23.11
N LYS Q 126 -2.50 -11.88 23.60
CA LYS Q 126 -1.96 -12.52 24.82
C LYS Q 126 -2.86 -12.38 26.05
N ASP Q 127 -3.57 -11.26 26.21
CA ASP Q 127 -4.55 -11.02 27.27
C ASP Q 127 -5.85 -11.83 27.09
N ILE Q 128 -6.38 -11.88 25.85
CA ILE Q 128 -7.56 -12.69 25.50
C ILE Q 128 -7.26 -14.19 25.72
N GLN Q 129 -6.07 -14.63 25.30
CA GLN Q 129 -5.61 -16.01 25.43
C GLN Q 129 -5.44 -16.39 26.91
N LEU Q 130 -4.84 -15.54 27.76
CA LEU Q 130 -4.79 -15.78 29.21
C LEU Q 130 -6.19 -15.86 29.83
N ALA Q 131 -7.10 -14.95 29.46
CA ALA Q 131 -8.47 -14.97 29.96
C ALA Q 131 -9.19 -16.29 29.61
N ARG Q 132 -9.16 -16.71 28.35
CA ARG Q 132 -9.77 -17.97 27.88
C ARG Q 132 -9.11 -19.22 28.47
N ARG Q 133 -7.79 -19.19 28.70
CA ARG Q 133 -7.04 -20.28 29.35
C ARG Q 133 -7.37 -20.43 30.85
N ILE Q 134 -7.57 -19.33 31.57
CA ILE Q 134 -8.04 -19.35 32.97
C ILE Q 134 -9.52 -19.78 33.06
N ARG Q 135 -10.38 -19.30 32.15
CA ARG Q 135 -11.80 -19.71 32.02
C ARG Q 135 -11.97 -21.21 31.73
N GLY Q 136 -11.00 -21.83 31.06
CA GLY Q 136 -11.10 -23.19 30.53
C GLY Q 136 -11.73 -23.29 29.14
N GLU Q 137 -11.89 -22.16 28.43
CA GLU Q 137 -12.27 -22.13 27.01
C GLU Q 137 -11.08 -22.53 26.09
N ARG Q 138 -9.86 -22.47 26.62
CA ARG Q 138 -8.61 -23.00 26.03
C ARG Q 138 -7.71 -23.68 27.09
N LYS R 20 -39.72 -21.02 -5.43
CA LYS R 20 -38.27 -21.18 -5.13
C LYS R 20 -37.43 -20.11 -5.87
N ARG R 21 -36.83 -19.17 -5.14
CA ARG R 21 -36.05 -18.02 -5.68
C ARG R 21 -34.99 -17.55 -4.68
N HIS R 22 -34.07 -18.43 -4.30
CA HIS R 22 -33.13 -18.23 -3.17
C HIS R 22 -32.17 -17.03 -3.34
N ARG R 23 -31.76 -16.44 -2.20
CA ARG R 23 -30.80 -15.33 -2.07
C ARG R 23 -29.42 -15.57 -2.72
N LYS R 24 -28.71 -14.47 -2.98
CA LYS R 24 -27.28 -14.45 -3.32
C LYS R 24 -26.44 -15.13 -2.22
N VAL R 25 -25.33 -15.77 -2.60
CA VAL R 25 -24.45 -16.51 -1.68
C VAL R 25 -23.88 -15.60 -0.57
N LEU R 26 -23.87 -16.10 0.68
CA LEU R 26 -23.32 -15.40 1.85
C LEU R 26 -21.84 -15.78 2.06
N ARG R 27 -20.95 -14.78 2.10
CA ARG R 27 -19.50 -14.97 2.28
C ARG R 27 -18.87 -13.88 3.16
N ASP R 28 -18.01 -14.31 4.08
CA ASP R 28 -17.10 -13.49 4.89
C ASP R 28 -17.79 -12.41 5.76
N ASN R 29 -19.04 -12.64 6.19
CA ASN R 29 -19.79 -11.67 7.01
C ASN R 29 -19.17 -11.41 8.40
N ILE R 30 -18.21 -12.23 8.85
CA ILE R 30 -17.45 -11.98 10.09
C ILE R 30 -16.60 -10.69 10.01
N GLN R 31 -16.08 -10.32 8.82
CA GLN R 31 -15.46 -9.01 8.60
C GLN R 31 -16.48 -7.86 8.62
N GLY R 32 -17.76 -8.15 8.35
CA GLY R 32 -18.89 -7.23 8.54
C GLY R 32 -19.21 -6.91 10.01
N ILE R 33 -18.62 -7.64 10.97
CA ILE R 33 -18.54 -7.22 12.38
C ILE R 33 -17.47 -6.11 12.45
N THR R 34 -17.92 -4.86 12.57
CA THR R 34 -17.10 -3.67 12.25
C THR R 34 -16.03 -3.38 13.29
N LYS R 35 -14.95 -2.71 12.86
CA LYS R 35 -13.88 -2.24 13.77
C LYS R 35 -14.44 -1.33 14.89
N PRO R 36 -15.27 -0.31 14.60
CA PRO R 36 -15.95 0.46 15.64
C PRO R 36 -16.94 -0.35 16.49
N ALA R 37 -17.67 -1.36 15.97
CA ALA R 37 -18.51 -2.21 16.84
C ALA R 37 -17.70 -2.99 17.88
N ILE R 38 -16.56 -3.56 17.47
CA ILE R 38 -15.63 -4.25 18.37
C ILE R 38 -15.03 -3.25 19.38
N ARG R 39 -14.69 -2.03 18.95
CA ARG R 39 -14.26 -0.95 19.87
C ARG R 39 -15.36 -0.56 20.86
N ARG R 40 -16.61 -0.40 20.44
CA ARG R 40 -17.76 -0.13 21.35
C ARG R 40 -17.91 -1.22 22.42
N LEU R 41 -17.80 -2.50 22.04
CA LEU R 41 -17.84 -3.64 22.98
C LEU R 41 -16.68 -3.60 23.99
N ALA R 42 -15.45 -3.32 23.52
CA ALA R 42 -14.28 -3.16 24.40
C ALA R 42 -14.41 -1.94 25.33
N ARG R 43 -14.94 -0.80 24.85
CA ARG R 43 -15.25 0.39 25.68
C ARG R 43 -16.33 0.08 26.73
N ARG R 44 -17.40 -0.67 26.40
CA ARG R 44 -18.35 -1.20 27.39
C ARG R 44 -17.65 -2.11 28.43
N GLY R 45 -16.68 -2.92 27.99
CA GLY R 45 -15.76 -3.69 28.85
C GLY R 45 -14.69 -2.88 29.60
N GLY R 46 -14.74 -1.54 29.57
CA GLY R 46 -13.83 -0.65 30.32
C GLY R 46 -12.45 -0.45 29.70
N VAL R 47 -12.23 -0.84 28.45
CA VAL R 47 -10.90 -0.89 27.82
C VAL R 47 -10.48 0.47 27.23
N LYS R 48 -9.43 1.08 27.80
CA LYS R 48 -8.90 2.39 27.35
C LYS R 48 -8.11 2.33 26.04
N ARG R 49 -7.36 1.25 25.77
CA ARG R 49 -6.59 1.08 24.51
C ARG R 49 -6.61 -0.37 23.99
N ILE R 50 -6.72 -0.57 22.69
CA ILE R 50 -7.12 -1.81 22.00
C ILE R 50 -6.19 -2.05 20.80
N SER R 51 -5.26 -3.01 20.89
CA SER R 51 -4.31 -3.24 19.80
C SER R 51 -4.96 -3.78 18.51
N GLY R 52 -4.40 -3.45 17.36
CA GLY R 52 -4.92 -3.78 16.02
C GLY R 52 -5.10 -5.28 15.73
N LEU R 53 -4.41 -6.16 16.47
CA LEU R 53 -4.60 -7.62 16.40
C LEU R 53 -5.90 -8.10 17.10
N ILE R 54 -6.48 -7.30 18.01
CA ILE R 54 -7.70 -7.65 18.76
C ILE R 54 -8.90 -7.83 17.85
N TYR R 55 -9.02 -7.07 16.76
CA TYR R 55 -10.17 -7.15 15.85
C TYR R 55 -10.28 -8.51 15.18
N GLU R 56 -9.17 -9.04 14.64
CA GLU R 56 -9.13 -10.39 14.04
C GLU R 56 -9.25 -11.51 15.09
N GLU R 57 -8.63 -11.34 16.27
CA GLU R 57 -8.78 -12.31 17.37
C GLU R 57 -10.23 -12.36 17.90
N THR R 58 -10.88 -11.21 18.04
CA THR R 58 -12.29 -11.09 18.43
C THR R 58 -13.21 -11.72 17.39
N ARG R 59 -12.97 -11.48 16.10
CA ARG R 59 -13.70 -12.12 14.99
C ARG R 59 -13.57 -13.64 15.02
N GLY R 60 -12.36 -14.17 15.23
CA GLY R 60 -12.14 -15.62 15.40
C GLY R 60 -12.89 -16.21 16.59
N VAL R 61 -12.77 -15.59 17.77
CA VAL R 61 -13.49 -16.01 19.00
C VAL R 61 -15.02 -15.93 18.82
N LEU R 62 -15.54 -14.85 18.24
CA LEU R 62 -16.97 -14.67 17.94
C LEU R 62 -17.49 -15.72 16.96
N LYS R 63 -16.75 -16.01 15.88
CA LYS R 63 -17.10 -17.05 14.90
C LYS R 63 -17.19 -18.44 15.55
N VAL R 64 -16.21 -18.79 16.39
CA VAL R 64 -16.22 -20.06 17.16
C VAL R 64 -17.37 -20.12 18.17
N PHE R 65 -17.66 -19.02 18.90
CA PHE R 65 -18.79 -18.96 19.83
C PHE R 65 -20.15 -19.12 19.12
N LEU R 66 -20.35 -18.38 18.02
CA LEU R 66 -21.53 -18.51 17.17
C LEU R 66 -21.68 -19.93 16.61
N GLU R 67 -20.61 -20.52 16.07
CA GLU R 67 -20.61 -21.92 15.61
C GLU R 67 -21.06 -22.88 16.72
N ASN R 68 -20.51 -22.78 17.92
CA ASN R 68 -20.89 -23.67 19.02
C ASN R 68 -22.36 -23.51 19.44
N VAL R 69 -22.87 -22.28 19.58
CA VAL R 69 -24.29 -22.06 19.95
C VAL R 69 -25.23 -22.51 18.81
N ILE R 70 -24.93 -22.14 17.57
CA ILE R 70 -25.79 -22.44 16.41
C ILE R 70 -25.77 -23.95 16.09
N ARG R 71 -24.66 -24.68 16.26
CA ARG R 71 -24.61 -26.14 16.04
C ARG R 71 -25.64 -26.87 16.91
N ASP R 72 -25.74 -26.51 18.19
CA ASP R 72 -26.77 -27.05 19.08
C ASP R 72 -28.18 -26.59 18.68
N ALA R 73 -28.38 -25.30 18.38
CA ALA R 73 -29.70 -24.80 17.98
C ALA R 73 -30.23 -25.49 16.69
N VAL R 74 -29.36 -25.71 15.70
CA VAL R 74 -29.66 -26.51 14.50
C VAL R 74 -29.91 -27.98 14.86
N THR R 75 -29.15 -28.54 15.79
CA THR R 75 -29.39 -29.92 16.27
C THR R 75 -30.76 -30.08 16.94
N TYR R 76 -31.19 -29.13 17.79
CA TYR R 76 -32.54 -29.10 18.35
C TYR R 76 -33.61 -28.87 17.25
N THR R 77 -33.32 -28.05 16.23
CA THR R 77 -34.19 -27.84 15.06
C THR R 77 -34.43 -29.14 14.29
N GLU R 78 -33.37 -29.90 14.00
CA GLU R 78 -33.46 -31.23 13.39
C GLU R 78 -34.19 -32.24 14.28
N HIS R 79 -33.95 -32.25 15.60
CA HIS R 79 -34.68 -33.14 16.50
C HIS R 79 -36.19 -32.84 16.51
N ALA R 80 -36.56 -31.57 16.46
CA ALA R 80 -37.94 -31.09 16.29
C ALA R 80 -38.53 -31.30 14.87
N LYS R 81 -37.77 -31.91 13.94
CA LYS R 81 -38.13 -32.15 12.52
C LYS R 81 -38.43 -30.86 11.72
N ARG R 82 -37.94 -29.71 12.22
CA ARG R 82 -38.10 -28.37 11.61
C ARG R 82 -36.99 -28.04 10.60
N LYS R 83 -37.21 -27.00 9.79
CA LYS R 83 -36.19 -26.27 9.02
C LYS R 83 -35.87 -24.89 9.61
N THR R 84 -36.82 -24.33 10.35
CA THR R 84 -36.75 -23.01 10.97
C THR R 84 -36.22 -23.10 12.41
N VAL R 85 -35.08 -22.46 12.67
CA VAL R 85 -34.49 -22.31 14.01
C VAL R 85 -35.28 -21.27 14.81
N THR R 86 -35.67 -21.61 16.04
CA THR R 86 -36.45 -20.75 16.95
C THR R 86 -35.60 -20.14 18.05
N ALA R 87 -36.14 -19.12 18.73
CA ALA R 87 -35.52 -18.57 19.95
C ALA R 87 -35.37 -19.63 21.06
N MET R 88 -36.31 -20.59 21.16
CA MET R 88 -36.21 -21.71 22.11
C MET R 88 -34.97 -22.59 21.83
N ASP R 89 -34.69 -22.92 20.57
CA ASP R 89 -33.48 -23.69 20.21
C ASP R 89 -32.18 -22.98 20.64
N VAL R 90 -32.12 -21.66 20.49
CA VAL R 90 -31.00 -20.82 20.96
C VAL R 90 -30.91 -20.82 22.48
N VAL R 91 -32.03 -20.69 23.19
CA VAL R 91 -32.08 -20.77 24.66
C VAL R 91 -31.63 -22.15 25.18
N TYR R 92 -32.06 -23.25 24.55
CA TYR R 92 -31.61 -24.61 24.90
C TYR R 92 -30.10 -24.78 24.72
N ALA R 93 -29.55 -24.31 23.58
CA ALA R 93 -28.11 -24.31 23.31
C ALA R 93 -27.33 -23.52 24.38
N LEU R 94 -27.73 -22.28 24.66
CA LEU R 94 -27.09 -21.41 25.66
C LEU R 94 -27.20 -21.97 27.08
N LYS R 95 -28.32 -22.62 27.44
CA LYS R 95 -28.49 -23.30 28.73
C LYS R 95 -27.53 -24.48 28.88
N ARG R 96 -27.49 -25.43 27.92
CA ARG R 96 -26.61 -26.61 28.04
C ARG R 96 -25.11 -26.29 27.93
N GLN R 97 -24.76 -25.19 27.25
CA GLN R 97 -23.39 -24.63 27.20
C GLN R 97 -23.04 -23.74 28.42
N GLY R 98 -23.96 -23.55 29.36
CA GLY R 98 -23.68 -22.91 30.66
C GLY R 98 -23.54 -21.39 30.62
N ARG R 99 -24.23 -20.71 29.68
CA ARG R 99 -24.31 -19.24 29.56
C ARG R 99 -25.76 -18.80 29.30
N THR R 100 -26.67 -19.31 30.13
CA THR R 100 -28.15 -19.23 29.98
C THR R 100 -28.65 -17.79 29.75
N LEU R 101 -29.53 -17.60 28.76
CA LEU R 101 -30.08 -16.29 28.39
C LEU R 101 -31.55 -16.15 28.83
N TYR R 102 -31.87 -15.11 29.59
CA TYR R 102 -33.25 -14.74 29.95
C TYR R 102 -33.89 -13.79 28.92
N GLY R 103 -35.23 -13.77 28.85
CA GLY R 103 -36.02 -12.83 28.04
C GLY R 103 -36.55 -13.38 26.70
N PHE R 104 -36.13 -14.59 26.31
CA PHE R 104 -36.50 -15.22 25.03
C PHE R 104 -37.31 -16.53 25.17
N GLY R 105 -37.77 -16.85 26.39
CA GLY R 105 -38.66 -18.00 26.65
C GLY R 105 -40.11 -17.73 26.25
N GLY R 106 -40.79 -18.75 25.71
CA GLY R 106 -42.21 -18.72 25.30
C GLY R 106 -42.48 -17.81 24.09
N LYS S 19 -32.14 -66.57 26.01
CA LYS S 19 -31.03 -65.75 25.40
C LYS S 19 -30.98 -64.37 26.11
N THR S 20 -30.33 -63.33 25.57
CA THR S 20 -30.27 -61.98 26.18
C THR S 20 -30.34 -60.87 25.13
N ARG S 21 -30.85 -59.69 25.51
CA ARG S 21 -30.86 -58.48 24.66
C ARG S 21 -29.44 -58.02 24.36
N SER S 22 -28.54 -58.12 25.33
CA SER S 22 -27.11 -57.78 25.20
C SER S 22 -26.41 -58.65 24.15
N SER S 23 -26.63 -59.97 24.16
CA SER S 23 -26.03 -60.89 23.16
C SER S 23 -26.65 -60.72 21.76
N ARG S 24 -27.96 -60.43 21.67
CA ARG S 24 -28.60 -60.01 20.39
C ARG S 24 -27.98 -58.72 19.84
N ALA S 25 -27.73 -57.72 20.70
CA ALA S 25 -27.04 -56.48 20.36
C ALA S 25 -25.52 -56.64 20.06
N GLY S 26 -24.91 -57.77 20.44
CA GLY S 26 -23.46 -58.01 20.33
C GLY S 26 -22.61 -57.30 21.40
N LEU S 27 -23.24 -56.92 22.52
CA LEU S 27 -22.64 -56.14 23.60
C LEU S 27 -22.22 -57.00 24.80
N GLN S 28 -21.21 -56.53 25.54
CA GLN S 28 -20.93 -56.94 26.91
C GLN S 28 -21.87 -56.21 27.89
N PHE S 29 -22.07 -54.90 27.72
CA PHE S 29 -22.83 -54.04 28.65
C PHE S 29 -24.31 -54.46 28.75
N PRO S 30 -24.92 -54.37 29.96
CA PRO S 30 -26.21 -55.01 30.27
C PRO S 30 -27.42 -54.19 29.80
N VAL S 31 -27.97 -54.53 28.63
CA VAL S 31 -29.09 -53.78 28.01
C VAL S 31 -30.32 -53.72 28.92
N GLY S 32 -30.70 -54.83 29.57
CA GLY S 32 -31.86 -54.89 30.46
C GLY S 32 -31.71 -54.00 31.71
N ARG S 33 -30.52 -54.01 32.34
CA ARG S 33 -30.19 -53.11 33.46
C ARG S 33 -30.23 -51.64 33.02
N VAL S 34 -29.70 -51.32 31.83
CA VAL S 34 -29.78 -49.95 31.27
C VAL S 34 -31.23 -49.52 31.02
N HIS S 35 -32.11 -50.40 30.53
CA HIS S 35 -33.55 -50.11 30.38
C HIS S 35 -34.22 -49.88 31.74
N ARG S 36 -33.95 -50.74 32.72
CA ARG S 36 -34.44 -50.63 34.11
C ARG S 36 -34.00 -49.32 34.77
N LEU S 37 -32.74 -48.90 34.57
CA LEU S 37 -32.23 -47.61 35.04
C LEU S 37 -32.86 -46.41 34.31
N LEU S 38 -33.08 -46.48 32.99
CA LEU S 38 -33.81 -45.44 32.24
C LEU S 38 -35.25 -45.24 32.76
N ARG S 39 -35.95 -46.34 33.12
CA ARG S 39 -37.25 -46.27 33.80
C ARG S 39 -37.15 -45.72 35.23
N LYS S 40 -36.40 -46.38 36.12
CA LYS S 40 -36.37 -46.05 37.57
C LYS S 40 -35.66 -44.74 37.92
N GLY S 41 -34.82 -44.22 37.02
CA GLY S 41 -34.26 -42.86 37.08
C GLY S 41 -35.25 -41.75 36.68
N ASN S 42 -36.52 -42.10 36.39
CA ASN S 42 -37.64 -41.19 36.07
C ASN S 42 -37.47 -40.35 34.78
N TYR S 43 -36.53 -40.72 33.89
CA TYR S 43 -36.17 -39.90 32.72
C TYR S 43 -37.30 -39.76 31.67
N SER S 44 -38.21 -40.73 31.57
CA SER S 44 -39.35 -40.71 30.65
C SER S 44 -40.46 -41.68 31.05
N GLU S 45 -41.69 -41.44 30.55
CA GLU S 45 -42.86 -42.29 30.81
C GLU S 45 -42.87 -43.59 29.98
N ARG S 46 -42.14 -43.59 28.85
CA ARG S 46 -41.86 -44.74 27.97
C ARG S 46 -40.38 -44.77 27.56
N VAL S 47 -39.86 -45.95 27.23
CA VAL S 47 -38.47 -46.16 26.77
C VAL S 47 -38.47 -47.14 25.59
N GLY S 48 -38.12 -46.65 24.39
CA GLY S 48 -38.08 -47.46 23.17
C GLY S 48 -37.05 -48.58 23.27
N ALA S 49 -37.37 -49.80 22.80
CA ALA S 49 -36.56 -51.00 23.05
C ALA S 49 -35.09 -50.90 22.56
N GLY S 50 -34.82 -50.10 21.52
CA GLY S 50 -33.46 -49.82 21.02
C GLY S 50 -32.69 -48.73 21.77
N ALA S 51 -33.35 -47.86 22.56
CA ALA S 51 -32.69 -46.82 23.35
C ALA S 51 -31.65 -47.35 24.36
N PRO S 52 -31.95 -48.36 25.21
CA PRO S 52 -30.95 -48.94 26.10
C PRO S 52 -29.86 -49.72 25.35
N VAL S 53 -30.16 -50.30 24.19
CA VAL S 53 -29.15 -50.95 23.31
C VAL S 53 -28.14 -49.91 22.82
N TYR S 54 -28.63 -48.78 22.29
CA TYR S 54 -27.80 -47.68 21.83
C TYR S 54 -26.95 -47.11 22.97
N LEU S 55 -27.56 -46.82 24.13
CA LEU S 55 -26.87 -46.28 25.31
C LEU S 55 -25.81 -47.24 25.87
N ALA S 56 -26.13 -48.54 25.98
CA ALA S 56 -25.17 -49.58 26.37
C ALA S 56 -23.98 -49.65 25.39
N ALA S 57 -24.25 -49.60 24.07
CA ALA S 57 -23.20 -49.59 23.04
C ALA S 57 -22.29 -48.35 23.12
N VAL S 58 -22.85 -47.17 23.41
CA VAL S 58 -22.08 -45.93 23.60
C VAL S 58 -21.18 -46.01 24.83
N LEU S 59 -21.72 -46.45 25.98
CA LEU S 59 -20.96 -46.64 27.21
C LEU S 59 -19.85 -47.71 27.04
N GLU S 60 -20.16 -48.80 26.35
CA GLU S 60 -19.20 -49.84 25.98
C GLU S 60 -18.07 -49.32 25.07
N TYR S 61 -18.41 -48.57 24.01
CA TYR S 61 -17.43 -47.95 23.11
C TYR S 61 -16.48 -47.01 23.86
N LEU S 62 -17.01 -46.08 24.67
CA LEU S 62 -16.19 -45.14 25.43
C LEU S 62 -15.33 -45.86 26.47
N THR S 63 -15.87 -46.91 27.11
CA THR S 63 -15.12 -47.79 28.02
C THR S 63 -13.96 -48.48 27.29
N ALA S 64 -14.20 -49.03 26.09
CA ALA S 64 -13.15 -49.63 25.27
C ALA S 64 -12.08 -48.61 24.85
N GLU S 65 -12.47 -47.41 24.41
CA GLU S 65 -11.52 -46.37 23.98
C GLU S 65 -10.61 -45.89 25.13
N ILE S 66 -11.16 -45.71 26.34
CA ILE S 66 -10.36 -45.38 27.53
C ILE S 66 -9.43 -46.54 27.90
N LEU S 67 -9.94 -47.78 27.98
CA LEU S 67 -9.13 -48.96 28.36
C LEU S 67 -8.05 -49.32 27.34
N GLU S 68 -8.28 -49.08 26.04
CA GLU S 68 -7.28 -49.20 24.98
C GLU S 68 -6.07 -48.29 25.28
N LEU S 69 -6.32 -46.98 25.42
CA LEU S 69 -5.29 -45.99 25.71
C LEU S 69 -4.63 -46.19 27.09
N ALA S 70 -5.42 -46.52 28.12
CA ALA S 70 -4.91 -46.77 29.47
C ALA S 70 -4.08 -48.05 29.56
N GLY S 71 -4.43 -49.11 28.80
CA GLY S 71 -3.61 -50.31 28.68
C GLY S 71 -2.26 -50.03 27.98
N ASN S 72 -2.24 -49.16 26.97
CA ASN S 72 -0.99 -48.68 26.37
C ASN S 72 -0.15 -47.86 27.36
N ALA S 73 -0.77 -46.96 28.13
CA ALA S 73 -0.09 -46.20 29.19
C ALA S 73 0.48 -47.12 30.30
N ALA S 74 -0.27 -48.15 30.71
CA ALA S 74 0.20 -49.17 31.65
C ALA S 74 1.41 -49.95 31.10
N ARG S 75 1.34 -50.38 29.83
CA ARG S 75 2.43 -51.10 29.14
C ARG S 75 3.69 -50.23 28.95
N ASP S 76 3.53 -48.94 28.68
CA ASP S 76 4.64 -47.97 28.66
C ASP S 76 5.26 -47.75 30.06
N ASN S 77 4.45 -47.78 31.13
CA ASN S 77 4.90 -47.82 32.53
C ASN S 77 5.41 -49.22 32.96
N LYS S 78 5.43 -50.21 32.05
CA LYS S 78 5.82 -51.63 32.24
C LYS S 78 4.98 -52.37 33.31
N LYS S 79 3.73 -51.93 33.51
CA LYS S 79 2.73 -52.52 34.41
C LYS S 79 1.78 -53.46 33.67
N THR S 80 1.44 -54.60 34.28
CA THR S 80 0.40 -55.51 33.80
C THR S 80 -1.01 -55.00 34.11
N ARG S 81 -1.19 -54.16 35.13
CA ARG S 81 -2.49 -53.58 35.53
C ARG S 81 -2.59 -52.09 35.23
N ILE S 82 -3.79 -51.66 34.80
CA ILE S 82 -4.21 -50.26 34.70
C ILE S 82 -4.43 -49.71 36.11
N ILE S 83 -3.83 -48.55 36.42
CA ILE S 83 -3.97 -47.81 37.69
C ILE S 83 -4.48 -46.37 37.41
N PRO S 84 -4.89 -45.58 38.42
CA PRO S 84 -5.46 -44.23 38.22
C PRO S 84 -4.60 -43.28 37.37
N ARG S 85 -3.27 -43.36 37.51
CA ARG S 85 -2.30 -42.63 36.67
C ARG S 85 -2.40 -42.99 35.19
N HIS S 86 -2.60 -44.26 34.85
CA HIS S 86 -2.76 -44.71 33.45
C HIS S 86 -4.08 -44.24 32.85
N LEU S 87 -5.15 -44.19 33.64
CA LEU S 87 -6.43 -43.59 33.23
C LEU S 87 -6.29 -42.07 33.00
N GLN S 88 -5.66 -41.35 33.92
CA GLN S 88 -5.40 -39.90 33.76
C GLN S 88 -4.48 -39.62 32.55
N LEU S 89 -3.42 -40.40 32.34
CA LEU S 89 -2.54 -40.29 31.16
C LEU S 89 -3.34 -40.49 29.86
N ALA S 90 -4.19 -41.53 29.79
CA ALA S 90 -5.05 -41.78 28.63
C ALA S 90 -6.04 -40.63 28.37
N ILE S 91 -6.72 -40.17 29.42
CA ILE S 91 -7.77 -39.13 29.34
C ILE S 91 -7.19 -37.75 29.00
N ARG S 92 -5.98 -37.40 29.48
CA ARG S 92 -5.40 -36.06 29.30
C ARG S 92 -4.49 -35.89 28.10
N ASN S 93 -3.86 -36.96 27.59
CA ASN S 93 -3.09 -36.89 26.34
C ASN S 93 -3.98 -36.84 25.09
N ASP S 94 -5.14 -37.53 25.10
CA ASP S 94 -6.15 -37.38 24.04
C ASP S 94 -6.99 -36.11 24.22
N GLU S 95 -7.02 -35.23 23.22
CA GLU S 95 -7.75 -33.96 23.29
C GLU S 95 -9.27 -34.16 23.47
N GLU S 96 -9.86 -35.18 22.84
CA GLU S 96 -11.31 -35.41 22.87
C GLU S 96 -11.80 -35.99 24.21
N LEU S 97 -11.10 -36.96 24.80
CA LEU S 97 -11.36 -37.39 26.18
C LEU S 97 -11.12 -36.24 27.18
N ASN S 98 -10.08 -35.41 26.97
CA ASN S 98 -9.84 -34.25 27.83
C ASN S 98 -10.98 -33.21 27.74
N LYS S 99 -11.54 -32.99 26.53
CA LYS S 99 -12.73 -32.14 26.32
C LYS S 99 -13.99 -32.72 26.97
N LEU S 100 -14.21 -34.05 26.85
CA LEU S 100 -15.35 -34.76 27.46
C LEU S 100 -15.31 -34.73 28.99
N LEU S 101 -14.12 -34.75 29.59
CA LEU S 101 -13.88 -34.87 31.04
C LEU S 101 -13.13 -33.66 31.64
N GLY S 102 -13.33 -32.47 31.08
CA GLY S 102 -12.54 -31.26 31.39
C GLY S 102 -12.61 -30.79 32.85
N ARG S 103 -13.79 -30.85 33.46
CA ARG S 103 -14.05 -30.45 34.86
C ARG S 103 -13.95 -31.58 35.90
N VAL S 104 -13.72 -32.83 35.44
CA VAL S 104 -13.66 -34.01 36.31
C VAL S 104 -12.32 -34.08 37.06
N THR S 105 -12.38 -34.29 38.38
CA THR S 105 -11.22 -34.65 39.21
C THR S 105 -11.10 -36.17 39.29
N ILE S 106 -9.91 -36.74 39.07
CA ILE S 106 -9.66 -38.19 39.14
C ILE S 106 -8.73 -38.49 40.33
N ALA S 107 -9.22 -39.24 41.32
CA ALA S 107 -8.44 -39.58 42.53
C ALA S 107 -7.14 -40.32 42.20
N GLN S 108 -6.03 -39.99 42.88
CA GLN S 108 -4.68 -40.56 42.68
C GLN S 108 -4.09 -40.44 41.25
N GLY S 109 -4.68 -39.63 40.35
CA GLY S 109 -4.20 -39.47 38.97
C GLY S 109 -3.08 -38.44 38.78
N GLY S 110 -3.05 -37.39 39.63
CA GLY S 110 -2.11 -36.26 39.51
C GLY S 110 -2.32 -35.43 38.24
N VAL S 111 -1.29 -34.67 37.84
CA VAL S 111 -1.25 -33.88 36.58
C VAL S 111 -0.12 -34.37 35.67
N LEU S 112 -0.14 -34.00 34.39
CA LEU S 112 0.94 -34.33 33.43
C LEU S 112 2.24 -33.56 33.78
N PRO S 113 3.43 -34.15 33.56
CA PRO S 113 4.71 -33.42 33.60
C PRO S 113 4.73 -32.28 32.57
N ASN S 114 4.84 -31.03 33.06
CA ASN S 114 4.72 -29.82 32.26
C ASN S 114 5.37 -28.62 32.97
N ILE S 115 6.33 -27.96 32.31
CA ILE S 115 7.03 -26.75 32.77
C ILE S 115 7.05 -25.70 31.66
N GLN S 116 6.70 -24.45 31.98
CA GLN S 116 6.66 -23.34 31.01
C GLN S 116 8.07 -22.91 30.60
N ALA S 117 8.26 -22.55 29.32
CA ALA S 117 9.58 -22.25 28.73
C ALA S 117 10.32 -21.07 29.41
N VAL S 118 9.58 -20.12 30.00
CA VAL S 118 10.15 -19.00 30.78
C VAL S 118 10.86 -19.46 32.06
N LEU S 119 10.42 -20.57 32.66
CA LEU S 119 10.97 -21.12 33.90
C LEU S 119 12.24 -21.97 33.68
N LEU S 120 12.34 -22.63 32.52
CA LEU S 120 13.47 -23.50 32.16
C LEU S 120 14.78 -22.71 31.91
N PRO S 121 15.96 -23.34 32.15
CA PRO S 121 17.27 -22.74 31.86
C PRO S 121 17.56 -22.61 30.36
N LYS S 122 18.63 -21.86 30.03
CA LYS S 122 19.14 -21.59 28.67
C LYS S 122 18.06 -20.99 27.75
N ARG T 37 -28.41 -56.55 46.08
CA ARG T 37 -27.72 -55.94 47.28
C ARG T 37 -26.88 -54.70 46.88
N LYS T 38 -25.67 -54.85 46.31
CA LYS T 38 -24.83 -53.75 45.76
C LYS T 38 -24.34 -54.06 44.34
N GLU T 39 -25.14 -53.65 43.34
CA GLU T 39 -24.80 -53.78 41.91
C GLU T 39 -23.71 -52.79 41.45
N SER T 40 -23.03 -53.10 40.33
CA SER T 40 -21.94 -52.30 39.74
C SER T 40 -21.83 -52.44 38.22
N TYR T 41 -20.94 -51.65 37.59
CA TYR T 41 -20.53 -51.85 36.18
C TYR T 41 -19.23 -52.67 36.06
N SER T 42 -18.62 -53.09 37.17
CA SER T 42 -17.21 -53.54 37.21
C SER T 42 -16.90 -54.74 36.32
N ILE T 43 -17.78 -55.74 36.26
CA ILE T 43 -17.57 -56.92 35.40
C ILE T 43 -17.61 -56.55 33.91
N TYR T 44 -18.40 -55.54 33.51
CA TYR T 44 -18.47 -55.09 32.11
C TYR T 44 -17.23 -54.29 31.70
N VAL T 45 -16.69 -53.48 32.61
CA VAL T 45 -15.37 -52.84 32.44
C VAL T 45 -14.28 -53.91 32.24
N TYR T 46 -14.28 -54.99 33.05
CA TYR T 46 -13.32 -56.09 32.87
C TYR T 46 -13.54 -56.90 31.58
N LYS T 47 -14.78 -57.25 31.24
CA LYS T 47 -15.13 -57.94 29.97
C LYS T 47 -14.66 -57.14 28.75
N VAL T 48 -14.81 -55.81 28.76
CA VAL T 48 -14.28 -54.92 27.72
C VAL T 48 -12.75 -54.83 27.77
N LEU T 49 -12.13 -54.81 28.95
CA LEU T 49 -10.66 -54.87 29.06
C LEU T 49 -10.09 -56.14 28.39
N LYS T 50 -10.71 -57.31 28.58
CA LYS T 50 -10.32 -58.56 27.89
C LYS T 50 -10.44 -58.48 26.36
N GLN T 51 -11.34 -57.65 25.81
CA GLN T 51 -11.45 -57.42 24.36
C GLN T 51 -10.32 -56.54 23.83
N VAL T 52 -9.97 -55.44 24.50
CA VAL T 52 -8.92 -54.51 24.02
C VAL T 52 -7.50 -55.00 24.32
N HIS T 53 -7.27 -55.59 25.50
CA HIS T 53 -5.97 -56.07 25.98
C HIS T 53 -6.12 -57.33 26.86
N PRO T 54 -6.09 -58.55 26.27
CA PRO T 54 -6.38 -59.80 27.00
C PRO T 54 -5.53 -60.04 28.25
N ASP T 55 -4.23 -59.75 28.19
CA ASP T 55 -3.29 -59.96 29.30
C ASP T 55 -3.35 -58.88 30.41
N THR T 56 -3.93 -57.71 30.11
CA THR T 56 -3.93 -56.55 31.02
C THR T 56 -5.01 -56.68 32.12
N GLY T 57 -4.67 -56.30 33.34
CA GLY T 57 -5.59 -56.20 34.49
C GLY T 57 -5.91 -54.75 34.88
N ILE T 58 -6.59 -54.53 36.02
CA ILE T 58 -6.99 -53.20 36.49
C ILE T 58 -7.14 -53.14 38.03
N SER T 59 -6.62 -52.07 38.65
CA SER T 59 -6.68 -51.88 40.10
C SER T 59 -8.11 -51.56 40.59
N SER T 60 -8.38 -51.77 41.88
CA SER T 60 -9.67 -51.43 42.49
C SER T 60 -10.01 -49.93 42.40
N LYS T 61 -9.01 -49.05 42.59
CA LYS T 61 -9.17 -47.59 42.41
C LYS T 61 -9.47 -47.22 40.95
N ALA T 62 -8.77 -47.82 40.00
CA ALA T 62 -9.02 -47.63 38.57
C ALA T 62 -10.41 -48.16 38.15
N MET T 63 -10.82 -49.31 38.68
CA MET T 63 -12.17 -49.85 38.49
C MET T 63 -13.25 -48.93 39.07
N GLY T 64 -13.01 -48.33 40.24
CA GLY T 64 -13.88 -47.30 40.82
C GLY T 64 -14.00 -46.06 39.93
N ILE T 65 -12.89 -45.57 39.37
CA ILE T 65 -12.88 -44.45 38.40
C ILE T 65 -13.69 -44.79 37.15
N MET T 66 -13.55 -46.00 36.60
CA MET T 66 -14.36 -46.45 35.45
C MET T 66 -15.86 -46.58 35.79
N ASN T 67 -16.22 -47.03 37.00
CA ASN T 67 -17.60 -47.00 37.47
C ASN T 67 -18.14 -45.56 37.58
N SER T 68 -17.35 -44.60 38.11
CA SER T 68 -17.73 -43.19 38.12
C SER T 68 -17.95 -42.63 36.71
N PHE T 69 -17.06 -42.96 35.76
CA PHE T 69 -17.19 -42.56 34.35
C PHE T 69 -18.49 -43.08 33.71
N VAL T 70 -18.78 -44.38 33.84
CA VAL T 70 -20.00 -44.98 33.26
C VAL T 70 -21.27 -44.38 33.88
N ASN T 71 -21.31 -44.18 35.20
CA ASN T 71 -22.44 -43.50 35.88
C ASN T 71 -22.62 -42.05 35.39
N ASP T 72 -21.55 -41.26 35.32
CA ASP T 72 -21.60 -39.87 34.86
C ASP T 72 -22.11 -39.76 33.41
N ILE T 73 -21.51 -40.49 32.46
CA ILE T 73 -21.94 -40.47 31.06
C ILE T 73 -23.36 -41.02 30.88
N PHE T 74 -23.79 -42.03 31.65
CA PHE T 74 -25.19 -42.46 31.70
C PHE T 74 -26.13 -41.31 32.13
N GLU T 75 -25.83 -40.64 33.25
CA GLU T 75 -26.63 -39.52 33.75
C GLU T 75 -26.69 -38.35 32.74
N ARG T 76 -25.59 -38.02 32.07
CA ARG T 76 -25.56 -36.98 31.01
C ARG T 76 -26.48 -37.34 29.85
N ILE T 77 -26.32 -38.52 29.25
CA ILE T 77 -27.08 -38.93 28.07
C ILE T 77 -28.57 -39.10 28.40
N ALA T 78 -28.91 -39.75 29.51
CA ALA T 78 -30.30 -39.91 29.95
C ALA T 78 -30.97 -38.56 30.31
N GLY T 79 -30.21 -37.63 30.92
CA GLY T 79 -30.67 -36.26 31.22
C GLY T 79 -30.93 -35.43 29.95
N GLU T 80 -30.02 -35.45 28.98
CA GLU T 80 -30.23 -34.75 27.70
C GLU T 80 -31.34 -35.41 26.86
N ALA T 81 -31.46 -36.73 26.89
CA ALA T 81 -32.59 -37.46 26.27
C ALA T 81 -33.93 -37.08 26.91
N SER T 82 -33.99 -36.93 28.23
CA SER T 82 -35.15 -36.39 28.96
C SER T 82 -35.51 -34.97 28.52
N ARG T 83 -34.51 -34.07 28.44
CA ARG T 83 -34.69 -32.70 27.93
C ARG T 83 -35.22 -32.70 26.48
N LEU T 84 -34.61 -33.47 25.58
CA LEU T 84 -35.05 -33.61 24.18
C LEU T 84 -36.50 -34.11 24.07
N ALA T 85 -36.91 -35.06 24.91
CA ALA T 85 -38.29 -35.52 24.98
C ALA T 85 -39.25 -34.40 25.44
N HIS T 86 -38.93 -33.70 26.55
CA HIS T 86 -39.72 -32.57 27.07
C HIS T 86 -39.85 -31.41 26.06
N TYR T 87 -38.76 -31.03 25.38
CA TYR T 87 -38.74 -29.99 24.34
C TYR T 87 -39.65 -30.31 23.14
N ASN T 88 -40.07 -31.57 22.98
CA ASN T 88 -40.93 -32.06 21.90
C ASN T 88 -42.20 -32.78 22.41
N LYS T 89 -42.58 -32.55 23.68
CA LYS T 89 -43.76 -33.13 24.37
C LYS T 89 -43.83 -34.67 24.38
N ARG T 90 -42.73 -35.37 24.03
CA ARG T 90 -42.71 -36.84 23.86
C ARG T 90 -42.73 -37.57 25.20
N SER T 91 -43.56 -38.60 25.31
CA SER T 91 -43.59 -39.52 26.46
C SER T 91 -42.40 -40.49 26.45
N THR T 92 -41.87 -40.82 25.26
CA THR T 92 -40.85 -41.84 25.03
C THR T 92 -39.44 -41.24 24.90
N ILE T 93 -38.44 -41.84 25.54
CA ILE T 93 -37.04 -41.77 25.09
C ILE T 93 -36.81 -42.90 24.08
N THR T 94 -36.63 -42.57 22.81
CA THR T 94 -36.28 -43.52 21.74
C THR T 94 -34.77 -43.53 21.48
N SER T 95 -34.29 -44.43 20.62
CA SER T 95 -32.91 -44.40 20.12
C SER T 95 -32.55 -43.05 19.46
N ARG T 96 -33.52 -42.32 18.89
CA ARG T 96 -33.33 -40.97 18.34
C ARG T 96 -33.03 -39.92 19.42
N GLU T 97 -33.68 -39.98 20.59
CA GLU T 97 -33.32 -39.12 21.73
C GLU T 97 -31.90 -39.42 22.23
N ILE T 98 -31.53 -40.70 22.35
CA ILE T 98 -30.16 -41.10 22.72
C ILE T 98 -29.14 -40.62 21.68
N GLN T 99 -29.43 -40.81 20.38
CA GLN T 99 -28.58 -40.36 19.27
C GLN T 99 -28.33 -38.84 19.31
N THR T 100 -29.39 -38.04 19.42
CA THR T 100 -29.25 -36.57 19.49
C THR T 100 -28.56 -36.12 20.77
N ALA T 101 -28.85 -36.75 21.92
CA ALA T 101 -28.14 -36.50 23.18
C ALA T 101 -26.63 -36.76 23.02
N VAL T 102 -26.24 -37.89 22.44
CA VAL T 102 -24.84 -38.25 22.18
C VAL T 102 -24.16 -37.25 21.23
N ARG T 103 -24.84 -36.83 20.15
CA ARG T 103 -24.33 -35.79 19.22
C ARG T 103 -24.15 -34.42 19.86
N LEU T 104 -25.02 -34.03 20.81
CA LEU T 104 -24.87 -32.80 21.60
C LEU T 104 -23.72 -32.90 22.62
N LEU T 105 -23.62 -34.02 23.34
CA LEU T 105 -22.72 -34.20 24.49
C LEU T 105 -21.26 -34.49 24.11
N LEU T 106 -21.01 -35.42 23.18
CA LEU T 106 -19.65 -35.86 22.85
C LEU T 106 -18.96 -34.92 21.82
N PRO T 107 -17.63 -34.72 21.91
CA PRO T 107 -16.85 -34.03 20.89
C PRO T 107 -16.46 -34.92 19.70
N GLY T 108 -16.12 -34.29 18.58
CA GLY T 108 -15.23 -34.83 17.53
C GLY T 108 -15.51 -36.24 17.03
N GLU T 109 -14.45 -37.04 16.90
CA GLU T 109 -14.49 -38.44 16.46
C GLU T 109 -15.14 -39.37 17.49
N LEU T 110 -15.01 -39.10 18.80
CA LEU T 110 -15.72 -39.84 19.86
C LEU T 110 -17.24 -39.86 19.58
N ALA T 111 -17.84 -38.73 19.20
CA ALA T 111 -19.25 -38.64 18.84
C ALA T 111 -19.59 -39.51 17.62
N LYS T 112 -18.80 -39.42 16.53
CA LYS T 112 -19.01 -40.20 15.29
C LYS T 112 -18.94 -41.71 15.54
N HIS T 113 -17.93 -42.15 16.29
CA HIS T 113 -17.74 -43.56 16.66
C HIS T 113 -18.86 -44.05 17.60
N ALA T 114 -19.23 -43.27 18.62
CA ALA T 114 -20.34 -43.58 19.52
C ALA T 114 -21.68 -43.71 18.77
N VAL T 115 -21.96 -42.80 17.81
CA VAL T 115 -23.13 -42.89 16.93
C VAL T 115 -23.09 -44.15 16.07
N SER T 116 -21.95 -44.48 15.46
CA SER T 116 -21.77 -45.68 14.64
C SER T 116 -22.03 -46.96 15.45
N GLU T 117 -21.38 -47.12 16.62
CA GLU T 117 -21.58 -48.29 17.48
C GLU T 117 -23.01 -48.39 18.06
N GLY T 118 -23.63 -47.25 18.42
CA GLY T 118 -25.04 -47.18 18.81
C GLY T 118 -25.97 -47.72 17.74
N THR T 119 -25.84 -47.23 16.50
CA THR T 119 -26.61 -47.70 15.34
C THR T 119 -26.34 -49.18 15.04
N LYS T 120 -25.07 -49.62 15.00
CA LYS T 120 -24.68 -51.02 14.73
C LYS T 120 -25.29 -52.00 15.72
N ALA T 121 -25.23 -51.69 17.03
CA ALA T 121 -25.82 -52.51 18.08
C ALA T 121 -27.36 -52.60 17.94
N VAL T 122 -28.05 -51.48 17.67
CA VAL T 122 -29.50 -51.47 17.43
C VAL T 122 -29.86 -52.28 16.17
N THR T 123 -29.11 -52.15 15.08
CA THR T 123 -29.33 -52.96 13.86
C THR T 123 -29.20 -54.46 14.14
N LYS T 124 -28.11 -54.89 14.81
CA LYS T 124 -27.89 -56.30 15.16
C LYS T 124 -28.96 -56.85 16.13
N TYR T 125 -29.41 -56.02 17.07
CA TYR T 125 -30.52 -56.34 17.98
C TYR T 125 -31.86 -56.54 17.26
N THR T 126 -32.19 -55.66 16.30
CA THR T 126 -33.45 -55.68 15.55
C THR T 126 -33.53 -56.77 14.47
N SER T 127 -32.43 -57.08 13.76
CA SER T 127 -32.40 -58.04 12.64
C SER T 127 -32.65 -59.50 13.03
N ALA U 99 62.24 20.12 40.15
CA ALA U 99 61.76 19.55 38.85
C ALA U 99 62.51 18.26 38.49
N PRO U 100 62.05 17.07 38.95
CA PRO U 100 62.73 15.80 38.73
C PRO U 100 62.62 15.29 37.28
N VAL U 101 63.65 14.58 36.81
CA VAL U 101 63.60 13.83 35.55
C VAL U 101 62.71 12.60 35.70
N ASP U 102 61.89 12.29 34.68
CA ASP U 102 60.98 11.14 34.68
C ASP U 102 61.71 9.80 34.94
N PRO U 103 61.33 9.00 35.96
CA PRO U 103 61.92 7.67 36.19
C PRO U 103 61.73 6.70 35.01
N GLU U 104 60.74 6.90 34.14
CA GLU U 104 60.58 6.12 32.89
C GLU U 104 61.61 6.49 31.80
N CYS U 105 62.30 7.63 31.93
CA CYS U 105 63.41 8.03 31.05
C CYS U 105 64.70 7.25 31.38
N THR U 106 64.64 5.92 31.39
CA THR U 106 65.71 5.03 31.91
C THR U 106 67.06 5.20 31.19
N ALA U 107 67.08 5.70 29.96
CA ALA U 107 68.28 6.02 29.20
C ALA U 107 69.03 7.29 29.68
N LYS U 108 68.37 8.19 30.43
CA LYS U 108 68.90 9.54 30.77
C LYS U 108 68.68 9.98 32.23
N VAL U 109 67.71 9.42 32.95
CA VAL U 109 67.49 9.69 34.39
C VAL U 109 68.73 9.30 35.20
N GLY U 110 69.14 10.17 36.15
CA GLY U 110 70.39 10.02 36.91
C GLY U 110 71.68 10.37 36.15
N LYS U 111 71.57 10.74 34.86
CA LYS U 111 72.68 11.23 34.00
C LYS U 111 72.46 12.67 33.48
N ALA U 112 71.29 13.25 33.77
CA ALA U 112 70.83 14.55 33.29
C ALA U 112 69.90 15.24 34.30
N HIS U 113 69.63 16.53 34.06
CA HIS U 113 68.64 17.34 34.79
C HIS U 113 67.65 18.02 33.83
N VAL U 114 66.50 18.48 34.35
CA VAL U 114 65.59 19.38 33.62
C VAL U 114 66.25 20.72 33.36
N TYR U 115 66.16 21.24 32.14
CA TYR U 115 66.67 22.57 31.78
C TYR U 115 65.79 23.70 32.35
N CYS U 116 66.42 24.74 32.89
CA CYS U 116 65.78 25.90 33.53
C CYS U 116 66.53 27.21 33.18
N GLU U 117 65.82 28.34 33.13
CA GLU U 117 66.39 29.68 32.91
C GLU U 117 65.52 30.78 33.52
N GLY U 118 66.12 31.61 34.39
CA GLY U 118 65.37 32.63 35.16
C GLY U 118 64.24 31.99 35.98
N ASN U 119 63.01 32.43 35.75
CA ASN U 119 61.79 31.85 36.35
C ASN U 119 61.27 30.59 35.61
N ASP U 120 61.74 30.31 34.39
CA ASP U 120 61.20 29.24 33.53
C ASP U 120 61.87 27.87 33.74
N VAL U 121 61.08 26.80 33.54
CA VAL U 121 61.40 25.40 33.85
C VAL U 121 60.77 24.48 32.78
N TYR U 122 61.61 23.83 31.98
CA TYR U 122 61.16 23.04 30.82
C TYR U 122 60.78 21.60 31.21
N ASP U 123 59.76 21.48 32.07
CA ASP U 123 59.15 20.24 32.56
C ASP U 123 57.66 20.48 32.81
N VAL U 124 56.79 19.76 32.09
CA VAL U 124 55.34 19.99 32.13
C VAL U 124 54.52 18.72 31.87
N MET U 125 53.51 18.49 32.71
CA MET U 125 52.53 17.41 32.57
C MET U 125 51.19 17.95 32.04
N LEU U 126 50.77 17.45 30.89
CA LEU U 126 49.47 17.70 30.26
C LEU U 126 48.49 16.55 30.56
N ASN U 127 47.20 16.86 30.64
CA ASN U 127 46.12 15.88 30.84
C ASN U 127 44.90 16.20 29.96
N GLN U 128 44.11 15.19 29.55
CA GLN U 128 42.84 15.38 28.85
C GLN U 128 41.82 14.32 29.29
N THR U 129 40.68 14.77 29.82
CA THR U 129 39.62 13.91 30.36
C THR U 129 38.25 14.38 29.86
N ASN U 130 37.45 13.44 29.33
CA ASN U 130 36.18 13.70 28.64
C ASN U 130 35.28 12.45 28.70
N LEU U 131 34.26 12.48 29.55
CA LEU U 131 33.38 11.32 29.79
C LEU U 131 32.42 11.02 28.61
N ARG U 132 32.12 12.01 27.77
CA ARG U 132 31.25 11.87 26.58
C ARG U 132 31.81 10.88 25.55
N ASP U 133 33.14 10.83 25.41
CA ASP U 133 33.87 9.94 24.48
C ASP U 133 34.92 9.05 25.18
N ASN U 134 34.80 8.91 26.51
CA ASN U 134 35.65 8.07 27.38
C ASN U 134 37.17 8.31 27.23
N ASN U 135 37.60 9.58 27.25
CA ASN U 135 39.03 9.94 27.33
C ASN U 135 39.46 10.21 28.78
N ASN U 136 40.67 9.80 29.17
CA ASN U 136 41.28 10.02 30.48
C ASN U 136 42.80 9.77 30.37
N LYS U 137 43.52 10.69 29.72
CA LYS U 137 44.90 10.52 29.23
C LYS U 137 45.85 11.64 29.67
N TYR U 138 47.15 11.36 29.57
CA TYR U 138 48.24 12.27 29.99
C TYR U 138 49.39 12.31 28.96
N TYR U 139 50.17 13.39 29.01
CA TYR U 139 51.37 13.59 28.19
C TYR U 139 52.41 14.42 28.96
N LEU U 140 53.52 13.80 29.36
CA LEU U 140 54.67 14.46 30.00
C LEU U 140 55.67 14.94 28.94
N ILE U 141 56.17 16.16 29.08
CA ILE U 141 57.22 16.76 28.23
C ILE U 141 58.35 17.28 29.13
N GLN U 142 59.62 16.95 28.83
CA GLN U 142 60.80 17.45 29.56
C GLN U 142 61.96 17.76 28.61
N LEU U 143 62.50 18.98 28.65
CA LEU U 143 63.79 19.31 28.03
C LEU U 143 64.89 18.96 29.04
N LEU U 144 65.76 18.02 28.68
CA LEU U 144 66.80 17.45 29.52
C LEU U 144 68.20 17.86 29.05
N GLU U 145 69.09 18.18 29.99
CA GLU U 145 70.50 18.51 29.76
C GLU U 145 71.41 17.55 30.54
N ASP U 146 72.41 16.95 29.88
CA ASP U 146 73.36 16.02 30.51
C ASP U 146 74.22 16.65 31.62
N ASP U 147 74.55 15.87 32.65
CA ASP U 147 75.32 16.34 33.82
C ASP U 147 76.78 16.70 33.49
N ALA U 148 77.44 15.91 32.63
CA ALA U 148 78.87 16.01 32.35
C ALA U 148 79.26 17.03 31.25
N GLN U 149 78.30 17.43 30.40
CA GLN U 149 78.56 18.23 29.18
C GLN U 149 77.31 18.99 28.70
N ARG U 150 77.50 20.10 27.99
CA ARG U 150 76.43 20.96 27.43
C ARG U 150 75.75 20.31 26.21
N ASN U 151 74.88 19.33 26.48
CA ASN U 151 74.22 18.47 25.50
C ASN U 151 72.76 18.20 25.91
N PHE U 152 71.84 18.12 24.94
CA PHE U 152 70.40 18.23 25.17
C PHE U 152 69.56 17.13 24.50
N SER U 153 68.40 16.86 25.09
CA SER U 153 67.36 15.97 24.55
C SER U 153 65.97 16.45 24.97
N VAL U 154 64.92 16.09 24.23
CA VAL U 154 63.52 16.23 24.69
C VAL U 154 62.95 14.85 24.97
N TRP U 155 62.64 14.57 26.23
CA TRP U 155 61.90 13.38 26.66
C TRP U 155 60.39 13.63 26.60
N MET U 156 59.65 12.62 26.16
CA MET U 156 58.19 12.62 26.10
C MET U 156 57.64 11.24 26.48
N ARG U 157 56.57 11.20 27.30
CA ARG U 157 55.97 9.95 27.79
C ARG U 157 54.47 10.12 28.05
N TRP U 158 53.64 9.22 27.53
CA TRP U 158 52.19 9.41 27.43
C TRP U 158 51.39 8.10 27.51
N GLY U 159 50.12 8.21 27.89
CA GLY U 159 49.20 7.08 28.00
C GLY U 159 47.84 7.43 28.59
N ARG U 160 47.03 6.40 28.86
CA ARG U 160 45.87 6.46 29.76
C ARG U 160 46.36 6.76 31.18
N VAL U 161 45.64 7.58 31.96
CA VAL U 161 46.07 8.03 33.30
C VAL U 161 46.41 6.83 34.22
N GLY U 162 47.62 6.85 34.77
CA GLY U 162 48.17 5.79 35.63
C GLY U 162 48.82 4.61 34.89
N LYS U 163 48.77 4.55 33.55
CA LYS U 163 49.34 3.48 32.71
C LYS U 163 50.69 3.86 32.10
N MET U 164 51.47 2.86 31.69
CA MET U 164 52.82 3.02 31.13
C MET U 164 52.81 3.60 29.70
N GLY U 165 51.96 3.07 28.83
CA GLY U 165 51.77 3.56 27.46
C GLY U 165 53.04 3.58 26.59
N GLN U 166 53.31 4.71 25.95
CA GLN U 166 54.40 4.93 24.99
C GLN U 166 55.31 6.12 25.40
N HIS U 167 56.50 6.19 24.78
CA HIS U 167 57.49 7.24 25.04
C HIS U 167 58.43 7.49 23.85
N SER U 168 59.21 8.58 23.91
CA SER U 168 60.27 8.93 22.97
C SER U 168 61.33 9.83 23.61
N LEU U 169 62.60 9.61 23.28
CA LEU U 169 63.74 10.47 23.64
C LEU U 169 64.36 11.07 22.36
N VAL U 170 64.01 12.33 22.04
CA VAL U 170 64.51 13.05 20.86
C VAL U 170 65.86 13.71 21.19
N ALA U 171 66.94 13.31 20.52
CA ALA U 171 68.27 13.89 20.72
C ALA U 171 68.45 15.22 19.95
N CYS U 172 69.10 16.20 20.60
CA CYS U 172 69.30 17.56 20.06
C CYS U 172 70.78 18.01 19.99
N SER U 173 71.73 17.13 20.34
CA SER U 173 73.17 17.44 20.42
C SER U 173 73.44 18.67 21.32
N GLY U 174 74.39 19.54 20.99
CA GLY U 174 74.62 20.82 21.69
C GLY U 174 73.64 21.94 21.34
N ASN U 175 72.64 21.69 20.48
CA ASN U 175 71.68 22.70 20.02
C ASN U 175 70.48 22.83 20.97
N LEU U 176 70.62 23.71 21.98
CA LEU U 176 69.54 24.05 22.91
C LEU U 176 68.33 24.68 22.21
N ASN U 177 68.53 25.49 21.16
CA ASN U 177 67.43 26.13 20.43
C ASN U 177 66.51 25.11 19.75
N LYS U 178 67.07 24.03 19.18
CA LYS U 178 66.31 22.88 18.66
C LYS U 178 65.52 22.17 19.77
N ALA U 179 66.13 21.95 20.94
CA ALA U 179 65.46 21.33 22.09
C ALA U 179 64.28 22.19 22.61
N LYS U 180 64.49 23.51 22.76
CA LYS U 180 63.43 24.49 23.10
C LYS U 180 62.31 24.48 22.06
N GLU U 181 62.64 24.54 20.77
CA GLU U 181 61.66 24.53 19.68
C GLU U 181 60.79 23.26 19.70
N ILE U 182 61.39 22.07 19.87
CA ILE U 182 60.66 20.80 19.93
C ILE U 182 59.75 20.73 21.17
N PHE U 183 60.26 21.13 22.34
CA PHE U 183 59.47 21.19 23.59
C PHE U 183 58.25 22.13 23.43
N GLN U 184 58.49 23.37 22.98
CA GLN U 184 57.47 24.39 22.78
C GLN U 184 56.47 24.00 21.68
N LYS U 185 56.91 23.41 20.57
CA LYS U 185 56.04 22.91 19.49
C LYS U 185 55.09 21.82 19.99
N LYS U 186 55.58 20.82 20.75
CA LYS U 186 54.71 19.75 21.27
C LYS U 186 53.65 20.31 22.22
N PHE U 187 54.03 21.21 23.13
CA PHE U 187 53.12 21.92 24.02
C PHE U 187 52.07 22.76 23.26
N LEU U 188 52.50 23.50 22.23
CA LEU U 188 51.64 24.28 21.35
C LEU U 188 50.65 23.40 20.57
N ASP U 189 51.10 22.31 19.95
CA ASP U 189 50.25 21.41 19.17
C ASP U 189 49.20 20.67 20.05
N LYS U 190 49.57 20.28 21.27
CA LYS U 190 48.66 19.61 22.23
C LYS U 190 47.70 20.56 22.97
N THR U 191 47.94 21.89 22.94
CA THR U 191 47.13 22.87 23.72
C THR U 191 46.66 24.13 22.94
N LYS U 192 46.99 24.25 21.65
CA LYS U 192 46.66 25.35 20.71
C LYS U 192 47.05 26.77 21.19
N ASN U 193 48.00 26.89 22.11
CA ASN U 193 48.42 28.16 22.73
C ASN U 193 49.93 28.14 23.09
N ASN U 194 50.55 29.33 23.16
CA ASN U 194 51.99 29.50 23.37
C ASN U 194 52.49 29.02 24.75
N TRP U 195 53.78 28.70 24.86
CA TRP U 195 54.45 28.44 26.14
C TRP U 195 54.73 29.74 26.93
N GLU U 196 55.22 30.78 26.24
CA GLU U 196 55.86 31.95 26.85
C GLU U 196 54.88 32.93 27.52
N ASP U 197 54.02 33.59 26.74
CA ASP U 197 53.07 34.63 27.21
C ASP U 197 51.74 34.03 27.72
N ARG U 198 51.85 33.02 28.58
CA ARG U 198 50.74 32.22 29.13
C ARG U 198 50.89 32.00 30.64
N GLU U 199 51.30 33.04 31.37
CA GLU U 199 51.35 33.05 32.84
C GLU U 199 49.94 32.86 33.45
N LYS U 200 48.92 33.42 32.79
CA LYS U 200 47.51 33.04 32.94
C LYS U 200 47.19 31.90 31.96
N PHE U 201 46.85 30.71 32.47
CA PHE U 201 46.58 29.54 31.64
C PHE U 201 45.14 29.52 31.11
N GLU U 202 44.92 30.04 29.91
CA GLU U 202 43.69 29.82 29.13
C GLU U 202 43.66 28.39 28.54
N LYS U 203 42.47 27.80 28.36
CA LYS U 203 42.27 26.41 27.90
C LYS U 203 41.11 26.32 26.91
N VAL U 204 41.25 25.45 25.90
CA VAL U 204 40.31 25.30 24.74
C VAL U 204 39.74 23.88 24.63
N PRO U 205 38.56 23.68 24.02
CA PRO U 205 37.98 22.35 23.79
C PRO U 205 38.80 21.51 22.78
N GLY U 206 38.71 20.18 22.90
CA GLY U 206 39.39 19.21 22.01
C GLY U 206 40.90 19.07 22.21
N LYS U 207 41.47 19.70 23.25
CA LYS U 207 42.92 19.79 23.54
C LYS U 207 43.23 19.52 25.02
N TYR U 208 44.51 19.36 25.35
CA TYR U 208 44.98 19.06 26.71
C TYR U 208 44.92 20.29 27.66
N ASP U 209 44.58 20.01 28.91
CA ASP U 209 44.79 20.84 30.11
C ASP U 209 46.21 20.65 30.67
N MET U 210 46.61 21.45 31.67
CA MET U 210 47.93 21.42 32.33
C MET U 210 47.80 21.57 33.85
N LEU U 211 48.50 20.73 34.63
CA LEU U 211 48.53 20.84 36.09
C LEU U 211 49.51 21.93 36.61
N GLN U 212 49.32 22.35 37.87
CA GLN U 212 50.19 23.30 38.58
C GLN U 212 51.20 22.59 39.49
N ALA V 99 75.61 -13.47 8.55
CA ALA V 99 74.43 -12.82 9.19
C ALA V 99 74.81 -11.44 9.79
N PRO V 100 74.67 -10.33 9.03
CA PRO V 100 75.05 -8.99 9.50
C PRO V 100 74.05 -8.41 10.52
N VAL V 101 74.54 -7.51 11.38
CA VAL V 101 73.68 -6.66 12.23
C VAL V 101 72.96 -5.63 11.35
N ASP V 102 71.66 -5.42 11.57
CA ASP V 102 70.87 -4.41 10.86
C ASP V 102 71.49 -2.99 10.98
N PRO V 103 71.84 -2.31 9.86
CA PRO V 103 72.39 -0.96 9.89
C PRO V 103 71.54 0.09 10.63
N GLU V 104 70.22 -0.13 10.76
CA GLU V 104 69.34 0.73 11.57
C GLU V 104 69.53 0.58 13.10
N CYS V 105 70.15 -0.51 13.56
CA CYS V 105 70.50 -0.75 14.97
C CYS V 105 71.78 0.01 15.37
N THR V 106 71.82 1.33 15.13
CA THR V 106 73.04 2.16 15.23
C THR V 106 73.73 2.12 16.60
N ALA V 107 72.99 1.85 17.68
CA ALA V 107 73.52 1.66 19.03
C ALA V 107 74.40 0.40 19.18
N LYS V 108 74.19 -0.63 18.36
CA LYS V 108 74.88 -1.93 18.41
C LYS V 108 75.81 -2.21 17.21
N VAL V 109 75.53 -1.66 16.03
CA VAL V 109 76.31 -1.91 14.79
C VAL V 109 77.83 -1.71 14.97
N GLY V 110 78.24 -0.71 15.75
CA GLY V 110 79.66 -0.43 16.02
C GLY V 110 80.32 -1.26 17.15
N LYS V 111 79.57 -2.13 17.84
CA LYS V 111 80.00 -2.80 19.09
C LYS V 111 79.42 -4.20 19.37
N ALA V 112 78.76 -4.82 18.40
CA ALA V 112 78.07 -6.11 18.58
C ALA V 112 78.02 -6.96 17.29
N HIS V 113 77.58 -8.22 17.42
CA HIS V 113 77.38 -9.18 16.34
C HIS V 113 76.11 -10.04 16.56
N VAL V 114 75.59 -10.68 15.51
CA VAL V 114 74.45 -11.62 15.62
C VAL V 114 74.87 -12.90 16.36
N TYR V 115 74.09 -13.30 17.37
CA TYR V 115 74.32 -14.53 18.13
C TYR V 115 74.01 -15.80 17.30
N CYS V 116 74.90 -16.78 17.39
CA CYS V 116 74.81 -18.07 16.68
C CYS V 116 75.34 -19.23 17.56
N GLU V 117 74.80 -20.44 17.37
CA GLU V 117 75.39 -21.70 17.88
C GLU V 117 75.20 -22.82 16.85
N GLY V 118 76.30 -23.28 16.22
CA GLY V 118 76.25 -24.21 15.09
C GLY V 118 75.41 -23.66 13.93
N ASN V 119 74.41 -24.43 13.48
CA ASN V 119 73.44 -24.00 12.46
C ASN V 119 72.33 -23.06 12.99
N ASP V 120 72.19 -22.91 14.30
CA ASP V 120 71.14 -22.09 14.94
C ASP V 120 71.54 -20.60 14.98
N VAL V 121 71.16 -19.86 13.93
CA VAL V 121 71.50 -18.45 13.70
C VAL V 121 70.31 -17.54 14.06
N TYR V 122 70.43 -16.75 15.13
CA TYR V 122 69.34 -15.93 15.67
C TYR V 122 69.20 -14.58 14.94
N ASP V 123 68.97 -14.66 13.64
CA ASP V 123 68.64 -13.58 12.71
C ASP V 123 67.59 -14.10 11.73
N VAL V 124 66.45 -13.40 11.63
CA VAL V 124 65.32 -13.77 10.77
C VAL V 124 64.54 -12.53 10.30
N MET V 125 64.22 -12.50 9.01
CA MET V 125 63.26 -11.56 8.43
C MET V 125 61.93 -12.25 8.15
N LEU V 126 60.84 -11.63 8.58
CA LEU V 126 59.47 -12.08 8.38
C LEU V 126 58.71 -11.09 7.49
N ASN V 127 57.75 -11.54 6.69
CA ASN V 127 56.99 -10.70 5.75
C ASN V 127 55.53 -11.15 5.60
N GLN V 128 54.59 -10.19 5.61
CA GLN V 128 53.17 -10.38 5.34
C GLN V 128 52.75 -9.49 4.14
N THR V 129 52.90 -10.04 2.93
CA THR V 129 52.31 -9.48 1.70
C THR V 129 50.97 -10.16 1.42
N ASN V 130 49.88 -9.38 1.36
CA ASN V 130 48.54 -9.84 1.04
C ASN V 130 47.77 -8.70 0.34
N LEU V 131 47.48 -8.84 -0.94
CA LEU V 131 46.85 -7.76 -1.74
C LEU V 131 45.35 -7.61 -1.51
N ARG V 132 44.67 -8.62 -0.93
CA ARG V 132 43.24 -8.57 -0.56
C ARG V 132 43.02 -7.71 0.68
N ASP V 133 43.87 -7.89 1.70
CA ASP V 133 43.94 -7.07 2.92
C ASP V 133 44.80 -5.80 2.76
N ASN V 134 45.52 -5.69 1.64
CA ASN V 134 46.55 -4.67 1.35
C ASN V 134 47.67 -4.57 2.41
N ASN V 135 48.06 -5.69 3.02
CA ASN V 135 49.32 -5.75 3.78
C ASN V 135 50.52 -5.88 2.84
N ASN V 136 51.64 -5.23 3.17
CA ASN V 136 52.93 -5.48 2.56
C ASN V 136 54.07 -5.20 3.56
N LYS V 137 53.92 -5.73 4.77
CA LYS V 137 54.74 -5.38 5.94
C LYS V 137 55.77 -6.44 6.33
N TYR V 138 56.93 -5.98 6.78
CA TYR V 138 58.00 -6.82 7.31
C TYR V 138 58.12 -6.72 8.84
N TYR V 139 58.75 -7.73 9.44
CA TYR V 139 59.20 -7.72 10.83
C TYR V 139 60.55 -8.44 10.93
N LEU V 140 61.61 -7.70 11.21
CA LEU V 140 62.96 -8.23 11.44
C LEU V 140 63.16 -8.56 12.93
N ILE V 141 63.82 -9.68 13.23
CA ILE V 141 64.23 -10.07 14.58
C ILE V 141 65.72 -10.47 14.56
N GLN V 142 66.53 -9.89 15.45
CA GLN V 142 67.95 -10.24 15.63
C GLN V 142 68.33 -10.30 17.11
N LEU V 143 68.82 -11.45 17.59
CA LEU V 143 69.51 -11.53 18.88
C LEU V 143 70.97 -11.12 18.68
N LEU V 144 71.38 -10.07 19.36
CA LEU V 144 72.72 -9.49 19.29
C LEU V 144 73.52 -9.80 20.57
N GLU V 145 74.83 -10.02 20.43
CA GLU V 145 75.80 -10.15 21.51
C GLU V 145 76.89 -9.06 21.38
N ASP V 146 77.20 -8.39 22.49
CA ASP V 146 78.22 -7.34 22.53
C ASP V 146 79.66 -7.87 22.33
N ASP V 147 80.54 -7.07 21.71
CA ASP V 147 81.94 -7.42 21.46
C ASP V 147 82.80 -7.45 22.74
N ALA V 148 82.57 -6.50 23.66
CA ALA V 148 83.42 -6.28 24.84
C ALA V 148 83.10 -7.19 26.04
N GLN V 149 81.86 -7.68 26.16
CA GLN V 149 81.33 -8.41 27.32
C GLN V 149 80.29 -9.47 26.91
N ARG V 150 80.08 -10.49 27.76
CA ARG V 150 79.03 -11.52 27.61
C ARG V 150 77.64 -10.94 27.95
N ASN V 151 77.14 -10.07 27.07
CA ASN V 151 75.88 -9.34 27.22
C ASN V 151 75.08 -9.32 25.89
N PHE V 152 73.75 -9.28 25.99
CA PHE V 152 72.83 -9.57 24.89
C PHE V 152 71.72 -8.53 24.75
N SER V 153 71.17 -8.39 23.53
CA SER V 153 69.99 -7.55 23.27
C SER V 153 69.21 -8.06 22.07
N VAL V 154 67.87 -8.04 22.13
CA VAL V 154 67.01 -8.38 20.97
C VAL V 154 66.66 -7.09 20.21
N TRP V 155 67.23 -6.92 19.02
CA TRP V 155 66.82 -5.89 18.07
C TRP V 155 65.61 -6.34 17.24
N MET V 156 64.66 -5.43 17.04
CA MET V 156 63.46 -5.62 16.24
C MET V 156 63.10 -4.36 15.45
N ARG V 157 62.68 -4.54 14.19
CA ARG V 157 62.30 -3.44 13.28
C ARG V 157 61.14 -3.87 12.38
N TRP V 158 60.19 -2.97 12.16
CA TRP V 158 59.02 -3.21 11.31
C TRP V 158 58.70 -2.00 10.42
N GLY V 159 57.87 -2.24 9.41
CA GLY V 159 57.37 -1.24 8.47
C GLY V 159 56.71 -1.89 7.25
N ARG V 160 56.12 -1.08 6.36
CA ARG V 160 55.79 -1.52 4.99
C ARG V 160 57.08 -1.65 4.19
N VAL V 161 57.20 -2.64 3.30
CA VAL V 161 58.40 -2.86 2.48
C VAL V 161 58.76 -1.58 1.69
N GLY V 162 59.99 -1.11 1.85
CA GLY V 162 60.47 0.18 1.33
C GLY V 162 60.35 1.38 2.29
N LYS V 163 59.81 1.20 3.51
CA LYS V 163 59.63 2.23 4.56
C LYS V 163 60.06 1.75 5.95
N MET V 164 60.14 2.68 6.89
CA MET V 164 60.25 2.40 8.34
C MET V 164 58.90 2.65 9.05
N GLY V 165 58.55 1.78 9.99
CA GLY V 165 57.45 1.94 10.94
C GLY V 165 57.97 2.43 12.30
N GLN V 166 58.07 1.51 13.26
CA GLN V 166 58.76 1.70 14.55
C GLN V 166 59.79 0.56 14.77
N HIS V 167 60.46 0.57 15.93
CA HIS V 167 61.54 -0.36 16.29
C HIS V 167 61.68 -0.55 17.81
N SER V 168 62.47 -1.54 18.23
CA SER V 168 62.78 -1.81 19.64
C SER V 168 64.14 -2.50 19.81
N LEU V 169 64.82 -2.22 20.93
CA LEU V 169 66.10 -2.82 21.33
C LEU V 169 66.02 -3.28 22.80
N VAL V 170 65.67 -4.55 23.02
CA VAL V 170 65.42 -5.10 24.36
C VAL V 170 66.73 -5.63 24.96
N ALA V 171 67.38 -4.84 25.81
CA ALA V 171 68.60 -5.24 26.53
C ALA V 171 68.29 -6.31 27.61
N CYS V 172 69.14 -7.33 27.72
CA CYS V 172 68.88 -8.54 28.52
C CYS V 172 69.91 -8.79 29.65
N SER V 173 70.83 -7.86 29.92
CA SER V 173 71.70 -7.84 31.12
C SER V 173 72.45 -9.17 31.40
N GLY V 174 73.03 -9.76 30.36
CA GLY V 174 73.77 -11.03 30.42
C GLY V 174 72.93 -12.31 30.49
N ASN V 175 71.60 -12.22 30.56
CA ASN V 175 70.68 -13.36 30.60
C ASN V 175 70.32 -13.82 29.17
N LEU V 176 71.11 -14.74 28.62
CA LEU V 176 70.90 -15.30 27.27
C LEU V 176 69.56 -16.06 27.16
N ASN V 177 69.13 -16.75 28.22
CA ASN V 177 67.86 -17.49 28.25
C ASN V 177 66.66 -16.56 28.08
N LYS V 178 66.64 -15.42 28.78
CA LYS V 178 65.65 -14.34 28.60
C LYS V 178 65.69 -13.78 27.18
N ALA V 179 66.89 -13.49 26.67
CA ALA V 179 67.06 -12.93 25.32
C ALA V 179 66.54 -13.87 24.22
N LYS V 180 66.86 -15.17 24.29
CA LYS V 180 66.31 -16.21 23.43
C LYS V 180 64.79 -16.33 23.57
N GLU V 181 64.25 -16.33 24.80
CA GLU V 181 62.81 -16.44 25.03
C GLU V 181 62.03 -15.28 24.39
N ILE V 182 62.52 -14.03 24.52
CA ILE V 182 61.94 -12.85 23.85
C ILE V 182 61.96 -13.01 22.32
N PHE V 183 63.12 -13.37 21.76
CA PHE V 183 63.30 -13.58 20.32
C PHE V 183 62.34 -14.67 19.78
N GLN V 184 62.32 -15.84 20.41
CA GLN V 184 61.51 -16.99 19.98
C GLN V 184 60.00 -16.74 20.17
N LYS V 185 59.57 -16.05 21.24
CA LYS V 185 58.17 -15.67 21.47
C LYS V 185 57.65 -14.75 20.35
N LYS V 186 58.42 -13.71 19.98
CA LYS V 186 58.04 -12.80 18.87
C LYS V 186 57.95 -13.55 17.53
N PHE V 187 58.90 -14.43 17.22
CA PHE V 187 58.85 -15.30 16.04
C PHE V 187 57.59 -16.19 16.03
N LEU V 188 57.29 -16.86 17.14
CA LEU V 188 56.10 -17.71 17.27
C LEU V 188 54.80 -16.91 17.11
N ASP V 189 54.69 -15.74 17.75
CA ASP V 189 53.51 -14.87 17.62
C ASP V 189 53.27 -14.38 16.18
N LYS V 190 54.34 -14.07 15.43
CA LYS V 190 54.26 -13.57 14.04
C LYS V 190 54.05 -14.67 13.00
N THR V 191 54.52 -15.89 13.24
CA THR V 191 54.50 -17.00 12.24
C THR V 191 53.60 -18.18 12.58
N LYS V 192 53.17 -18.34 13.84
CA LYS V 192 52.54 -19.56 14.40
C LYS V 192 53.37 -20.85 14.19
N ASN V 193 54.69 -20.70 13.97
CA ASN V 193 55.68 -21.79 13.94
C ASN V 193 56.61 -21.68 15.17
N ASN V 194 57.02 -22.81 15.75
CA ASN V 194 58.07 -22.82 16.79
C ASN V 194 59.46 -22.60 16.16
N TRP V 195 60.41 -22.02 16.91
CA TRP V 195 61.78 -21.81 16.39
C TRP V 195 62.51 -23.13 16.07
N GLU V 196 62.24 -24.19 16.83
CA GLU V 196 62.74 -25.54 16.55
C GLU V 196 62.14 -26.17 15.27
N ASP V 197 61.03 -25.63 14.75
CA ASP V 197 60.39 -26.04 13.49
C ASP V 197 60.93 -25.28 12.25
N ARG V 198 61.91 -24.37 12.39
CA ARG V 198 62.46 -23.56 11.28
C ARG V 198 62.96 -24.40 10.09
N GLU V 199 63.50 -25.60 10.36
CA GLU V 199 63.94 -26.56 9.34
C GLU V 199 62.80 -27.25 8.57
N LYS V 200 61.55 -27.11 9.04
CA LYS V 200 60.32 -27.71 8.49
C LYS V 200 59.13 -26.72 8.58
N PHE V 201 59.42 -25.44 8.31
CA PHE V 201 58.48 -24.32 8.43
C PHE V 201 57.27 -24.48 7.50
N GLU V 202 56.08 -24.05 7.94
CA GLU V 202 54.83 -24.10 7.17
C GLU V 202 54.05 -22.78 7.25
N LYS V 203 53.51 -22.35 6.11
CA LYS V 203 52.84 -21.04 5.95
C LYS V 203 51.42 -21.06 6.54
N VAL V 204 50.98 -19.94 7.11
CA VAL V 204 49.72 -19.80 7.87
C VAL V 204 48.97 -18.52 7.45
N PRO V 205 47.66 -18.57 7.15
CA PRO V 205 46.88 -17.38 6.78
C PRO V 205 46.73 -16.40 7.97
N GLY V 206 46.78 -15.09 7.67
CA GLY V 206 46.73 -14.03 8.68
C GLY V 206 48.00 -13.88 9.54
N LYS V 207 49.11 -14.52 9.13
CA LYS V 207 50.43 -14.51 9.77
C LYS V 207 51.54 -14.19 8.76
N TYR V 208 52.72 -13.84 9.27
CA TYR V 208 53.90 -13.56 8.45
C TYR V 208 54.52 -14.87 7.91
N ASP V 209 54.92 -14.83 6.64
CA ASP V 209 55.87 -15.77 6.02
C ASP V 209 57.31 -15.47 6.49
N MET V 210 58.24 -16.39 6.25
CA MET V 210 59.66 -16.29 6.61
C MET V 210 60.57 -16.26 5.37
N LEU V 211 61.62 -15.40 5.41
CA LEU V 211 62.69 -15.24 4.41
C LEU V 211 62.16 -14.95 2.98
#